data_8DFB
#
_entry.id   8DFB
#
_cell.length_a   121.560
_cell.length_b   121.560
_cell.length_c   497.191
_cell.angle_alpha   90.00
_cell.angle_beta   90.00
_cell.angle_gamma   90.00
#
_symmetry.space_group_name_H-M   'P 43 21 2'
#
loop_
_entity.id
_entity.type
_entity.pdbx_description
1 polymer 'Topoisomerase V'
2 polymer 'DNA (40-MER)'
3 polymer 'DNA (40-MER)'
4 non-polymer 'POTASSIUM ION'
#
loop_
_entity_poly.entity_id
_entity_poly.type
_entity_poly.pdbx_seq_one_letter_code
_entity_poly.pdbx_strand_id
1 'polypeptide(L)'
;MALVYDAEFVGSEREFEEERETFLKGVKAYDGVLATRYLMERSSSAKNDEELLELHQNFILLTGSYACSIDPTEDRYQNV
IVRGVNFDERVQRLSTGGSPARYAIVYRRGWRAIAKALDIDEEDVPAIEVRAVKRNPLQPALYRILVRYGRVDLMPVTVD
EVPPEMAGEFERLIERYDVPIDEKEERILEILRENPWTPHDEIARRLGLSVSEVEGEKDPESSGIYSLWSRVVVNIEYDE
RTAKRHVKRRDRLLEELYEHLEELSERYLRHPLTRRWIVEHKRDIMRRYLEQRIVECALKLQDRYGIREDVALCLARAFD
GSISMIATTPYRTLKDVCPDLTLEEAKSVNRTLATLIDEHGLSPDAADELIEHFESIAGILATDLEEIERMYEEGRLSEE
AYRAAVEIQLAELTKKEGVGRKTAERLLRAFGNPERVKQLAREFEIEKLASVEGVGERVLRSLVPGYASLISIRGIDRER
AERLLKKYGGYSKVREAGVEELREDGLTDAQIRELKGLKTLESIVGDLEKADELKRKYGSASAVRRLPVEELRELGFSDD
EIAEIKGIPKKLREAFDLETAAELYERYGSLKEIGRRLSYDDLLELGATPKAAAEIKGPEFKFLLNIEGVGPKLAERILE
AVDYDLERLASLNPEELAEKVEGLGEELAERVVYAARERVESRRKSGRQERSEEEWKEWLERKVGEGRARRLIEYFGSAG
EVGKLVENAEVSKLLEVPGIGDEAVARLVPGYKTLRDAGLTPAEAERVLKRYGSVSKVQEGATPDELRELGLGDAKIARI
LGLRSLVNARLDVDTAYELARRYGSVSAVRAAPVAELRELGLSDRAIARIAGIP
;
A,B
2 'polydeoxyribonucleotide'
;(DG)(DC)(DC)(DT)(DG)(DC)(DA)(DC)(DG)(DA)(DA)(DG)(DT)(DA)(DA)(DG)(DC)(DA)(DT)(DT)
(DG)(DC)(DT)(DT)(DA)(DC)(DT)(DT)(DC)(DG)(DT)(DG)(DC)(DA)(DG)(DG)(DC)(DA)(DC)(DA)
;
U
3 'polydeoxyribonucleotide'
;(DG)(DC)(DC)(DT)(DG)(DC)(DA)(DC)(DG)(DA)(DA)(DG)(DT)(DA)(DA)(DG)(DC)(DA)(DA)(DT)
(DG)(DC)(DT)(DT)(DA)(DC)(DT)(DT)(DC)(DG)(DT)(DG)(DC)(DA)(DG)(DG)(DC)(DA)(DC)(DA)
;
V
#
# COMPACT_ATOMS: atom_id res chain seq x y z
N LEU A 3 12.07 44.40 -6.64
CA LEU A 3 12.92 43.52 -7.43
C LEU A 3 13.97 42.85 -6.54
N VAL A 4 15.19 43.40 -6.55
CA VAL A 4 16.32 42.81 -5.87
C VAL A 4 16.47 43.44 -4.49
N TYR A 5 16.48 42.60 -3.45
CA TYR A 5 16.83 43.00 -2.10
C TYR A 5 18.15 42.33 -1.75
N ASP A 6 19.19 43.14 -1.51
CA ASP A 6 20.50 42.57 -1.26
C ASP A 6 21.33 43.55 -0.43
N ALA A 7 22.25 42.99 0.36
CA ALA A 7 23.17 43.76 1.18
C ALA A 7 24.31 42.86 1.59
N GLU A 8 25.52 43.42 1.59
CA GLU A 8 26.73 42.68 1.93
C GLU A 8 27.33 43.28 3.21
N PHE A 9 27.63 42.41 4.17
CA PHE A 9 28.23 42.83 5.43
C PHE A 9 29.75 42.87 5.30
N VAL A 10 30.34 44.03 5.58
CA VAL A 10 31.79 44.20 5.54
C VAL A 10 32.28 44.67 6.91
N GLY A 11 32.48 43.72 7.81
CA GLY A 11 32.91 44.05 9.15
C GLY A 11 33.52 42.85 9.85
N SER A 12 33.89 43.06 11.10
CA SER A 12 34.50 42.02 11.92
C SER A 12 33.44 41.06 12.44
N GLU A 13 33.92 39.95 13.01
CA GLU A 13 33.01 38.98 13.63
C GLU A 13 32.24 39.61 14.79
N ARG A 14 32.91 40.45 15.56
CA ARG A 14 32.25 41.13 16.68
C ARG A 14 31.11 42.01 16.20
N GLU A 15 31.39 42.83 15.18
CA GLU A 15 30.33 43.67 14.61
C GLU A 15 29.21 42.83 14.02
N PHE A 16 29.55 41.67 13.44
CA PHE A 16 28.53 40.78 12.89
C PHE A 16 27.59 40.30 13.98
N GLU A 17 28.14 39.85 15.11
CA GLU A 17 27.30 39.40 16.22
C GLU A 17 26.49 40.56 16.81
N GLU A 18 27.10 41.74 16.92
CA GLU A 18 26.37 42.91 17.40
C GLU A 18 25.15 43.19 16.52
N GLU A 19 25.35 43.22 15.21
CA GLU A 19 24.25 43.52 14.30
C GLU A 19 23.19 42.43 14.33
N ARG A 20 23.60 41.16 14.44
CA ARG A 20 22.63 40.07 14.54
C ARG A 20 21.78 40.23 15.79
N GLU A 21 22.41 40.52 16.93
CA GLU A 21 21.66 40.70 18.18
C GLU A 21 20.70 41.88 18.08
N THR A 22 21.19 43.01 17.55
CA THR A 22 20.35 44.18 17.41
C THR A 22 19.14 43.90 16.53
N PHE A 23 19.37 43.22 15.39
CA PHE A 23 18.28 42.96 14.47
C PHE A 23 17.29 41.98 15.06
N LEU A 24 17.75 40.97 15.79
CA LEU A 24 16.83 40.02 16.41
C LEU A 24 16.00 40.69 17.49
N LYS A 25 16.61 41.61 18.25
CA LYS A 25 15.84 42.34 19.26
C LYS A 25 14.80 43.24 18.60
N GLY A 26 15.16 43.90 17.50
CA GLY A 26 14.19 44.69 16.75
C GLY A 26 13.06 43.84 16.20
N VAL A 27 13.39 42.62 15.76
CA VAL A 27 12.37 41.70 15.27
C VAL A 27 11.42 41.31 16.38
N LYS A 28 11.95 41.05 17.58
CA LYS A 28 11.07 40.76 18.72
C LYS A 28 10.18 41.94 19.05
N ALA A 29 10.72 43.16 18.94
CA ALA A 29 9.92 44.36 19.19
C ALA A 29 8.79 44.48 18.18
N TYR A 30 9.09 44.28 16.89
CA TYR A 30 8.04 44.37 15.88
C TYR A 30 7.04 43.23 16.00
N ASP A 31 7.49 42.05 16.46
CA ASP A 31 6.55 40.98 16.76
C ASP A 31 5.61 41.36 17.88
N GLY A 32 6.13 42.07 18.89
CA GLY A 32 5.26 42.61 19.92
C GLY A 32 4.26 43.61 19.36
N VAL A 33 4.71 44.45 18.42
CA VAL A 33 3.79 45.38 17.75
C VAL A 33 2.65 44.63 17.09
N LEU A 34 2.99 43.62 16.29
CA LEU A 34 1.97 42.87 15.55
C LEU A 34 1.06 42.10 16.51
N ALA A 35 1.61 41.56 17.60
CA ALA A 35 0.78 40.83 18.56
C ALA A 35 -0.18 41.76 19.29
N THR A 36 0.28 42.97 19.62
CA THR A 36 -0.62 43.94 20.24
C THR A 36 -1.73 44.35 19.28
N ARG A 37 -1.39 44.51 17.99
CA ARG A 37 -2.43 44.80 17.01
C ARG A 37 -3.42 43.65 16.89
N TYR A 38 -2.91 42.42 16.93
CA TYR A 38 -3.79 41.25 16.88
C TYR A 38 -4.71 41.20 18.10
N LEU A 39 -4.19 41.57 19.27
CA LEU A 39 -5.04 41.62 20.46
C LEU A 39 -6.09 42.71 20.34
N MET A 40 -5.70 43.88 19.80
CA MET A 40 -6.65 44.97 19.62
C MET A 40 -7.78 44.56 18.68
N GLU A 41 -7.46 43.84 17.62
CA GLU A 41 -8.46 43.46 16.62
C GLU A 41 -9.23 42.20 17.00
N ARG A 42 -8.66 41.35 17.85
CA ARG A 42 -9.25 40.04 18.12
C ARG A 42 -10.46 40.15 19.06
N SER A 43 -10.39 41.03 20.04
CA SER A 43 -11.47 41.21 21.01
C SER A 43 -11.74 42.68 21.19
N SER A 44 -13.01 43.07 21.03
CA SER A 44 -13.38 44.48 21.23
C SER A 44 -13.15 44.91 22.67
N SER A 45 -13.29 43.98 23.63
CA SER A 45 -13.00 44.30 25.02
C SER A 45 -11.54 44.69 25.19
N ALA A 46 -10.63 43.99 24.51
CA ALA A 46 -9.22 44.38 24.55
C ALA A 46 -8.97 45.68 23.80
N LYS A 47 -9.71 45.91 22.72
CA LYS A 47 -9.58 47.17 21.98
C LYS A 47 -9.99 48.37 22.82
N ASN A 48 -10.99 48.19 23.70
CA ASN A 48 -11.38 49.27 24.59
C ASN A 48 -10.29 49.61 25.60
N ASP A 49 -9.43 48.64 25.92
CA ASP A 49 -8.42 48.84 26.94
C ASP A 49 -7.37 49.84 26.49
N GLU A 50 -7.11 50.85 27.33
CA GLU A 50 -6.08 51.83 27.02
C GLU A 50 -4.70 51.31 27.35
N GLU A 51 -4.59 50.41 28.32
CA GLU A 51 -3.29 49.81 28.63
C GLU A 51 -2.74 49.04 27.44
N LEU A 52 -3.62 48.38 26.68
CA LEU A 52 -3.18 47.68 25.48
C LEU A 52 -2.64 48.65 24.42
N LEU A 53 -3.29 49.81 24.28
CA LEU A 53 -2.81 50.82 23.34
C LEU A 53 -1.46 51.38 23.80
N GLU A 54 -1.30 51.60 25.10
CA GLU A 54 0.00 52.05 25.61
C GLU A 54 1.08 51.00 25.37
N LEU A 55 0.72 49.71 25.51
CA LEU A 55 1.67 48.64 25.22
C LEU A 55 2.05 48.63 23.73
N HIS A 56 1.08 48.84 22.86
CA HIS A 56 1.36 48.93 21.43
C HIS A 56 2.32 50.07 21.12
N GLN A 57 2.07 51.25 21.70
CA GLN A 57 2.93 52.39 21.45
C GLN A 57 4.32 52.18 22.03
N ASN A 58 4.41 51.51 23.19
CA ASN A 58 5.71 51.19 23.77
C ASN A 58 6.48 50.23 22.87
N PHE A 59 5.78 49.25 22.28
CA PHE A 59 6.44 48.35 21.33
C PHE A 59 6.94 49.12 20.11
N ILE A 60 6.16 50.09 19.64
CA ILE A 60 6.61 50.91 18.51
C ILE A 60 7.86 51.69 18.88
N LEU A 61 7.87 52.28 20.08
CA LEU A 61 9.05 53.03 20.53
C LEU A 61 10.27 52.14 20.64
N LEU A 62 10.10 50.92 21.16
CA LEU A 62 11.25 50.03 21.30
C LEU A 62 11.73 49.54 19.95
N THR A 63 10.82 49.31 19.01
CA THR A 63 11.23 48.97 17.65
C THR A 63 12.07 50.09 17.04
N GLY A 64 11.62 51.33 17.20
CA GLY A 64 12.41 52.45 16.71
C GLY A 64 13.77 52.55 17.39
N SER A 65 13.80 52.37 18.70
CA SER A 65 15.06 52.44 19.44
C SER A 65 16.05 51.39 18.96
N TYR A 66 15.58 50.15 18.74
CA TYR A 66 16.47 49.12 18.23
C TYR A 66 16.87 49.38 16.78
N ALA A 67 15.98 49.98 15.99
CA ALA A 67 16.33 50.32 14.62
C ALA A 67 17.42 51.39 14.56
N CYS A 68 17.42 52.30 15.54
CA CYS A 68 18.45 53.34 15.57
C CYS A 68 19.84 52.76 15.80
N SER A 69 19.95 51.59 16.42
CA SER A 69 21.22 50.99 16.78
C SER A 69 21.85 50.18 15.64
N ILE A 70 21.20 50.11 14.49
CA ILE A 70 21.72 49.32 13.37
C ILE A 70 22.75 50.14 12.61
N ASP A 71 23.89 49.52 12.31
CA ASP A 71 25.03 50.15 11.63
C ASP A 71 25.46 51.42 12.35
N PRO A 72 26.02 51.31 13.58
CA PRO A 72 26.43 52.51 14.30
C PRO A 72 27.72 53.13 13.76
N THR A 73 28.64 52.29 13.29
CA THR A 73 29.93 52.76 12.81
C THR A 73 29.89 53.27 11.37
N GLU A 74 28.74 53.23 10.73
CA GLU A 74 28.52 53.80 9.39
C GLU A 74 29.36 53.12 8.31
N ASP A 75 29.87 51.92 8.57
CA ASP A 75 30.68 51.22 7.59
C ASP A 75 30.39 49.72 7.50
N ARG A 76 29.47 49.18 8.30
CA ARG A 76 29.26 47.74 8.35
C ARG A 76 28.56 47.20 7.13
N TYR A 77 27.88 48.05 6.35
CA TYR A 77 27.09 47.59 5.22
C TYR A 77 27.49 48.35 3.96
N GLN A 78 27.43 47.66 2.82
CA GLN A 78 27.66 48.27 1.52
C GLN A 78 26.85 47.52 0.48
N ASN A 79 26.67 48.17 -0.68
CA ASN A 79 25.91 47.60 -1.79
C ASN A 79 24.48 47.25 -1.35
N VAL A 80 23.86 48.14 -0.60
CA VAL A 80 22.50 47.93 -0.11
C VAL A 80 21.53 48.21 -1.25
N ILE A 81 20.71 47.22 -1.59
CA ILE A 81 19.78 47.31 -2.71
C ILE A 81 18.37 47.00 -2.20
N VAL A 82 17.42 47.88 -2.51
CA VAL A 82 16.02 47.72 -2.11
C VAL A 82 15.16 47.94 -3.35
N ARG A 83 14.57 46.85 -3.85
CA ARG A 83 13.75 46.89 -5.06
C ARG A 83 14.53 47.43 -6.25
N GLY A 84 15.70 46.85 -6.49
CA GLY A 84 16.55 47.26 -7.59
C GLY A 84 17.28 48.57 -7.36
N VAL A 85 16.73 49.42 -6.50
CA VAL A 85 17.35 50.72 -6.22
C VAL A 85 18.58 50.51 -5.35
N ASN A 86 19.74 50.92 -5.86
CA ASN A 86 20.99 50.82 -5.11
C ASN A 86 21.05 51.98 -4.13
N PHE A 87 20.80 51.69 -2.86
CA PHE A 87 20.75 52.73 -1.83
C PHE A 87 22.13 53.22 -1.42
N ASP A 88 23.20 52.50 -1.78
CA ASP A 88 24.55 52.99 -1.52
C ASP A 88 24.80 54.30 -2.26
N GLU A 89 24.60 54.29 -3.58
CA GLU A 89 24.76 55.51 -4.36
C GLU A 89 23.73 56.57 -3.99
N ARG A 90 22.56 56.14 -3.52
CA ARG A 90 21.53 57.10 -3.12
C ARG A 90 21.93 57.84 -1.85
N VAL A 91 22.60 57.16 -0.92
CA VAL A 91 23.11 57.82 0.27
C VAL A 91 24.34 58.66 -0.07
N GLN A 92 25.19 58.17 -0.97
CA GLN A 92 26.39 58.92 -1.35
C GLN A 92 26.04 60.26 -1.98
N ARG A 93 24.92 60.35 -2.70
CA ARG A 93 24.52 61.59 -3.34
C ARG A 93 23.90 62.59 -2.37
N LEU A 94 23.71 62.22 -1.12
CA LEU A 94 23.14 63.13 -0.13
C LEU A 94 24.25 63.92 0.56
N SER A 95 23.89 65.11 1.05
CA SER A 95 24.87 66.01 1.64
C SER A 95 25.39 65.47 2.97
N THR A 96 24.49 64.99 3.83
CA THR A 96 24.87 64.50 5.15
C THR A 96 25.27 63.03 5.15
N GLY A 97 25.36 62.40 3.98
CA GLY A 97 25.73 61.00 3.87
C GLY A 97 24.88 60.09 4.73
N GLY A 98 25.51 59.40 5.67
CA GLY A 98 24.81 58.53 6.60
C GLY A 98 25.00 57.06 6.26
N SER A 99 24.18 56.23 6.90
CA SER A 99 24.23 54.79 6.75
C SER A 99 23.23 54.33 5.71
N PRO A 100 23.66 53.52 4.73
CA PRO A 100 22.68 52.97 3.78
C PRO A 100 21.74 51.97 4.42
N ALA A 101 22.20 51.26 5.47
CA ALA A 101 21.35 50.29 6.12
C ALA A 101 20.13 50.95 6.77
N ARG A 102 20.37 51.96 7.60
CA ARG A 102 19.25 52.65 8.25
C ARG A 102 18.37 53.36 7.24
N TYR A 103 18.98 53.96 6.21
CA TYR A 103 18.21 54.62 5.16
C TYR A 103 17.40 53.63 4.34
N ALA A 104 17.76 52.34 4.38
CA ALA A 104 16.97 51.31 3.72
C ALA A 104 15.88 50.75 4.61
N ILE A 105 16.13 50.64 5.92
CA ILE A 105 15.15 50.06 6.83
C ILE A 105 13.91 50.94 6.92
N VAL A 106 14.06 52.26 6.80
CA VAL A 106 12.93 53.16 6.88
C VAL A 106 11.94 52.99 5.74
N TYR A 107 12.34 52.29 4.68
CA TYR A 107 11.45 52.01 3.55
C TYR A 107 10.68 50.71 3.81
N ARG A 108 9.62 50.51 3.01
CA ARG A 108 8.84 49.29 3.11
C ARG A 108 9.73 48.09 2.83
N ARG A 109 9.74 47.13 3.76
CA ARG A 109 10.43 45.86 3.58
C ARG A 109 11.93 46.06 3.34
N GLY A 110 12.48 47.17 3.83
CA GLY A 110 13.91 47.38 3.70
C GLY A 110 14.73 46.37 4.47
N TRP A 111 14.17 45.85 5.57
CA TRP A 111 14.86 44.85 6.37
C TRP A 111 15.29 43.65 5.53
N ARG A 112 14.51 43.31 4.51
CA ARG A 112 14.85 42.19 3.64
C ARG A 112 16.27 42.29 3.11
N ALA A 113 16.77 43.51 2.89
CA ALA A 113 18.16 43.67 2.51
C ALA A 113 19.08 43.32 3.66
N ILE A 114 18.89 43.97 4.81
CA ILE A 114 19.80 43.78 5.94
C ILE A 114 19.72 42.35 6.45
N ALA A 115 18.52 41.77 6.45
CA ALA A 115 18.37 40.38 6.88
C ALA A 115 19.17 39.43 6.01
N LYS A 116 19.38 39.78 4.74
CA LYS A 116 20.22 38.95 3.88
C LYS A 116 21.69 39.16 4.17
N ALA A 117 22.08 40.34 4.66
CA ALA A 117 23.47 40.60 4.98
C ALA A 117 23.90 39.91 6.27
N LEU A 118 22.98 39.77 7.23
CA LEU A 118 23.28 39.17 8.52
C LEU A 118 22.94 37.69 8.59
N ASP A 119 22.48 37.10 7.49
CA ASP A 119 22.17 35.67 7.42
C ASP A 119 21.17 35.25 8.50
N ILE A 120 20.17 36.10 8.72
CA ILE A 120 19.11 35.78 9.67
C ILE A 120 18.13 34.82 9.02
N ASP A 121 17.70 33.81 9.77
CA ASP A 121 16.80 32.80 9.26
C ASP A 121 15.50 33.41 8.75
N GLU A 122 15.34 33.47 7.43
CA GLU A 122 14.17 34.07 6.81
C GLU A 122 12.90 33.26 7.04
N GLU A 123 13.00 32.06 7.64
CA GLU A 123 11.81 31.28 7.92
C GLU A 123 10.91 31.98 8.93
N ASP A 124 11.50 32.61 9.94
CA ASP A 124 10.76 33.26 11.01
C ASP A 124 10.32 34.68 10.65
N VAL A 125 10.53 35.11 9.41
CA VAL A 125 10.12 36.43 8.93
C VAL A 125 10.73 37.51 9.81
N PRO A 126 12.01 37.86 9.62
CA PRO A 126 12.66 38.88 10.46
C PRO A 126 12.23 40.29 10.10
N ALA A 127 10.94 40.59 10.27
CA ALA A 127 10.36 41.85 9.82
C ALA A 127 10.65 42.97 10.82
N ILE A 128 11.15 44.09 10.31
CA ILE A 128 11.37 45.31 11.10
C ILE A 128 10.84 46.48 10.28
N GLU A 129 9.76 47.09 10.75
CA GLU A 129 9.15 48.23 10.08
C GLU A 129 8.97 49.36 11.06
N VAL A 130 9.26 50.59 10.61
CA VAL A 130 9.18 51.77 11.45
C VAL A 130 8.34 52.82 10.77
N ARG A 131 7.30 52.39 10.05
CA ARG A 131 6.44 53.28 9.27
C ARG A 131 5.06 53.43 9.91
N ALA A 132 5.01 53.61 11.22
CA ALA A 132 3.76 53.79 11.93
C ALA A 132 3.30 55.24 11.85
N VAL A 133 2.01 55.43 11.55
CA VAL A 133 1.45 56.77 11.44
C VAL A 133 0.40 56.98 12.53
N LYS A 134 -0.78 56.40 12.35
CA LYS A 134 -1.80 56.45 13.40
C LYS A 134 -1.33 55.63 14.59
N ARG A 135 -1.66 56.11 15.79
CA ARG A 135 -1.24 55.48 17.05
C ARG A 135 0.28 55.49 17.20
N ASN A 136 0.95 56.46 16.58
CA ASN A 136 2.38 56.61 16.80
C ASN A 136 2.61 57.61 17.92
N PRO A 137 3.40 57.27 18.95
CA PRO A 137 3.58 58.19 20.07
C PRO A 137 4.35 59.44 19.71
N LEU A 138 5.21 59.38 18.69
CA LEU A 138 5.97 60.54 18.24
C LEU A 138 5.31 61.11 16.99
N GLN A 139 5.97 62.07 16.36
CA GLN A 139 5.54 62.54 15.06
C GLN A 139 6.06 61.58 13.99
N PRO A 140 5.21 61.09 13.09
CA PRO A 140 5.65 60.05 12.15
C PRO A 140 6.90 60.40 11.35
N ALA A 141 6.92 61.57 10.70
CA ALA A 141 8.10 61.96 9.94
C ALA A 141 9.31 62.15 10.85
N LEU A 142 9.10 62.76 12.02
CA LEU A 142 10.19 62.89 12.99
C LEU A 142 10.68 61.52 13.44
N TYR A 143 9.75 60.58 13.66
CA TYR A 143 10.12 59.22 14.03
C TYR A 143 11.01 58.59 12.96
N ARG A 144 10.60 58.68 11.70
CA ARG A 144 11.37 58.06 10.62
C ARG A 144 12.73 58.74 10.44
N ILE A 145 12.80 60.06 10.64
CA ILE A 145 14.08 60.75 10.50
C ILE A 145 15.02 60.37 11.63
N LEU A 146 14.50 60.30 12.86
CA LEU A 146 15.30 59.83 13.99
C LEU A 146 15.83 58.42 13.72
N VAL A 147 15.00 57.56 13.11
CA VAL A 147 15.45 56.22 12.78
C VAL A 147 16.56 56.26 11.73
N ARG A 148 16.38 57.06 10.68
CA ARG A 148 17.35 57.07 9.59
C ARG A 148 18.69 57.68 10.02
N TYR A 149 18.68 58.58 11.00
CA TYR A 149 19.92 59.18 11.47
C TYR A 149 20.53 58.45 12.66
N GLY A 150 19.92 57.35 13.10
CA GLY A 150 20.46 56.56 14.18
C GLY A 150 20.60 57.32 15.49
N ARG A 151 19.53 58.02 15.88
CA ARG A 151 19.52 58.81 17.11
C ARG A 151 18.88 57.99 18.22
N VAL A 152 19.68 57.07 18.77
CA VAL A 152 19.20 56.25 19.88
C VAL A 152 18.97 57.08 21.13
N ASP A 153 19.61 58.25 21.23
CA ASP A 153 19.44 59.10 22.40
C ASP A 153 18.10 59.81 22.40
N LEU A 154 17.64 60.25 21.22
CA LEU A 154 16.38 60.99 21.13
C LEU A 154 15.17 60.09 21.07
N MET A 155 15.33 58.83 20.69
CA MET A 155 14.20 57.91 20.60
C MET A 155 13.77 57.50 22.00
N PRO A 156 12.54 57.83 22.42
CA PRO A 156 12.10 57.44 23.76
C PRO A 156 11.87 55.95 23.87
N VAL A 157 12.06 55.43 25.08
CA VAL A 157 11.88 54.01 25.37
C VAL A 157 10.62 53.75 26.18
N THR A 158 9.82 54.77 26.46
CA THR A 158 8.58 54.63 27.20
C THR A 158 7.64 55.73 26.77
N VAL A 159 6.34 55.39 26.66
CA VAL A 159 5.35 56.37 26.22
C VAL A 159 5.30 57.57 27.16
N ASP A 160 5.59 57.36 28.45
CA ASP A 160 5.60 58.47 29.39
C ASP A 160 6.81 59.38 29.16
N GLU A 161 7.90 58.84 28.61
CA GLU A 161 9.10 59.60 28.33
C GLU A 161 9.06 60.31 26.99
N VAL A 162 7.89 60.45 26.39
CA VAL A 162 7.72 61.13 25.10
C VAL A 162 7.58 62.63 25.38
N PRO A 163 8.50 63.46 24.90
CA PRO A 163 8.36 64.91 25.08
C PRO A 163 7.27 65.46 24.18
N PRO A 164 6.43 66.37 24.68
CA PRO A 164 5.40 66.96 23.81
C PRO A 164 5.98 67.70 22.61
N GLU A 165 7.22 68.18 22.70
CA GLU A 165 7.86 68.82 21.56
C GLU A 165 8.24 67.82 20.47
N MET A 166 8.03 66.52 20.70
CA MET A 166 8.27 65.50 19.70
C MET A 166 6.98 64.86 19.19
N ALA A 167 5.82 65.28 19.71
CA ALA A 167 4.56 64.66 19.32
C ALA A 167 3.52 65.70 18.93
N GLY A 168 2.67 66.11 19.87
CA GLY A 168 1.61 67.05 19.56
C GLY A 168 2.12 68.46 19.37
N GLU A 169 3.06 68.89 20.20
CA GLU A 169 3.65 70.23 20.12
C GLU A 169 4.99 70.19 19.41
N PHE A 170 5.04 69.54 18.26
CA PHE A 170 6.30 69.34 17.54
C PHE A 170 6.92 70.66 17.09
N GLU A 171 6.08 71.66 16.81
CA GLU A 171 6.59 72.95 16.34
C GLU A 171 7.56 73.56 17.34
N ARG A 172 7.34 73.33 18.64
CA ARG A 172 8.25 73.85 19.66
C ARG A 172 9.68 73.38 19.43
N LEU A 173 9.86 72.17 18.90
CA LEU A 173 11.20 71.68 18.63
C LEU A 173 11.79 72.30 17.37
N ILE A 174 10.95 72.70 16.42
CA ILE A 174 11.44 73.31 15.19
C ILE A 174 11.98 74.70 15.47
N GLU A 175 11.14 75.56 16.05
CA GLU A 175 11.54 76.94 16.35
C GLU A 175 12.73 77.01 17.28
N ARG A 176 12.98 75.96 18.07
CA ARG A 176 14.14 75.92 18.95
C ARG A 176 15.46 75.94 18.19
N TYR A 177 15.47 75.55 16.91
CA TYR A 177 16.70 75.44 16.16
C TYR A 177 16.70 76.29 14.88
N ASP A 178 15.81 77.27 14.79
CA ASP A 178 15.73 78.17 13.65
C ASP A 178 15.55 77.40 12.34
N VAL A 179 16.57 77.44 11.48
CA VAL A 179 16.61 76.71 10.20
C VAL A 179 15.60 77.30 9.22
N PRO A 180 16.00 77.59 7.98
CA PRO A 180 15.06 78.16 7.01
C PRO A 180 13.97 77.18 6.61
N ILE A 181 12.77 77.72 6.39
CA ILE A 181 11.62 76.95 5.96
C ILE A 181 11.05 77.60 4.70
N ASP A 182 10.91 76.83 3.63
CA ASP A 182 10.40 77.36 2.38
C ASP A 182 8.88 77.35 2.38
N GLU A 183 8.27 77.69 1.24
CA GLU A 183 6.82 77.87 1.19
C GLU A 183 6.07 76.54 1.20
N LYS A 184 6.57 75.53 0.47
CA LYS A 184 5.92 74.23 0.48
C LYS A 184 5.95 73.61 1.87
N GLU A 185 7.09 73.74 2.56
CA GLU A 185 7.20 73.18 3.91
C GLU A 185 6.27 73.92 4.88
N GLU A 186 6.11 75.22 4.70
CA GLU A 186 5.15 75.96 5.54
C GLU A 186 3.72 75.54 5.24
N ARG A 187 3.41 75.27 3.97
CA ARG A 187 2.08 74.78 3.61
C ARG A 187 1.81 73.41 4.20
N ILE A 188 2.84 72.57 4.32
CA ILE A 188 2.68 71.28 4.97
C ILE A 188 2.56 71.45 6.48
N LEU A 189 3.31 72.39 7.05
CA LEU A 189 3.30 72.59 8.50
C LEU A 189 1.96 73.16 8.97
N GLU A 190 1.34 74.03 8.16
CA GLU A 190 0.05 74.59 8.58
C GLU A 190 -1.06 73.56 8.51
N ILE A 191 -0.87 72.47 7.78
CA ILE A 191 -1.80 71.34 7.81
C ILE A 191 -1.47 70.41 8.96
N LEU A 192 -0.17 70.21 9.24
CA LEU A 192 0.24 69.36 10.36
C LEU A 192 -0.10 69.98 11.71
N ARG A 193 -0.24 71.31 11.77
CA ARG A 193 -0.65 71.96 13.02
C ARG A 193 -2.05 71.54 13.42
N GLU A 194 -2.91 71.22 12.44
CA GLU A 194 -4.22 70.68 12.76
C GLU A 194 -4.10 69.30 13.40
N ASN A 195 -3.33 68.41 12.76
CA ASN A 195 -3.13 67.06 13.27
C ASN A 195 -1.75 66.56 12.83
N PRO A 196 -0.80 66.41 13.76
CA PRO A 196 0.55 65.98 13.38
C PRO A 196 0.60 64.57 12.82
N TRP A 197 -0.41 63.74 13.05
CA TRP A 197 -0.45 62.37 12.58
C TRP A 197 -1.24 62.23 11.28
N THR A 198 -1.34 63.31 10.51
CA THR A 198 -2.06 63.24 9.24
C THR A 198 -1.27 62.40 8.25
N PRO A 199 -1.91 61.43 7.58
CA PRO A 199 -1.18 60.62 6.59
C PRO A 199 -0.63 61.49 5.47
N HIS A 200 0.55 61.09 4.97
CA HIS A 200 1.18 61.86 3.91
C HIS A 200 0.36 61.85 2.63
N ASP A 201 -0.44 60.79 2.41
CA ASP A 201 -1.38 60.80 1.30
C ASP A 201 -2.40 61.91 1.45
N GLU A 202 -2.90 62.10 2.67
CA GLU A 202 -3.86 63.18 2.91
C GLU A 202 -3.20 64.54 2.77
N ILE A 203 -1.94 64.67 3.22
CA ILE A 203 -1.23 65.94 3.09
C ILE A 203 -0.99 66.26 1.63
N ALA A 204 -0.74 65.24 0.80
CA ALA A 204 -0.54 65.47 -0.63
C ALA A 204 -1.86 65.77 -1.34
N ARG A 205 -2.95 65.16 -0.90
CA ARG A 205 -4.23 65.40 -1.56
C ARG A 205 -4.82 66.76 -1.18
N ARG A 206 -4.75 67.13 0.09
CA ARG A 206 -5.25 68.42 0.57
C ARG A 206 -4.21 69.51 0.40
N LEU A 207 -3.60 69.56 -0.79
CA LEU A 207 -2.57 70.54 -1.11
C LEU A 207 -2.31 70.54 -2.61
N GLY A 208 -2.69 69.46 -3.29
CA GLY A 208 -2.51 69.36 -4.72
C GLY A 208 -1.14 68.87 -5.17
N LEU A 209 -0.33 68.33 -4.26
CA LEU A 209 1.01 67.87 -4.57
C LEU A 209 1.04 66.34 -4.61
N SER A 210 2.18 65.82 -5.08
CA SER A 210 2.43 64.39 -5.02
C SER A 210 3.00 64.00 -3.66
N VAL A 211 2.92 62.71 -3.36
CA VAL A 211 3.43 62.21 -2.07
C VAL A 211 4.94 62.43 -1.98
N SER A 212 5.65 62.22 -3.09
CA SER A 212 7.09 62.46 -3.09
C SER A 212 7.42 63.93 -2.92
N GLU A 213 6.55 64.82 -3.41
CA GLU A 213 6.78 66.25 -3.24
C GLU A 213 6.55 66.67 -1.79
N VAL A 214 5.55 66.09 -1.13
CA VAL A 214 5.28 66.42 0.26
C VAL A 214 6.38 65.86 1.17
N GLU A 215 6.80 64.62 0.91
CA GLU A 215 7.83 64.01 1.75
C GLU A 215 9.19 64.65 1.48
N GLY A 216 9.68 64.56 0.26
CA GLY A 216 11.00 65.05 -0.07
C GLY A 216 12.08 64.09 0.37
N GLU A 217 13.32 64.43 0.00
CA GLU A 217 14.46 63.58 0.33
C GLU A 217 14.82 63.74 1.80
N LYS A 218 15.25 62.64 2.42
CA LYS A 218 15.62 62.63 3.82
C LYS A 218 17.04 63.19 3.96
N ASP A 219 17.16 64.47 3.63
CA ASP A 219 18.44 65.17 3.62
C ASP A 219 18.16 66.65 3.71
N PRO A 220 19.01 67.43 4.38
CA PRO A 220 18.79 68.89 4.46
C PRO A 220 18.62 69.57 3.12
N GLU A 221 19.38 69.17 2.10
CA GLU A 221 19.31 69.82 0.79
C GLU A 221 18.15 69.21 -0.02
N SER A 222 16.94 69.49 0.44
CA SER A 222 15.73 69.05 -0.23
C SER A 222 14.57 69.92 0.23
N SER A 223 13.37 69.59 -0.25
CA SER A 223 12.16 70.32 0.08
C SER A 223 11.08 69.32 0.48
N GLY A 224 10.66 69.38 1.73
CA GLY A 224 9.65 68.47 2.23
C GLY A 224 9.75 68.33 3.72
N ILE A 225 8.79 67.59 4.27
CA ILE A 225 8.76 67.37 5.72
C ILE A 225 9.97 66.54 6.16
N TYR A 226 10.38 65.57 5.33
CA TYR A 226 11.60 64.82 5.62
C TYR A 226 12.81 65.73 5.66
N SER A 227 12.93 66.64 4.69
CA SER A 227 14.05 67.56 4.66
C SER A 227 14.01 68.52 5.84
N LEU A 228 12.81 68.99 6.22
CA LEU A 228 12.69 69.88 7.37
C LEU A 228 13.15 69.19 8.65
N TRP A 229 12.64 67.98 8.89
CA TRP A 229 13.05 67.27 10.10
C TRP A 229 14.53 66.88 10.04
N SER A 230 15.08 66.65 8.85
CA SER A 230 16.51 66.39 8.74
C SER A 230 17.32 67.61 9.15
N ARG A 231 16.93 68.79 8.64
CA ARG A 231 17.62 70.02 9.04
C ARG A 231 17.49 70.29 10.52
N VAL A 232 16.35 69.91 11.12
CA VAL A 232 16.18 70.13 12.56
C VAL A 232 17.06 69.16 13.36
N VAL A 233 17.10 67.89 12.95
CA VAL A 233 17.79 66.87 13.74
C VAL A 233 19.31 67.01 13.60
N VAL A 234 19.79 67.37 12.42
CA VAL A 234 21.23 67.48 12.20
C VAL A 234 21.85 68.52 13.15
N ASN A 235 21.11 69.57 13.48
CA ASN A 235 21.61 70.62 14.35
C ASN A 235 21.44 70.30 15.83
N ILE A 236 21.30 69.03 16.20
CA ILE A 236 21.17 68.61 17.60
C ILE A 236 22.36 67.73 17.93
N GLU A 237 23.00 68.00 19.08
CA GLU A 237 24.16 67.24 19.50
C GLU A 237 23.73 65.86 19.99
N TYR A 238 24.64 64.89 19.81
CA TYR A 238 24.36 63.51 20.19
C TYR A 238 24.61 63.35 21.69
N ASP A 239 23.55 63.05 22.44
CA ASP A 239 23.65 62.87 23.88
C ASP A 239 24.12 61.45 24.18
N GLU A 240 25.34 61.31 24.69
CA GLU A 240 25.89 59.99 24.95
C GLU A 240 25.26 59.36 26.18
N ARG A 241 24.98 60.17 27.21
CA ARG A 241 24.42 59.65 28.45
C ARG A 241 23.07 58.96 28.21
N THR A 242 22.13 59.69 27.60
CA THR A 242 20.82 59.12 27.34
C THR A 242 20.88 57.94 26.38
N ALA A 243 21.83 57.97 25.43
CA ALA A 243 22.01 56.83 24.54
C ALA A 243 22.40 55.58 25.31
N LYS A 244 23.42 55.69 26.17
CA LYS A 244 23.84 54.56 26.99
C LYS A 244 22.71 54.07 27.87
N ARG A 245 21.96 55.00 28.49
CA ARG A 245 20.91 54.60 29.41
C ARG A 245 19.76 53.91 28.68
N HIS A 246 19.40 54.38 27.48
CA HIS A 246 18.38 53.70 26.69
C HIS A 246 18.86 52.32 26.25
N VAL A 247 20.12 52.21 25.85
CA VAL A 247 20.65 50.90 25.46
C VAL A 247 20.59 49.92 26.63
N LYS A 248 20.88 50.41 27.84
CA LYS A 248 20.82 49.53 29.00
C LYS A 248 19.38 49.15 29.37
N ARG A 249 18.44 50.09 29.22
CA ARG A 249 17.07 49.82 29.65
C ARG A 249 16.29 48.95 28.67
N ARG A 250 16.49 49.15 27.37
CA ARG A 250 15.53 48.66 26.38
C ARG A 250 15.37 47.15 26.41
N ASP A 251 16.41 46.40 26.80
CA ASP A 251 16.29 44.95 26.83
C ASP A 251 15.31 44.50 27.91
N ARG A 252 15.51 44.97 29.14
CA ARG A 252 14.56 44.68 30.22
C ARG A 252 13.18 45.23 29.89
N LEU A 253 13.13 46.40 29.26
CA LEU A 253 11.84 46.98 28.89
C LEU A 253 11.08 46.09 27.93
N LEU A 254 11.78 45.50 26.94
CA LEU A 254 11.12 44.62 26.00
C LEU A 254 10.69 43.32 26.67
N GLU A 255 11.56 42.74 27.49
CA GLU A 255 11.20 41.49 28.17
C GLU A 255 10.10 41.70 29.21
N GLU A 256 9.86 42.94 29.62
CA GLU A 256 8.75 43.27 30.50
C GLU A 256 7.47 43.56 29.73
N LEU A 257 7.60 44.21 28.57
CA LEU A 257 6.43 44.40 27.70
C LEU A 257 5.88 43.06 27.23
N TYR A 258 6.75 42.06 27.02
CA TYR A 258 6.26 40.74 26.66
C TYR A 258 5.44 40.14 27.79
N GLU A 259 5.86 40.34 29.03
CA GLU A 259 5.07 39.89 30.17
C GLU A 259 3.72 40.61 30.23
N HIS A 260 3.72 41.92 29.96
CA HIS A 260 2.46 42.66 29.92
C HIS A 260 1.55 42.14 28.82
N LEU A 261 2.14 41.76 27.68
CA LEU A 261 1.36 41.19 26.58
C LEU A 261 0.73 39.87 26.99
N GLU A 262 1.51 39.00 27.65
CA GLU A 262 0.94 37.73 28.11
C GLU A 262 -0.15 37.96 29.15
N GLU A 263 0.03 38.95 30.02
CA GLU A 263 -1.00 39.30 30.99
C GLU A 263 -2.30 39.71 30.30
N LEU A 264 -2.20 40.63 29.33
CA LEU A 264 -3.39 41.09 28.63
C LEU A 264 -4.03 39.97 27.81
N SER A 265 -3.22 39.06 27.28
CA SER A 265 -3.77 37.94 26.52
C SER A 265 -4.51 36.97 27.43
N GLU A 266 -3.97 36.72 28.62
CA GLU A 266 -4.69 35.91 29.60
C GLU A 266 -5.96 36.62 30.06
N ARG A 267 -5.95 37.94 30.11
CA ARG A 267 -7.11 38.68 30.57
C ARG A 267 -8.23 38.68 29.52
N TYR A 268 -7.87 38.75 28.24
CA TYR A 268 -8.87 38.89 27.19
C TYR A 268 -9.03 37.65 26.31
N LEU A 269 -8.14 36.66 26.41
CA LEU A 269 -8.26 35.45 25.61
C LEU A 269 -8.19 34.15 26.42
N ARG A 270 -7.78 34.22 27.69
CA ARG A 270 -7.63 33.03 28.55
C ARG A 270 -6.60 32.05 27.99
N HIS A 271 -5.64 32.54 27.22
CA HIS A 271 -4.54 31.71 26.72
C HIS A 271 -3.41 32.64 26.31
N PRO A 272 -2.15 32.17 26.38
CA PRO A 272 -1.02 33.07 26.09
C PRO A 272 -0.67 33.10 24.61
N LEU A 273 0.33 33.92 24.26
CA LEU A 273 0.80 34.05 22.88
C LEU A 273 2.26 33.57 22.84
N THR A 274 2.46 32.34 22.42
CA THR A 274 3.80 31.78 22.33
C THR A 274 4.61 32.48 21.25
N ARG A 275 5.92 32.57 21.45
CA ARG A 275 6.80 33.09 20.41
C ARG A 275 6.62 32.32 19.11
N ARG A 276 6.47 31.00 19.20
CA ARG A 276 6.21 30.21 18.00
C ARG A 276 4.88 30.58 17.37
N TRP A 277 3.85 30.79 18.20
CA TRP A 277 2.56 31.24 17.67
C TRP A 277 2.69 32.59 16.99
N ILE A 278 3.47 33.50 17.57
CA ILE A 278 3.63 34.83 16.99
C ILE A 278 4.34 34.74 15.65
N VAL A 279 5.38 33.92 15.57
CA VAL A 279 6.10 33.74 14.30
C VAL A 279 5.17 33.16 13.25
N GLU A 280 4.39 32.13 13.62
CA GLU A 280 3.50 31.50 12.66
C GLU A 280 2.40 32.46 12.21
N HIS A 281 1.89 33.30 13.11
CA HIS A 281 0.88 34.28 12.73
C HIS A 281 1.45 35.34 11.80
N LYS A 282 2.67 35.81 12.10
CA LYS A 282 3.34 36.75 11.20
C LYS A 282 3.50 36.15 9.81
N ARG A 283 3.91 34.87 9.75
CA ARG A 283 4.04 34.19 8.47
C ARG A 283 2.69 34.11 7.75
N ASP A 284 1.64 33.72 8.47
CA ASP A 284 0.34 33.53 7.84
C ASP A 284 -0.29 34.84 7.41
N ILE A 285 0.08 35.96 8.02
CA ILE A 285 -0.46 37.25 7.59
C ILE A 285 0.42 37.93 6.56
N MET A 286 1.66 37.49 6.39
CA MET A 286 2.54 38.09 5.39
C MET A 286 2.87 37.17 4.22
N ARG A 287 2.53 35.87 4.30
CA ARG A 287 2.72 35.01 3.15
C ARG A 287 1.73 35.28 2.03
N ARG A 288 0.73 36.13 2.27
CA ARG A 288 -0.24 36.43 1.22
C ARG A 288 0.39 37.24 0.10
N TYR A 289 1.30 38.16 0.44
CA TYR A 289 1.91 39.02 -0.57
C TYR A 289 3.02 38.28 -1.29
N LEU A 290 3.09 38.48 -2.60
CA LEU A 290 4.29 38.11 -3.32
C LEU A 290 5.47 38.93 -2.83
N GLU A 291 6.65 38.30 -2.81
CA GLU A 291 7.91 38.71 -2.18
C GLU A 291 8.19 37.76 -1.03
N GLN A 292 7.16 37.46 -0.23
CA GLN A 292 7.28 36.41 0.77
C GLN A 292 7.25 35.03 0.11
N ARG A 293 6.39 34.87 -0.90
CA ARG A 293 6.39 33.63 -1.68
C ARG A 293 7.73 33.43 -2.38
N ILE A 294 8.36 34.53 -2.82
CA ILE A 294 9.69 34.44 -3.42
C ILE A 294 10.70 33.91 -2.42
N VAL A 295 10.65 34.42 -1.18
CA VAL A 295 11.57 33.96 -0.15
C VAL A 295 11.34 32.49 0.18
N GLU A 296 10.06 32.08 0.27
CA GLU A 296 9.77 30.68 0.57
C GLU A 296 10.25 29.77 -0.57
N CYS A 297 10.09 30.21 -1.81
CA CYS A 297 10.55 29.41 -2.94
C CYS A 297 12.07 29.32 -2.98
N ALA A 298 12.76 30.42 -2.69
CA ALA A 298 14.22 30.37 -2.65
C ALA A 298 14.71 29.47 -1.53
N LEU A 299 14.03 29.48 -0.39
CA LEU A 299 14.38 28.57 0.70
C LEU A 299 14.17 27.12 0.28
N LYS A 300 13.04 26.83 -0.37
CA LYS A 300 12.79 25.48 -0.87
C LYS A 300 13.90 25.04 -1.84
N LEU A 301 14.31 25.94 -2.73
CA LEU A 301 15.37 25.61 -3.68
C LEU A 301 16.67 25.30 -2.95
N GLN A 302 17.08 26.19 -2.03
CA GLN A 302 18.33 25.99 -1.29
C GLN A 302 18.31 24.68 -0.52
N ASP A 303 17.18 24.35 0.11
CA ASP A 303 17.13 23.18 0.96
C ASP A 303 17.06 21.89 0.15
N ARG A 304 16.17 21.83 -0.85
CA ARG A 304 15.92 20.58 -1.54
C ARG A 304 16.91 20.33 -2.67
N TYR A 305 17.25 21.37 -3.45
CA TYR A 305 18.05 21.18 -4.65
C TYR A 305 19.46 21.73 -4.52
N GLY A 306 19.83 22.27 -3.36
CA GLY A 306 21.19 22.70 -3.13
C GLY A 306 21.66 23.84 -4.00
N ILE A 307 20.74 24.69 -4.44
CA ILE A 307 21.10 25.85 -5.25
C ILE A 307 21.66 26.93 -4.34
N ARG A 308 22.63 27.68 -4.84
CA ARG A 308 23.18 28.80 -4.09
C ARG A 308 22.08 29.81 -3.76
N GLU A 309 22.30 30.56 -2.68
CA GLU A 309 21.26 31.46 -2.17
C GLU A 309 20.86 32.50 -3.20
N ASP A 310 21.84 33.20 -3.77
CA ASP A 310 21.52 34.28 -4.70
C ASP A 310 20.90 33.74 -5.98
N VAL A 311 21.39 32.60 -6.47
CA VAL A 311 20.83 32.02 -7.69
C VAL A 311 19.39 31.57 -7.46
N ALA A 312 19.13 30.94 -6.32
CA ALA A 312 17.76 30.52 -6.00
C ALA A 312 16.85 31.72 -5.85
N LEU A 313 17.34 32.79 -5.23
CA LEU A 313 16.55 34.01 -5.10
C LEU A 313 16.22 34.59 -6.47
N CYS A 314 17.20 34.64 -7.37
CA CYS A 314 16.95 35.18 -8.71
C CYS A 314 15.93 34.32 -9.47
N LEU A 315 16.05 33.00 -9.34
CA LEU A 315 15.09 32.10 -9.98
C LEU A 315 13.68 32.32 -9.42
N ALA A 316 13.55 32.44 -8.10
CA ALA A 316 12.25 32.64 -7.49
C ALA A 316 11.64 33.98 -7.90
N ARG A 317 12.46 35.03 -7.99
CA ARG A 317 11.98 36.31 -8.46
C ARG A 317 11.50 36.22 -9.90
N ALA A 318 12.30 35.62 -10.78
CA ALA A 318 12.00 35.60 -12.19
C ALA A 318 10.79 34.75 -12.55
N PHE A 319 10.40 33.80 -11.69
CA PHE A 319 9.32 32.87 -12.03
C PHE A 319 8.22 32.85 -10.98
N ASP A 320 8.02 33.97 -10.29
CA ASP A 320 6.90 34.14 -9.36
C ASP A 320 6.91 33.09 -8.26
N GLY A 321 8.09 32.65 -7.85
CA GLY A 321 8.20 31.71 -6.74
C GLY A 321 7.53 30.38 -6.96
N SER A 322 7.36 29.96 -8.21
CA SER A 322 6.74 28.69 -8.54
C SER A 322 7.83 27.70 -8.95
N ILE A 323 8.02 26.65 -8.13
CA ILE A 323 9.04 25.66 -8.43
C ILE A 323 8.65 24.86 -9.68
N SER A 324 7.36 24.60 -9.88
CA SER A 324 6.92 23.84 -11.04
C SER A 324 7.21 24.57 -12.34
N MET A 325 7.03 25.90 -12.33
CA MET A 325 7.36 26.68 -13.52
C MET A 325 8.84 26.56 -13.87
N ILE A 326 9.71 26.60 -12.85
CA ILE A 326 11.14 26.43 -13.10
C ILE A 326 11.42 25.02 -13.60
N ALA A 327 10.69 24.03 -13.09
CA ALA A 327 10.88 22.66 -13.55
C ALA A 327 10.35 22.43 -14.96
N THR A 328 9.51 23.34 -15.47
CA THR A 328 9.05 23.26 -16.85
C THR A 328 9.66 24.35 -17.73
N THR A 329 10.78 24.93 -17.31
CA THR A 329 11.44 25.99 -18.06
C THR A 329 12.73 25.48 -18.67
N PRO A 330 12.97 25.70 -19.96
CA PRO A 330 14.19 25.22 -20.59
C PRO A 330 15.43 25.90 -20.03
N TYR A 331 16.59 25.29 -20.31
CA TYR A 331 17.84 25.75 -19.71
C TYR A 331 18.23 27.14 -20.22
N ARG A 332 18.00 27.42 -21.50
CA ARG A 332 18.43 28.70 -22.05
C ARG A 332 17.70 29.86 -21.40
N THR A 333 16.41 29.69 -21.10
CA THR A 333 15.67 30.76 -20.40
C THR A 333 16.20 30.97 -18.99
N LEU A 334 16.49 29.87 -18.28
CA LEU A 334 17.05 29.98 -16.94
C LEU A 334 18.41 30.66 -16.96
N LYS A 335 19.21 30.40 -17.99
CA LYS A 335 20.49 31.07 -18.13
C LYS A 335 20.31 32.54 -18.49
N ASP A 336 19.26 32.86 -19.25
CA ASP A 336 18.96 34.25 -19.56
C ASP A 336 18.61 35.03 -18.31
N VAL A 337 17.75 34.46 -17.46
CA VAL A 337 17.34 35.18 -16.26
C VAL A 337 18.42 35.15 -15.18
N CYS A 338 19.22 34.08 -15.13
CA CYS A 338 20.28 33.94 -14.12
C CYS A 338 21.56 33.52 -14.82
N PRO A 339 22.39 34.49 -15.25
CA PRO A 339 23.64 34.13 -15.92
C PRO A 339 24.60 33.35 -15.05
N ASP A 340 24.52 33.52 -13.72
CA ASP A 340 25.41 32.79 -12.82
C ASP A 340 24.96 31.36 -12.56
N LEU A 341 23.78 30.97 -13.06
CA LEU A 341 23.29 29.62 -12.84
C LEU A 341 24.19 28.59 -13.52
N THR A 342 24.55 27.54 -12.78
CA THR A 342 25.34 26.46 -13.33
C THR A 342 24.43 25.41 -13.96
N LEU A 343 25.01 24.60 -14.84
CA LEU A 343 24.24 23.55 -15.51
C LEU A 343 23.79 22.48 -14.51
N GLU A 344 24.63 22.17 -13.52
CA GLU A 344 24.25 21.17 -12.53
C GLU A 344 23.09 21.66 -11.68
N GLU A 345 23.08 22.95 -11.33
CA GLU A 345 21.95 23.50 -10.58
C GLU A 345 20.66 23.42 -11.40
N ALA A 346 20.73 23.78 -12.69
CA ALA A 346 19.56 23.69 -13.55
C ALA A 346 19.07 22.26 -13.68
N LYS A 347 19.99 21.30 -13.74
CA LYS A 347 19.60 19.90 -13.79
C LYS A 347 18.95 19.47 -12.48
N SER A 348 19.46 19.97 -11.35
CA SER A 348 18.90 19.60 -10.06
C SER A 348 17.49 20.16 -9.86
N VAL A 349 17.23 21.36 -10.38
CA VAL A 349 15.89 21.94 -10.20
C VAL A 349 14.91 21.39 -11.23
N ASN A 350 15.32 21.35 -12.50
CA ASN A 350 14.47 20.81 -13.58
C ASN A 350 14.81 19.33 -13.73
N ARG A 351 14.00 18.47 -13.11
CA ARG A 351 14.28 17.04 -13.16
C ARG A 351 14.17 16.49 -14.58
N THR A 352 13.31 17.07 -15.42
CA THR A 352 13.23 16.62 -16.80
C THR A 352 14.51 16.94 -17.56
N LEU A 353 15.07 18.13 -17.35
CA LEU A 353 16.33 18.50 -17.97
C LEU A 353 17.44 17.52 -17.58
N ALA A 354 17.52 17.19 -16.29
CA ALA A 354 18.54 16.25 -15.82
C ALA A 354 18.32 14.87 -16.42
N THR A 355 17.08 14.39 -16.42
CA THR A 355 16.78 13.10 -17.03
C THR A 355 17.25 13.05 -18.48
N LEU A 356 16.87 14.05 -19.27
CA LEU A 356 17.27 14.10 -20.67
C LEU A 356 18.79 14.11 -20.82
N ILE A 357 19.46 15.06 -20.14
CA ILE A 357 20.90 15.23 -20.32
C ILE A 357 21.65 13.98 -19.90
N ASP A 358 21.42 13.49 -18.68
CA ASP A 358 22.22 12.41 -18.13
C ASP A 358 21.76 11.04 -18.61
N GLU A 359 20.48 10.71 -18.42
CA GLU A 359 19.99 9.38 -18.76
C GLU A 359 19.87 9.15 -20.26
N HIS A 360 19.98 10.20 -21.09
CA HIS A 360 19.84 10.04 -22.52
C HIS A 360 20.92 10.75 -23.33
N GLY A 361 21.92 11.34 -22.68
CA GLY A 361 23.05 11.90 -23.39
C GLY A 361 22.72 13.02 -24.36
N LEU A 362 21.62 13.73 -24.13
CA LEU A 362 21.26 14.84 -25.00
C LEU A 362 22.04 16.09 -24.64
N SER A 363 22.35 16.89 -25.65
CA SER A 363 22.93 18.19 -25.41
C SER A 363 21.88 19.09 -24.75
N PRO A 364 22.32 20.11 -24.01
CA PRO A 364 21.35 21.02 -23.38
C PRO A 364 20.36 21.62 -24.38
N ASP A 365 20.76 21.77 -25.65
CA ASP A 365 19.86 22.35 -26.64
C ASP A 365 18.78 21.37 -27.07
N ALA A 366 19.13 20.09 -27.22
CA ALA A 366 18.11 19.08 -27.53
C ALA A 366 17.15 18.91 -26.35
N ALA A 367 17.69 18.93 -25.13
CA ALA A 367 16.84 18.87 -23.95
C ALA A 367 15.91 20.08 -23.88
N ASP A 368 16.41 21.28 -24.22
CA ASP A 368 15.55 22.45 -24.25
C ASP A 368 14.49 22.33 -25.34
N GLU A 369 14.84 21.73 -26.48
CA GLU A 369 13.87 21.44 -27.52
C GLU A 369 12.72 20.59 -26.98
N LEU A 370 13.08 19.46 -26.33
CA LEU A 370 12.05 18.57 -25.79
C LEU A 370 11.24 19.26 -24.69
N ILE A 371 11.88 20.12 -23.90
CA ILE A 371 11.16 20.81 -22.83
C ILE A 371 10.19 21.83 -23.42
N GLU A 372 10.63 22.58 -24.43
CA GLU A 372 9.73 23.55 -25.05
C GLU A 372 8.54 22.87 -25.70
N HIS A 373 8.77 21.71 -26.31
CA HIS A 373 7.67 21.08 -27.04
C HIS A 373 6.77 20.24 -26.14
N PHE A 374 7.27 19.71 -25.02
CA PHE A 374 6.49 18.81 -24.19
C PHE A 374 6.61 19.06 -22.69
N GLU A 375 7.35 20.08 -22.26
CA GLU A 375 7.39 20.54 -20.86
C GLU A 375 8.04 19.54 -19.91
N SER A 376 7.58 18.29 -19.89
CA SER A 376 8.07 17.32 -18.92
C SER A 376 8.14 15.94 -19.55
N ILE A 377 8.77 15.01 -18.83
CA ILE A 377 8.79 13.61 -19.25
C ILE A 377 7.37 13.06 -19.29
N ALA A 378 6.54 13.43 -18.30
CA ALA A 378 5.14 13.06 -18.34
C ALA A 378 4.45 13.68 -19.55
N GLY A 379 4.86 14.88 -19.95
CA GLY A 379 4.32 15.47 -21.17
C GLY A 379 4.66 14.65 -22.40
N ILE A 380 5.89 14.14 -22.47
CA ILE A 380 6.27 13.25 -23.57
C ILE A 380 5.41 11.98 -23.52
N LEU A 381 5.24 11.42 -22.33
CA LEU A 381 4.44 10.19 -22.19
C LEU A 381 2.98 10.41 -22.52
N ALA A 382 2.49 11.65 -22.44
CA ALA A 382 1.11 11.94 -22.80
C ALA A 382 0.90 12.19 -24.28
N THR A 383 1.93 12.70 -24.97
CA THR A 383 1.80 13.04 -26.38
C THR A 383 1.78 11.78 -27.24
N ASP A 384 0.91 11.78 -28.25
CA ASP A 384 0.86 10.67 -29.19
C ASP A 384 2.16 10.55 -29.96
N LEU A 385 2.48 9.32 -30.40
CA LEU A 385 3.70 9.09 -31.15
C LEU A 385 3.65 9.75 -32.52
N GLU A 386 2.47 9.73 -33.15
CA GLU A 386 2.33 10.35 -34.47
C GLU A 386 2.64 11.84 -34.43
N GLU A 387 2.30 12.52 -33.34
CA GLU A 387 2.62 13.94 -33.21
C GLU A 387 4.13 14.16 -33.23
N ILE A 388 4.87 13.35 -32.48
CA ILE A 388 6.33 13.50 -32.44
C ILE A 388 6.93 13.16 -33.80
N GLU A 389 6.40 12.13 -34.47
CA GLU A 389 6.89 11.81 -35.81
C GLU A 389 6.67 12.96 -36.77
N ARG A 390 5.48 13.58 -36.72
CA ARG A 390 5.20 14.73 -37.59
C ARG A 390 6.14 15.88 -37.29
N MET A 391 6.34 16.19 -36.01
CA MET A 391 7.24 17.28 -35.65
C MET A 391 8.67 17.01 -36.10
N TYR A 392 9.09 15.75 -36.10
CA TYR A 392 10.45 15.42 -36.54
C TYR A 392 10.56 15.52 -38.06
N GLU A 393 9.58 14.99 -38.78
CA GLU A 393 9.63 14.99 -40.24
C GLU A 393 9.51 16.40 -40.81
N GLU A 394 8.86 17.32 -40.09
CA GLU A 394 8.77 18.70 -40.53
C GLU A 394 10.01 19.50 -40.18
N GLY A 395 11.03 18.88 -39.60
CA GLY A 395 12.23 19.61 -39.23
C GLY A 395 12.09 20.49 -38.01
N ARG A 396 10.95 20.44 -37.33
CA ARG A 396 10.73 21.22 -36.11
C ARG A 396 11.26 20.51 -34.88
N LEU A 397 11.81 19.31 -35.03
CA LEU A 397 12.34 18.53 -33.93
C LEU A 397 13.63 17.85 -34.39
N SER A 398 14.72 18.08 -33.66
CA SER A 398 16.00 17.53 -34.04
C SER A 398 15.97 16.01 -33.95
N GLU A 399 16.93 15.37 -34.62
CA GLU A 399 16.99 13.91 -34.63
C GLU A 399 17.18 13.36 -33.22
N GLU A 400 18.16 13.89 -32.49
CA GLU A 400 18.46 13.38 -31.16
C GLU A 400 17.26 13.50 -30.23
N ALA A 401 16.56 14.64 -30.29
CA ALA A 401 15.38 14.83 -29.45
C ALA A 401 14.29 13.82 -29.80
N TYR A 402 14.05 13.61 -31.10
CA TYR A 402 13.04 12.65 -31.51
C TYR A 402 13.39 11.24 -31.06
N ARG A 403 14.65 10.84 -31.24
CA ARG A 403 15.09 9.52 -30.81
C ARG A 403 14.91 9.36 -29.31
N ALA A 404 15.29 10.37 -28.53
CA ALA A 404 15.15 10.29 -27.08
C ALA A 404 13.69 10.19 -26.67
N ALA A 405 12.81 10.97 -27.33
CA ALA A 405 11.40 10.91 -27.00
C ALA A 405 10.80 9.54 -27.32
N VAL A 406 11.16 8.98 -28.48
CA VAL A 406 10.65 7.66 -28.83
C VAL A 406 11.16 6.61 -27.85
N GLU A 407 12.42 6.74 -27.43
CA GLU A 407 12.97 5.77 -26.47
C GLU A 407 12.30 5.91 -25.11
N ILE A 408 11.96 7.13 -24.69
CA ILE A 408 11.23 7.32 -23.45
C ILE A 408 9.85 6.65 -23.53
N GLN A 409 9.12 6.93 -24.60
CA GLN A 409 7.80 6.32 -24.77
C GLN A 409 7.89 4.79 -24.78
N LEU A 410 8.90 4.26 -25.47
CA LEU A 410 9.04 2.80 -25.54
C LEU A 410 9.43 2.21 -24.20
N ALA A 411 10.33 2.89 -23.46
CA ALA A 411 10.74 2.41 -22.16
C ALA A 411 9.58 2.38 -21.18
N GLU A 412 8.63 3.30 -21.34
CA GLU A 412 7.47 3.30 -20.45
C GLU A 412 6.63 2.04 -20.59
N LEU A 413 6.75 1.31 -21.70
CA LEU A 413 6.00 0.07 -21.91
C LEU A 413 6.85 -1.18 -21.84
N THR A 414 8.13 -1.10 -22.21
CA THR A 414 8.99 -2.28 -22.18
C THR A 414 9.32 -2.74 -20.77
N LYS A 415 9.16 -1.86 -19.78
CA LYS A 415 9.45 -2.24 -18.40
C LYS A 415 8.40 -3.19 -17.82
N LYS A 416 7.37 -3.53 -18.59
CA LYS A 416 6.39 -4.53 -18.20
C LYS A 416 6.72 -5.86 -18.83
N GLU A 417 6.60 -6.93 -18.03
CA GLU A 417 6.95 -8.26 -18.51
C GLU A 417 6.09 -8.64 -19.70
N GLY A 418 6.72 -9.21 -20.72
CA GLY A 418 6.04 -9.65 -21.92
C GLY A 418 5.93 -8.61 -23.01
N VAL A 419 6.23 -7.35 -22.72
CA VAL A 419 6.14 -6.28 -23.70
C VAL A 419 7.53 -6.07 -24.28
N GLY A 420 7.74 -6.54 -25.51
CA GLY A 420 8.98 -6.30 -26.22
C GLY A 420 9.07 -4.88 -26.73
N ARG A 421 9.79 -4.70 -27.83
CA ARG A 421 9.85 -3.40 -28.49
C ARG A 421 8.95 -3.30 -29.70
N LYS A 422 8.85 -4.37 -30.49
CA LYS A 422 7.88 -4.38 -31.59
C LYS A 422 6.46 -4.25 -31.07
N THR A 423 6.13 -4.97 -29.99
CA THR A 423 4.79 -4.87 -29.42
C THR A 423 4.55 -3.50 -28.81
N ALA A 424 5.59 -2.91 -28.20
CA ALA A 424 5.45 -1.56 -27.66
C ALA A 424 5.21 -0.55 -28.77
N GLU A 425 5.93 -0.69 -29.89
CA GLU A 425 5.72 0.20 -31.03
C GLU A 425 4.33 0.03 -31.61
N ARG A 426 3.86 -1.22 -31.71
CA ARG A 426 2.50 -1.46 -32.21
C ARG A 426 1.46 -0.83 -31.29
N LEU A 427 1.65 -0.95 -29.98
CA LEU A 427 0.72 -0.33 -29.04
C LEU A 427 0.74 1.19 -29.16
N LEU A 428 1.93 1.78 -29.31
CA LEU A 428 2.01 3.23 -29.46
C LEU A 428 1.37 3.70 -30.76
N ARG A 429 1.46 2.89 -31.82
CA ARG A 429 0.78 3.25 -33.06
C ARG A 429 -0.73 3.13 -32.92
N ALA A 430 -1.19 2.09 -32.21
CA ALA A 430 -2.63 1.84 -32.12
C ALA A 430 -3.32 2.83 -31.19
N PHE A 431 -2.67 3.21 -30.09
CA PHE A 431 -3.31 4.03 -29.07
C PHE A 431 -2.59 5.35 -28.80
N GLY A 432 -1.56 5.68 -29.58
CA GLY A 432 -0.99 7.01 -29.51
C GLY A 432 0.15 7.18 -28.53
N ASN A 433 -0.14 7.08 -27.24
CA ASN A 433 0.82 7.40 -26.18
C ASN A 433 0.74 6.33 -25.11
N PRO A 434 1.82 6.16 -24.32
CA PRO A 434 1.79 5.13 -23.27
C PRO A 434 0.79 5.43 -22.16
N GLU A 435 0.53 6.69 -21.86
CA GLU A 435 -0.45 7.02 -20.84
C GLU A 435 -1.85 6.60 -21.27
N ARG A 436 -2.17 6.74 -22.57
CA ARG A 436 -3.45 6.25 -23.06
C ARG A 436 -3.54 4.73 -22.92
N VAL A 437 -2.43 4.03 -23.15
CA VAL A 437 -2.43 2.57 -22.97
C VAL A 437 -2.66 2.22 -21.51
N LYS A 438 -2.02 2.96 -20.59
CA LYS A 438 -2.24 2.72 -19.16
C LYS A 438 -3.69 2.97 -18.78
N GLN A 439 -4.29 4.02 -19.33
CA GLN A 439 -5.68 4.34 -19.03
C GLN A 439 -6.62 3.26 -19.57
N LEU A 440 -6.34 2.76 -20.78
CA LEU A 440 -7.12 1.66 -21.32
C LEU A 440 -6.97 0.39 -20.49
N ALA A 441 -5.79 0.18 -19.92
CA ALA A 441 -5.58 -0.98 -19.05
C ALA A 441 -6.36 -0.82 -17.74
N ARG A 442 -6.37 0.38 -17.17
CA ARG A 442 -7.16 0.62 -15.96
C ARG A 442 -8.64 0.42 -16.23
N GLU A 443 -9.10 0.76 -17.43
CA GLU A 443 -10.51 0.60 -17.80
C GLU A 443 -10.86 -0.83 -18.19
N PHE A 444 -9.90 -1.77 -18.06
CA PHE A 444 -10.13 -3.18 -18.35
C PHE A 444 -10.56 -3.42 -19.78
N GLU A 445 -10.07 -2.59 -20.72
CA GLU A 445 -10.36 -2.75 -22.14
C GLU A 445 -9.50 -3.88 -22.69
N ILE A 446 -9.82 -5.10 -22.26
CA ILE A 446 -8.96 -6.24 -22.52
C ILE A 446 -9.00 -6.63 -24.00
N GLU A 447 -10.18 -6.65 -24.60
CA GLU A 447 -10.28 -7.00 -26.01
C GLU A 447 -9.62 -5.95 -26.89
N LYS A 448 -9.78 -4.66 -26.54
CA LYS A 448 -9.16 -3.60 -27.32
C LYS A 448 -7.65 -3.71 -27.31
N LEU A 449 -7.07 -4.02 -26.14
CA LEU A 449 -5.63 -4.21 -26.06
C LEU A 449 -5.19 -5.48 -26.79
N ALA A 450 -5.99 -6.55 -26.68
CA ALA A 450 -5.65 -7.80 -27.34
C ALA A 450 -5.74 -7.71 -28.85
N SER A 451 -6.47 -6.72 -29.38
CA SER A 451 -6.57 -6.56 -30.82
C SER A 451 -5.23 -6.20 -31.46
N VAL A 452 -4.28 -5.68 -30.69
CA VAL A 452 -2.97 -5.33 -31.22
C VAL A 452 -2.12 -6.59 -31.34
N GLU A 453 -1.38 -6.70 -32.43
CA GLU A 453 -0.55 -7.88 -32.67
C GLU A 453 0.55 -7.96 -31.62
N GLY A 454 0.72 -9.14 -31.03
CA GLY A 454 1.75 -9.38 -30.04
C GLY A 454 1.33 -9.12 -28.60
N VAL A 455 0.09 -8.73 -28.35
CA VAL A 455 -0.42 -8.56 -26.99
C VAL A 455 -1.05 -9.89 -26.58
N GLY A 456 -0.28 -10.70 -25.86
CA GLY A 456 -0.72 -12.01 -25.43
C GLY A 456 -1.19 -12.03 -23.99
N GLU A 457 -1.29 -13.24 -23.44
CA GLU A 457 -1.76 -13.39 -22.06
C GLU A 457 -0.81 -12.72 -21.08
N ARG A 458 0.49 -12.86 -21.27
CA ARG A 458 1.46 -12.28 -20.34
C ARG A 458 1.39 -10.75 -20.36
N VAL A 459 1.26 -10.17 -21.55
CA VAL A 459 1.18 -8.71 -21.67
C VAL A 459 -0.06 -8.20 -20.93
N LEU A 460 -1.21 -8.86 -21.15
CA LEU A 460 -2.43 -8.46 -20.47
C LEU A 460 -2.29 -8.58 -18.97
N ARG A 461 -1.70 -9.68 -18.49
CA ARG A 461 -1.54 -9.86 -17.05
C ARG A 461 -0.60 -8.82 -16.46
N SER A 462 0.39 -8.38 -17.23
CA SER A 462 1.29 -7.32 -16.76
C SER A 462 0.67 -5.94 -16.85
N LEU A 463 -0.33 -5.75 -17.70
CA LEU A 463 -0.94 -4.43 -17.92
C LEU A 463 -2.24 -4.23 -17.16
N VAL A 464 -3.20 -5.14 -17.32
CA VAL A 464 -4.54 -4.98 -16.73
C VAL A 464 -4.51 -5.43 -15.27
N PRO A 465 -4.73 -4.53 -14.32
CA PRO A 465 -4.65 -4.91 -12.89
C PRO A 465 -5.76 -5.89 -12.53
N GLY A 466 -5.36 -7.07 -12.09
CA GLY A 466 -6.30 -8.10 -11.66
C GLY A 466 -6.73 -9.07 -12.74
N TYR A 467 -6.36 -8.82 -13.99
CA TYR A 467 -6.73 -9.76 -15.06
C TYR A 467 -6.08 -11.12 -14.85
N ALA A 468 -4.85 -11.13 -14.31
CA ALA A 468 -4.16 -12.41 -14.07
C ALA A 468 -4.93 -13.27 -13.07
N SER A 469 -5.42 -12.66 -11.99
CA SER A 469 -6.10 -13.43 -10.96
C SER A 469 -7.38 -14.07 -11.47
N LEU A 470 -8.06 -13.42 -12.41
CA LEU A 470 -9.33 -13.94 -12.92
C LEU A 470 -9.16 -14.89 -14.09
N ILE A 471 -8.21 -14.63 -14.98
CA ILE A 471 -8.07 -15.49 -16.16
C ILE A 471 -7.49 -16.85 -15.77
N SER A 472 -6.72 -16.91 -14.68
CA SER A 472 -6.11 -18.15 -14.23
C SER A 472 -7.11 -19.11 -13.60
N ILE A 473 -8.35 -18.70 -13.41
CA ILE A 473 -9.37 -19.55 -12.81
C ILE A 473 -10.00 -20.42 -13.89
N ARG A 474 -10.16 -21.71 -13.59
CA ARG A 474 -10.68 -22.65 -14.57
C ARG A 474 -12.10 -22.27 -14.96
N GLY A 475 -12.33 -22.09 -16.27
CA GLY A 475 -13.63 -21.83 -16.81
C GLY A 475 -13.96 -20.36 -17.04
N ILE A 476 -13.14 -19.45 -16.52
CA ILE A 476 -13.36 -18.02 -16.72
C ILE A 476 -12.65 -17.59 -17.99
N ASP A 477 -13.43 -17.17 -18.98
CA ASP A 477 -12.86 -16.76 -20.26
C ASP A 477 -12.28 -15.35 -20.15
N ARG A 478 -11.62 -14.93 -21.23
CA ARG A 478 -11.12 -13.55 -21.30
C ARG A 478 -12.27 -12.55 -21.29
N GLU A 479 -13.29 -12.80 -22.11
CA GLU A 479 -14.43 -11.90 -22.16
C GLU A 479 -15.20 -11.91 -20.84
N ARG A 480 -15.29 -13.06 -20.19
CA ARG A 480 -15.96 -13.13 -18.89
C ARG A 480 -15.19 -12.33 -17.84
N ALA A 481 -13.87 -12.42 -17.86
CA ALA A 481 -13.06 -11.65 -16.92
C ALA A 481 -13.21 -10.16 -17.17
N GLU A 482 -13.21 -9.74 -18.45
CA GLU A 482 -13.43 -8.34 -18.76
C GLU A 482 -14.80 -7.88 -18.30
N ARG A 483 -15.82 -8.72 -18.49
CA ARG A 483 -17.17 -8.38 -18.06
C ARG A 483 -17.22 -8.17 -16.55
N LEU A 484 -16.63 -9.09 -15.79
CA LEU A 484 -16.62 -8.97 -14.34
C LEU A 484 -15.88 -7.73 -13.88
N LEU A 485 -14.70 -7.48 -14.47
CA LEU A 485 -13.89 -6.33 -14.07
C LEU A 485 -14.61 -5.02 -14.38
N LYS A 486 -15.29 -4.94 -15.52
CA LYS A 486 -16.02 -3.71 -15.83
C LYS A 486 -17.28 -3.56 -15.00
N LYS A 487 -17.92 -4.67 -14.62
CA LYS A 487 -19.14 -4.60 -13.85
C LYS A 487 -18.86 -4.16 -12.42
N TYR A 488 -17.93 -4.83 -11.74
CA TYR A 488 -17.70 -4.51 -10.34
C TYR A 488 -16.65 -3.44 -10.12
N GLY A 489 -15.72 -3.27 -11.06
CA GLY A 489 -14.73 -2.22 -10.97
C GLY A 489 -13.46 -2.62 -10.25
N GLY A 490 -12.71 -3.55 -10.84
CA GLY A 490 -11.47 -4.02 -10.25
C GLY A 490 -11.64 -5.39 -9.60
N TYR A 491 -10.51 -6.09 -9.50
CA TYR A 491 -10.52 -7.43 -8.91
C TYR A 491 -10.94 -7.39 -7.45
N SER A 492 -10.58 -6.33 -6.73
CA SER A 492 -10.96 -6.24 -5.32
C SER A 492 -12.47 -6.21 -5.14
N LYS A 493 -13.18 -5.46 -5.99
CA LYS A 493 -14.62 -5.38 -5.87
C LYS A 493 -15.30 -6.66 -6.33
N VAL A 494 -14.68 -7.39 -7.25
CA VAL A 494 -15.21 -8.71 -7.63
C VAL A 494 -15.03 -9.69 -6.49
N ARG A 495 -13.92 -9.57 -5.75
CA ARG A 495 -13.70 -10.44 -4.60
C ARG A 495 -14.63 -10.07 -3.45
N GLU A 496 -14.98 -8.79 -3.30
CA GLU A 496 -15.89 -8.35 -2.26
C GLU A 496 -17.35 -8.58 -2.61
N ALA A 497 -17.65 -9.06 -3.81
CA ALA A 497 -19.03 -9.29 -4.20
C ALA A 497 -19.60 -10.49 -3.46
N GLY A 498 -20.89 -10.41 -3.13
CA GLY A 498 -21.55 -11.51 -2.45
C GLY A 498 -21.71 -12.72 -3.35
N VAL A 499 -21.91 -13.87 -2.70
CA VAL A 499 -22.07 -15.12 -3.43
C VAL A 499 -23.29 -15.07 -4.33
N GLU A 500 -24.34 -14.37 -3.89
CA GLU A 500 -25.58 -14.33 -4.67
C GLU A 500 -25.38 -13.66 -6.02
N GLU A 501 -24.75 -12.48 -6.03
CA GLU A 501 -24.57 -11.76 -7.28
C GLU A 501 -23.53 -12.43 -8.17
N LEU A 502 -22.55 -13.13 -7.58
CA LEU A 502 -21.62 -13.90 -8.38
C LEU A 502 -22.31 -15.11 -9.03
N ARG A 503 -23.26 -15.72 -8.32
CA ARG A 503 -24.04 -16.80 -8.92
C ARG A 503 -24.95 -16.27 -10.01
N GLU A 504 -25.49 -15.07 -9.83
CA GLU A 504 -26.34 -14.47 -10.86
C GLU A 504 -25.56 -14.19 -12.14
N ASP A 505 -24.25 -13.93 -12.02
CA ASP A 505 -23.42 -13.66 -13.19
C ASP A 505 -23.07 -14.92 -13.97
N GLY A 506 -23.42 -16.10 -13.46
CA GLY A 506 -23.13 -17.34 -14.13
C GLY A 506 -21.88 -18.06 -13.68
N LEU A 507 -21.32 -17.69 -12.53
CA LEU A 507 -20.12 -18.33 -12.03
C LEU A 507 -20.45 -19.61 -11.29
N THR A 508 -19.68 -20.66 -11.54
CA THR A 508 -19.82 -21.90 -10.81
C THR A 508 -19.45 -21.70 -9.35
N ASP A 509 -20.05 -22.52 -8.47
CA ASP A 509 -19.69 -22.48 -7.06
C ASP A 509 -18.22 -22.80 -6.86
N ALA A 510 -17.65 -23.67 -7.70
CA ALA A 510 -16.21 -23.92 -7.63
C ALA A 510 -15.43 -22.67 -8.02
N GLN A 511 -15.89 -21.95 -9.05
CA GLN A 511 -15.23 -20.71 -9.44
C GLN A 511 -15.31 -19.67 -8.33
N ILE A 512 -16.45 -19.57 -7.66
CA ILE A 512 -16.60 -18.60 -6.58
C ILE A 512 -15.73 -18.99 -5.39
N ARG A 513 -15.63 -20.29 -5.11
CA ARG A 513 -14.76 -20.75 -4.04
C ARG A 513 -13.29 -20.43 -4.34
N GLU A 514 -12.87 -20.69 -5.57
CA GLU A 514 -11.50 -20.37 -5.96
C GLU A 514 -11.24 -18.87 -5.91
N LEU A 515 -12.23 -18.07 -6.29
CA LEU A 515 -12.04 -16.62 -6.32
C LEU A 515 -11.95 -16.04 -4.92
N LYS A 516 -12.89 -16.42 -4.05
CA LYS A 516 -12.97 -15.85 -2.71
C LYS A 516 -12.07 -16.55 -1.70
N GLY A 517 -11.39 -17.62 -2.11
CA GLY A 517 -10.48 -18.34 -1.24
C GLY A 517 -11.16 -18.95 -0.03
N LEU A 518 -12.14 -19.83 -0.27
CA LEU A 518 -12.94 -20.43 0.79
C LEU A 518 -12.78 -21.94 0.85
N LYS A 519 -11.72 -22.49 0.24
CA LYS A 519 -11.55 -23.93 0.21
C LYS A 519 -11.44 -24.52 1.62
N THR A 520 -10.69 -23.85 2.50
CA THR A 520 -10.57 -24.33 3.88
C THR A 520 -11.91 -24.21 4.61
N LEU A 521 -12.57 -23.07 4.48
CA LEU A 521 -13.88 -22.91 5.09
C LEU A 521 -14.94 -23.80 4.44
N GLU A 522 -14.72 -24.21 3.17
CA GLU A 522 -15.59 -25.20 2.57
C GLU A 522 -15.35 -26.58 3.17
N SER A 523 -14.09 -26.89 3.48
CA SER A 523 -13.79 -28.13 4.19
C SER A 523 -14.38 -28.13 5.59
N ILE A 524 -14.43 -26.96 6.23
CA ILE A 524 -15.00 -26.86 7.56
C ILE A 524 -16.52 -26.94 7.49
N VAL A 525 -17.14 -26.07 6.70
CA VAL A 525 -18.59 -26.02 6.54
C VAL A 525 -18.91 -26.34 5.08
N GLY A 526 -19.83 -27.29 4.87
CA GLY A 526 -20.16 -27.72 3.53
C GLY A 526 -21.02 -26.75 2.74
N ASP A 527 -21.20 -25.53 3.25
CA ASP A 527 -21.99 -24.51 2.59
C ASP A 527 -21.12 -23.33 2.20
N LEU A 528 -21.31 -22.83 0.98
CA LEU A 528 -20.49 -21.73 0.47
C LEU A 528 -20.88 -20.40 1.12
N GLU A 529 -22.18 -20.18 1.30
CA GLU A 529 -22.65 -18.92 1.88
C GLU A 529 -22.18 -18.76 3.32
N LYS A 530 -22.26 -19.83 4.12
CA LYS A 530 -21.80 -19.75 5.50
C LYS A 530 -20.29 -19.54 5.57
N ALA A 531 -19.55 -20.16 4.64
CA ALA A 531 -18.10 -19.92 4.57
C ALA A 531 -17.81 -18.45 4.26
N ASP A 532 -18.55 -17.88 3.31
CA ASP A 532 -18.36 -16.47 2.99
C ASP A 532 -18.69 -15.58 4.19
N GLU A 533 -19.76 -15.90 4.90
CA GLU A 533 -20.15 -15.10 6.06
C GLU A 533 -19.11 -15.19 7.17
N LEU A 534 -18.51 -16.37 7.36
CA LEU A 534 -17.42 -16.50 8.33
C LEU A 534 -16.21 -15.69 7.89
N LYS A 535 -15.90 -15.70 6.59
CA LYS A 535 -14.82 -14.86 6.09
C LYS A 535 -15.10 -13.38 6.35
N ARG A 536 -16.34 -12.96 6.17
CA ARG A 536 -16.72 -11.57 6.45
C ARG A 536 -16.53 -11.24 7.92
N LYS A 537 -17.04 -12.09 8.81
CA LYS A 537 -17.06 -11.76 10.22
C LYS A 537 -15.66 -11.83 10.84
N TYR A 538 -14.92 -12.91 10.57
CA TYR A 538 -13.66 -13.14 11.26
C TYR A 538 -12.43 -13.01 10.37
N GLY A 539 -12.55 -13.30 9.08
CA GLY A 539 -11.42 -13.16 8.17
C GLY A 539 -10.83 -14.47 7.71
N SER A 540 -9.79 -14.93 8.40
CA SER A 540 -9.08 -16.14 8.01
C SER A 540 -9.65 -17.35 8.76
N ALA A 541 -9.52 -18.52 8.14
CA ALA A 541 -9.98 -19.75 8.76
C ALA A 541 -9.20 -20.06 10.04
N SER A 542 -7.92 -19.65 10.09
CA SER A 542 -7.14 -19.87 11.30
C SER A 542 -7.71 -19.08 12.47
N ALA A 543 -8.22 -17.87 12.21
CA ALA A 543 -8.84 -17.09 13.27
C ALA A 543 -10.10 -17.78 13.79
N VAL A 544 -10.83 -18.46 12.91
CA VAL A 544 -12.00 -19.23 13.35
C VAL A 544 -11.55 -20.43 14.17
N ARG A 545 -10.45 -21.06 13.77
CA ARG A 545 -9.90 -22.18 14.55
C ARG A 545 -9.48 -21.73 15.94
N ARG A 546 -8.98 -20.50 16.07
CA ARG A 546 -8.53 -20.00 17.36
C ARG A 546 -9.67 -19.54 18.27
N LEU A 547 -10.91 -19.51 17.76
CA LEU A 547 -12.03 -19.05 18.55
C LEU A 547 -12.27 -19.98 19.75
N PRO A 548 -12.80 -19.45 20.85
CA PRO A 548 -13.11 -20.31 22.00
C PRO A 548 -14.25 -21.26 21.70
N VAL A 549 -14.37 -22.27 22.56
CA VAL A 549 -15.36 -23.33 22.35
C VAL A 549 -16.77 -22.78 22.41
N GLU A 550 -17.02 -21.86 23.36
CA GLU A 550 -18.37 -21.32 23.51
C GLU A 550 -18.80 -20.52 22.29
N GLU A 551 -17.88 -19.71 21.73
CA GLU A 551 -18.22 -18.94 20.54
C GLU A 551 -18.48 -19.85 19.35
N LEU A 552 -17.72 -20.95 19.23
CA LEU A 552 -17.95 -21.90 18.15
C LEU A 552 -19.29 -22.61 18.31
N ARG A 553 -19.67 -22.94 19.54
CA ARG A 553 -20.95 -23.61 19.77
C ARG A 553 -22.11 -22.71 19.38
N GLU A 554 -21.99 -21.41 19.63
CA GLU A 554 -23.09 -20.50 19.33
C GLU A 554 -23.23 -20.24 17.84
N LEU A 555 -22.12 -20.30 17.10
CA LEU A 555 -22.17 -20.06 15.66
C LEU A 555 -22.88 -21.17 14.89
N GLY A 556 -23.22 -22.27 15.55
CA GLY A 556 -23.92 -23.36 14.88
C GLY A 556 -23.02 -24.54 14.57
N PHE A 557 -22.09 -24.84 15.47
CA PHE A 557 -21.15 -25.94 15.31
C PHE A 557 -21.46 -27.04 16.31
N SER A 558 -21.39 -28.29 15.85
CA SER A 558 -21.49 -29.42 16.76
C SER A 558 -20.15 -29.62 17.46
N ASP A 559 -20.15 -30.48 18.49
CA ASP A 559 -18.92 -30.73 19.23
C ASP A 559 -17.91 -31.48 18.37
N ASP A 560 -18.37 -32.44 17.57
CA ASP A 560 -17.47 -33.13 16.66
C ASP A 560 -16.91 -32.17 15.61
N GLU A 561 -17.74 -31.24 15.14
CA GLU A 561 -17.26 -30.24 14.19
C GLU A 561 -16.19 -29.37 14.81
N ILE A 562 -16.34 -29.01 16.08
CA ILE A 562 -15.32 -28.21 16.76
C ILE A 562 -14.04 -29.00 16.92
N ALA A 563 -14.16 -30.28 17.31
CA ALA A 563 -12.98 -31.12 17.45
C ALA A 563 -12.27 -31.30 16.11
N GLU A 564 -13.02 -31.31 15.01
CA GLU A 564 -12.41 -31.38 13.69
C GLU A 564 -11.73 -30.06 13.33
N ILE A 565 -12.37 -28.94 13.64
CA ILE A 565 -11.79 -27.63 13.33
C ILE A 565 -10.47 -27.45 14.06
N LYS A 566 -10.45 -27.70 15.36
CA LYS A 566 -9.23 -27.51 16.14
C LYS A 566 -8.27 -28.68 16.04
N GLY A 567 -8.60 -29.72 15.27
CA GLY A 567 -7.70 -30.83 15.07
C GLY A 567 -7.41 -31.60 16.35
N ILE A 568 -8.45 -31.90 17.13
CA ILE A 568 -8.27 -32.64 18.37
C ILE A 568 -8.12 -34.13 18.04
N PRO A 569 -7.09 -34.80 18.54
CA PRO A 569 -6.93 -36.23 18.26
C PRO A 569 -8.04 -37.05 18.88
N LYS A 570 -8.19 -38.28 18.38
CA LYS A 570 -9.22 -39.18 18.89
C LYS A 570 -8.97 -39.53 20.35
N LYS A 571 -7.74 -39.96 20.67
CA LYS A 571 -7.39 -40.32 22.03
C LYS A 571 -7.55 -39.16 23.00
N LEU A 572 -7.51 -37.92 22.50
CA LEU A 572 -7.70 -36.74 23.34
C LEU A 572 -9.15 -36.25 23.35
N ARG A 573 -9.86 -36.36 22.22
CA ARG A 573 -11.24 -35.89 22.17
C ARG A 573 -12.20 -36.85 22.86
N GLU A 574 -11.85 -38.15 22.93
CA GLU A 574 -12.72 -39.12 23.58
C GLU A 574 -12.45 -39.25 25.07
N ALA A 575 -11.24 -38.93 25.53
CA ALA A 575 -10.90 -39.13 26.94
C ALA A 575 -11.49 -38.03 27.82
N PHE A 576 -11.55 -36.79 27.33
CA PHE A 576 -12.02 -35.66 28.11
C PHE A 576 -13.21 -35.00 27.42
N ASP A 577 -13.67 -33.91 28.02
CA ASP A 577 -14.71 -33.09 27.41
C ASP A 577 -14.10 -32.10 26.43
N LEU A 578 -14.96 -31.40 25.69
CA LEU A 578 -14.48 -30.49 24.65
C LEU A 578 -13.63 -29.37 25.24
N GLU A 579 -14.06 -28.78 26.36
CA GLU A 579 -13.32 -27.67 26.96
C GLU A 579 -11.91 -28.09 27.34
N THR A 580 -11.79 -29.14 28.16
CA THR A 580 -10.48 -29.53 28.67
C THR A 580 -9.59 -30.08 27.56
N ALA A 581 -10.17 -30.83 26.61
CA ALA A 581 -9.37 -31.35 25.51
C ALA A 581 -8.84 -30.23 24.64
N ALA A 582 -9.71 -29.28 24.29
CA ALA A 582 -9.27 -28.15 23.47
C ALA A 582 -8.23 -27.31 24.20
N GLU A 583 -8.39 -27.14 25.51
CA GLU A 583 -7.42 -26.37 26.28
C GLU A 583 -6.07 -27.08 26.32
N LEU A 584 -6.07 -28.39 26.57
CA LEU A 584 -4.84 -29.15 26.58
C LEU A 584 -4.15 -29.11 25.22
N TYR A 585 -4.93 -29.16 24.13
CA TYR A 585 -4.33 -29.14 22.80
C TYR A 585 -3.75 -27.77 22.48
N GLU A 586 -4.48 -26.69 22.79
CA GLU A 586 -3.99 -25.34 22.56
C GLU A 586 -2.99 -24.89 23.61
N ARG A 587 -2.67 -25.74 24.58
CA ARG A 587 -1.64 -25.43 25.57
C ARG A 587 -0.38 -26.26 25.40
N TYR A 588 -0.48 -27.48 24.84
CA TYR A 588 0.70 -28.32 24.64
C TYR A 588 0.92 -28.73 23.20
N GLY A 589 -0.03 -28.47 22.30
CA GLY A 589 0.18 -28.73 20.87
C GLY A 589 0.05 -30.15 20.38
N SER A 590 0.70 -31.10 21.04
CA SER A 590 0.72 -32.49 20.60
C SER A 590 0.37 -33.41 21.77
N LEU A 591 -0.30 -34.53 21.44
CA LEU A 591 -0.64 -35.51 22.45
C LEU A 591 0.62 -36.10 23.09
N LYS A 592 1.71 -36.18 22.33
CA LYS A 592 2.99 -36.57 22.93
C LYS A 592 3.36 -35.64 24.08
N GLU A 593 3.28 -34.33 23.85
CA GLU A 593 3.57 -33.38 24.91
C GLU A 593 2.57 -33.47 26.05
N ILE A 594 1.32 -33.80 25.75
CA ILE A 594 0.31 -34.01 26.79
C ILE A 594 0.76 -35.13 27.72
N GLY A 595 1.03 -36.30 27.14
CA GLY A 595 1.45 -37.44 27.94
C GLY A 595 2.88 -37.39 28.43
N ARG A 596 3.62 -36.35 28.06
CA ARG A 596 4.98 -36.19 28.55
C ARG A 596 5.11 -35.15 29.66
N ARG A 597 4.31 -34.09 29.62
CA ARG A 597 4.39 -33.05 30.65
C ARG A 597 3.42 -33.27 31.80
N LEU A 598 2.28 -33.91 31.54
CA LEU A 598 1.29 -34.15 32.58
C LEU A 598 1.52 -35.50 33.24
N SER A 599 1.08 -35.60 34.50
CA SER A 599 1.24 -36.82 35.28
C SER A 599 0.07 -37.77 35.03
N TYR A 600 0.34 -39.06 35.21
CA TYR A 600 -0.71 -40.07 35.08
C TYR A 600 -1.87 -39.79 36.03
N ASP A 601 -1.55 -39.45 37.28
CA ASP A 601 -2.60 -39.07 38.23
C ASP A 601 -3.33 -37.81 37.77
N ASP A 602 -2.60 -36.87 37.15
CA ASP A 602 -3.24 -35.66 36.64
C ASP A 602 -4.18 -35.98 35.49
N LEU A 603 -3.79 -36.91 34.61
CA LEU A 603 -4.68 -37.32 33.53
C LEU A 603 -5.91 -38.02 34.09
N LEU A 604 -5.74 -38.87 35.09
CA LEU A 604 -6.90 -39.53 35.69
C LEU A 604 -7.84 -38.54 36.35
N GLU A 605 -7.28 -37.54 37.04
CA GLU A 605 -8.11 -36.56 37.74
C GLU A 605 -8.95 -35.74 36.77
N LEU A 606 -8.48 -35.58 35.53
CA LEU A 606 -9.23 -34.83 34.54
C LEU A 606 -10.32 -35.64 33.85
N GLY A 607 -10.45 -36.93 34.20
CA GLY A 607 -11.55 -37.74 33.69
C GLY A 607 -11.14 -38.76 32.64
N ALA A 608 -9.89 -39.21 32.69
CA ALA A 608 -9.38 -40.16 31.72
C ALA A 608 -9.43 -41.57 32.30
N THR A 609 -9.93 -42.51 31.51
CA THR A 609 -9.86 -43.92 31.86
C THR A 609 -8.40 -44.32 32.02
N PRO A 610 -8.07 -45.18 32.99
CA PRO A 610 -6.69 -45.69 33.08
C PRO A 610 -6.14 -46.19 31.75
N LYS A 611 -6.94 -46.91 30.98
CA LYS A 611 -6.52 -47.30 29.63
C LYS A 611 -6.37 -46.07 28.74
N ALA A 612 -7.35 -45.16 28.77
CA ALA A 612 -7.25 -43.94 27.98
C ALA A 612 -6.10 -43.07 28.45
N ALA A 613 -5.86 -43.01 29.75
CA ALA A 613 -4.75 -42.22 30.27
C ALA A 613 -3.40 -42.83 29.88
N ALA A 614 -3.32 -44.15 29.78
CA ALA A 614 -2.10 -44.78 29.29
C ALA A 614 -1.92 -44.53 27.80
N GLU A 615 -3.02 -44.51 27.05
CA GLU A 615 -2.93 -44.19 25.63
C GLU A 615 -2.46 -42.75 25.42
N ILE A 616 -2.91 -41.84 26.27
CA ILE A 616 -2.44 -40.45 26.19
C ILE A 616 -0.96 -40.37 26.53
N LYS A 617 -0.52 -41.16 27.51
CA LYS A 617 0.91 -41.30 27.76
C LYS A 617 1.60 -41.89 26.53
N GLY A 618 2.91 -41.66 26.45
CA GLY A 618 3.69 -42.09 25.31
C GLY A 618 3.59 -43.58 25.03
N PRO A 619 3.86 -43.97 23.78
CA PRO A 619 3.81 -45.41 23.45
C PRO A 619 4.80 -46.24 24.23
N GLU A 620 5.85 -45.64 24.78
CA GLU A 620 6.76 -46.37 25.66
C GLU A 620 6.14 -46.64 27.01
N PHE A 621 5.22 -45.78 27.46
CA PHE A 621 4.51 -46.01 28.71
C PHE A 621 3.65 -47.27 28.63
N LYS A 622 3.00 -47.48 27.48
CA LYS A 622 2.23 -48.70 27.27
C LYS A 622 3.11 -49.94 27.18
N PHE A 623 4.40 -49.76 26.87
CA PHE A 623 5.32 -50.89 26.74
C PHE A 623 5.99 -51.29 28.05
N LEU A 624 6.29 -50.32 28.93
CA LEU A 624 6.83 -50.65 30.23
C LEU A 624 5.83 -51.42 31.08
N LEU A 625 4.55 -51.01 31.03
CA LEU A 625 3.52 -51.70 31.79
C LEU A 625 3.10 -53.01 31.14
N ASN A 626 3.58 -53.30 29.95
CA ASN A 626 3.28 -54.56 29.27
C ASN A 626 4.23 -55.68 29.65
N ILE A 627 5.16 -55.43 30.57
CA ILE A 627 6.13 -56.42 31.01
C ILE A 627 6.25 -56.35 32.52
N GLU A 628 5.93 -57.44 33.20
CA GLU A 628 6.07 -57.61 34.66
C GLU A 628 5.24 -56.62 35.46
N GLY A 629 4.42 -55.81 34.81
CA GLY A 629 3.61 -54.82 35.50
C GLY A 629 4.42 -53.91 36.39
N VAL A 630 5.26 -53.06 35.78
CA VAL A 630 6.16 -52.21 36.55
C VAL A 630 5.44 -51.13 37.35
N GLY A 631 4.12 -50.99 37.18
CA GLY A 631 3.36 -50.01 37.91
C GLY A 631 3.44 -48.64 37.28
N PRO A 632 2.28 -47.99 37.09
CA PRO A 632 2.30 -46.63 36.50
C PRO A 632 3.07 -45.64 37.34
N LYS A 633 2.95 -45.70 38.67
CA LYS A 633 3.68 -44.78 39.53
C LYS A 633 5.19 -44.90 39.34
N LEU A 634 5.67 -46.13 39.09
CA LEU A 634 7.09 -46.36 38.88
C LEU A 634 7.50 -46.13 37.43
N ALA A 635 6.65 -46.52 36.48
CA ALA A 635 6.95 -46.29 35.07
C ALA A 635 7.05 -44.79 34.77
N GLU A 636 6.26 -43.97 35.45
CA GLU A 636 6.34 -42.52 35.25
C GLU A 636 7.72 -41.99 35.67
N ARG A 637 8.23 -42.45 36.81
CA ARG A 637 9.55 -42.01 37.23
C ARG A 637 10.64 -42.57 36.32
N ILE A 638 10.47 -43.81 35.85
CA ILE A 638 11.43 -44.38 34.91
C ILE A 638 11.52 -43.54 33.66
N LEU A 639 10.36 -43.13 33.12
CA LEU A 639 10.37 -42.30 31.92
C LEU A 639 10.86 -40.89 32.21
N GLU A 640 10.61 -40.38 33.42
CA GLU A 640 11.12 -39.07 33.80
C GLU A 640 12.63 -39.08 33.97
N ALA A 641 13.23 -40.23 34.25
CA ALA A 641 14.68 -40.32 34.39
C ALA A 641 15.38 -40.16 33.03
N VAL A 642 15.03 -41.02 32.08
CA VAL A 642 15.65 -41.00 30.75
C VAL A 642 15.01 -39.93 29.89
N ASP A 643 14.11 -39.14 30.49
CA ASP A 643 13.42 -38.05 29.79
C ASP A 643 12.67 -38.57 28.57
N TYR A 644 11.98 -39.70 28.74
CA TYR A 644 11.18 -40.34 27.69
C TYR A 644 12.06 -40.67 26.47
N ASP A 645 12.91 -41.67 26.67
CA ASP A 645 13.83 -42.11 25.62
C ASP A 645 14.11 -43.60 25.81
N LEU A 646 13.80 -44.40 24.79
CA LEU A 646 14.05 -45.83 24.86
C LEU A 646 15.54 -46.14 24.72
N GLU A 647 16.26 -45.34 23.93
CA GLU A 647 17.69 -45.59 23.73
C GLU A 647 18.50 -45.25 24.99
N ARG A 648 18.13 -44.16 25.67
CA ARG A 648 18.77 -43.87 26.96
C ARG A 648 18.50 -44.98 27.97
N LEU A 649 17.34 -45.63 27.88
CA LEU A 649 17.03 -46.74 28.78
C LEU A 649 17.86 -47.97 28.45
N ALA A 650 17.94 -48.32 27.16
CA ALA A 650 18.73 -49.46 26.73
C ALA A 650 20.22 -49.23 26.85
N SER A 651 20.66 -47.98 27.01
CA SER A 651 22.08 -47.65 27.04
C SER A 651 22.77 -48.09 28.33
N LEU A 652 22.46 -47.39 29.43
CA LEU A 652 23.21 -47.53 30.66
C LEU A 652 23.07 -48.92 31.26
N ASN A 653 23.97 -49.22 32.20
CA ASN A 653 23.95 -50.50 32.90
C ASN A 653 22.76 -50.54 33.87
N PRO A 654 22.17 -51.73 34.09
CA PRO A 654 21.05 -51.83 35.02
C PRO A 654 21.34 -51.26 36.41
N GLU A 655 22.57 -51.38 36.89
CA GLU A 655 22.92 -50.88 38.21
C GLU A 655 22.72 -49.37 38.32
N GLU A 656 22.75 -48.65 37.19
CA GLU A 656 22.50 -47.21 37.21
C GLU A 656 21.04 -46.86 37.33
N LEU A 657 20.13 -47.84 37.25
CA LEU A 657 18.71 -47.53 37.34
C LEU A 657 18.31 -47.18 38.76
N ALA A 658 18.54 -48.10 39.70
CA ALA A 658 18.26 -47.83 41.11
C ALA A 658 19.03 -46.62 41.64
N GLU A 659 20.11 -46.23 40.97
CA GLU A 659 20.83 -45.01 41.35
C GLU A 659 20.01 -43.77 41.01
N LYS A 660 19.36 -43.75 39.84
CA LYS A 660 18.61 -42.57 39.41
C LYS A 660 17.17 -42.60 39.90
N VAL A 661 16.47 -43.71 39.68
CA VAL A 661 15.06 -43.83 40.06
C VAL A 661 14.97 -44.45 41.44
N GLU A 662 14.33 -43.73 42.37
CA GLU A 662 14.11 -44.27 43.70
C GLU A 662 12.89 -45.19 43.70
N GLY A 663 12.88 -46.11 44.67
CA GLY A 663 11.81 -47.08 44.74
C GLY A 663 11.84 -48.12 43.63
N LEU A 664 13.03 -48.48 43.16
CA LEU A 664 13.19 -49.46 42.09
C LEU A 664 14.20 -50.52 42.53
N GLY A 665 13.77 -51.78 42.52
CA GLY A 665 14.67 -52.86 42.87
C GLY A 665 15.62 -53.19 41.73
N GLU A 666 16.80 -53.71 42.11
CA GLU A 666 17.81 -54.03 41.12
C GLU A 666 17.45 -55.28 40.31
N GLU A 667 16.50 -56.08 40.80
CA GLU A 667 16.06 -57.24 40.03
C GLU A 667 15.26 -56.81 38.81
N LEU A 668 14.42 -55.78 38.95
CA LEU A 668 13.64 -55.26 37.83
C LEU A 668 14.48 -54.43 36.88
N ALA A 669 15.61 -53.87 37.35
CA ALA A 669 16.43 -53.01 36.49
C ALA A 669 17.03 -53.79 35.33
N GLU A 670 17.52 -55.00 35.60
CA GLU A 670 18.10 -55.82 34.54
C GLU A 670 17.05 -56.18 33.50
N ARG A 671 15.84 -56.52 33.95
CA ARG A 671 14.77 -56.85 33.01
C ARG A 671 14.36 -55.63 32.20
N VAL A 672 14.33 -54.45 32.83
CA VAL A 672 14.00 -53.22 32.12
C VAL A 672 15.03 -52.96 31.01
N VAL A 673 16.32 -53.04 31.36
CA VAL A 673 17.36 -52.78 30.38
C VAL A 673 17.34 -53.83 29.27
N TYR A 674 17.05 -55.09 29.63
CA TYR A 674 16.99 -56.15 28.63
C TYR A 674 15.85 -55.92 27.64
N ALA A 675 14.66 -55.60 28.16
CA ALA A 675 13.53 -55.33 27.28
C ALA A 675 13.78 -54.10 26.43
N ALA A 676 14.44 -53.09 26.98
CA ALA A 676 14.73 -51.88 26.21
C ALA A 676 15.71 -52.17 25.08
N ARG A 677 16.75 -52.97 25.36
CA ARG A 677 17.69 -53.33 24.31
C ARG A 677 17.03 -54.20 23.24
N GLU A 678 16.18 -55.14 23.66
CA GLU A 678 15.44 -55.94 22.69
C GLU A 678 14.57 -55.07 21.80
N ARG A 679 13.88 -54.09 22.39
CA ARG A 679 13.00 -53.23 21.60
C ARG A 679 13.80 -52.34 20.66
N VAL A 680 14.91 -51.76 21.12
CA VAL A 680 15.68 -50.87 20.25
C VAL A 680 16.40 -51.66 19.17
N GLU A 681 16.67 -52.96 19.38
CA GLU A 681 17.21 -53.77 18.30
C GLU A 681 16.12 -54.17 17.31
N SER A 682 14.90 -54.45 17.79
CA SER A 682 13.80 -54.75 16.89
C SER A 682 13.32 -53.53 16.12
N ARG A 683 13.60 -52.32 16.62
CA ARG A 683 13.19 -51.11 15.93
C ARG A 683 14.13 -50.76 14.80
N ARG A 684 15.43 -50.67 15.10
CA ARG A 684 16.43 -50.32 14.09
C ARG A 684 16.61 -51.41 13.03
N LYS A 685 15.75 -52.43 12.97
CA LYS A 685 15.81 -53.43 11.93
C LYS A 685 14.77 -53.21 10.84
N SER A 686 13.83 -52.30 11.04
CA SER A 686 12.80 -51.97 10.06
C SER A 686 13.13 -50.70 9.28
N GLY A 687 13.50 -49.63 9.98
CA GLY A 687 13.90 -48.39 9.35
C GLY A 687 15.36 -48.35 8.95
N ARG A 688 16.06 -49.47 9.06
CA ARG A 688 17.47 -49.56 8.69
C ARG A 688 17.63 -49.47 7.18
N GLN A 689 17.42 -48.28 6.62
CA GLN A 689 17.44 -48.09 5.18
C GLN A 689 18.39 -46.96 4.84
N GLU A 690 19.30 -47.22 3.89
CA GLU A 690 20.14 -46.21 3.28
C GLU A 690 20.04 -46.41 1.78
N ARG A 691 19.67 -45.35 1.05
CA ARG A 691 19.38 -45.48 -0.37
C ARG A 691 20.57 -46.05 -1.13
N SER A 692 20.27 -46.96 -2.05
CA SER A 692 21.28 -47.56 -2.91
C SER A 692 21.61 -46.60 -4.04
N GLU A 693 22.44 -47.04 -4.99
CA GLU A 693 22.79 -46.19 -6.11
C GLU A 693 21.58 -45.89 -6.97
N GLU A 694 20.83 -46.92 -7.37
CA GLU A 694 19.66 -46.70 -8.20
C GLU A 694 18.61 -45.89 -7.46
N GLU A 695 18.47 -46.09 -6.15
CA GLU A 695 17.50 -45.32 -5.38
C GLU A 695 17.90 -43.86 -5.31
N TRP A 696 19.19 -43.57 -5.13
CA TRP A 696 19.64 -42.19 -5.14
C TRP A 696 19.43 -41.55 -6.51
N LYS A 697 19.68 -42.32 -7.57
CA LYS A 697 19.45 -41.81 -8.92
C LYS A 697 17.98 -41.45 -9.12
N GLU A 698 17.08 -42.33 -8.68
CA GLU A 698 15.65 -42.07 -8.84
C GLU A 698 15.21 -40.88 -7.99
N TRP A 699 15.75 -40.76 -6.77
CA TRP A 699 15.38 -39.63 -5.92
C TRP A 699 15.87 -38.31 -6.52
N LEU A 700 17.07 -38.31 -7.11
CA LEU A 700 17.56 -37.12 -7.78
C LEU A 700 16.70 -36.78 -9.00
N GLU A 701 16.35 -37.79 -9.80
CA GLU A 701 15.48 -37.55 -10.93
C GLU A 701 14.13 -36.99 -10.50
N ARG A 702 13.67 -37.38 -9.31
CA ARG A 702 12.41 -36.84 -8.81
C ARG A 702 12.56 -35.40 -8.31
N LYS A 703 13.67 -35.09 -7.64
CA LYS A 703 13.81 -33.77 -7.03
C LYS A 703 14.08 -32.70 -8.08
N VAL A 704 15.19 -32.84 -8.82
CA VAL A 704 15.66 -31.79 -9.71
C VAL A 704 15.43 -32.14 -11.18
N GLY A 705 14.69 -33.20 -11.46
CA GLY A 705 14.39 -33.55 -12.83
C GLY A 705 15.47 -34.41 -13.46
N GLU A 706 15.09 -35.09 -14.54
CA GLU A 706 15.99 -36.03 -15.21
C GLU A 706 17.30 -35.38 -15.62
N GLY A 707 17.21 -34.26 -16.35
CA GLY A 707 18.42 -33.66 -16.90
C GLY A 707 19.41 -33.22 -15.84
N ARG A 708 18.95 -32.43 -14.87
CA ARG A 708 19.84 -31.98 -13.81
C ARG A 708 20.31 -33.13 -12.95
N ALA A 709 19.50 -34.18 -12.78
CA ALA A 709 19.94 -35.34 -12.02
C ALA A 709 21.12 -36.02 -12.68
N ARG A 710 21.00 -36.33 -13.98
CA ARG A 710 22.12 -36.96 -14.67
C ARG A 710 23.31 -36.00 -14.79
N ARG A 711 23.04 -34.70 -14.83
CA ARG A 711 24.12 -33.71 -14.82
C ARG A 711 24.92 -33.78 -13.53
N LEU A 712 24.23 -33.84 -12.39
CA LEU A 712 24.91 -33.97 -11.10
C LEU A 712 25.63 -35.31 -10.99
N ILE A 713 25.01 -36.38 -11.49
CA ILE A 713 25.65 -37.70 -11.44
C ILE A 713 26.94 -37.69 -12.25
N GLU A 714 26.94 -37.01 -13.40
CA GLU A 714 28.15 -36.93 -14.21
C GLU A 714 29.20 -36.04 -13.55
N TYR A 715 28.78 -34.96 -12.89
CA TYR A 715 29.75 -34.05 -12.30
C TYR A 715 30.52 -34.72 -11.17
N PHE A 716 29.83 -35.44 -10.30
CA PHE A 716 30.46 -36.13 -9.20
C PHE A 716 30.67 -37.58 -9.59
N GLY A 717 31.03 -38.42 -8.63
CA GLY A 717 31.25 -39.82 -8.91
C GLY A 717 29.99 -40.54 -9.36
N SER A 718 29.08 -40.75 -8.43
CA SER A 718 27.82 -41.45 -8.69
C SER A 718 26.72 -40.74 -7.92
N ALA A 719 25.47 -41.19 -8.12
CA ALA A 719 24.36 -40.62 -7.38
C ALA A 719 24.56 -40.76 -5.88
N GLY A 720 25.30 -41.78 -5.45
CA GLY A 720 25.58 -41.94 -4.04
C GLY A 720 26.36 -40.76 -3.47
N GLU A 721 27.35 -40.27 -4.23
CA GLU A 721 28.10 -39.11 -3.77
C GLU A 721 27.23 -37.87 -3.69
N VAL A 722 26.31 -37.71 -4.64
CA VAL A 722 25.38 -36.59 -4.60
C VAL A 722 24.51 -36.69 -3.35
N GLY A 723 24.03 -37.89 -3.03
CA GLY A 723 23.25 -38.06 -1.82
C GLY A 723 24.05 -37.79 -0.56
N LYS A 724 25.32 -38.19 -0.56
CA LYS A 724 26.19 -37.91 0.58
C LYS A 724 26.38 -36.41 0.76
N LEU A 725 26.51 -35.68 -0.35
CA LEU A 725 26.62 -34.22 -0.26
C LEU A 725 25.33 -33.59 0.23
N VAL A 726 24.18 -34.15 -0.19
CA VAL A 726 22.89 -33.64 0.24
C VAL A 726 22.71 -33.83 1.73
N GLU A 727 23.03 -35.03 2.23
CA GLU A 727 22.83 -35.32 3.65
C GLU A 727 23.72 -34.44 4.53
N ASN A 728 24.87 -34.02 4.03
CA ASN A 728 25.76 -33.14 4.76
C ASN A 728 25.52 -31.67 4.43
N ALA A 729 24.51 -31.36 3.61
CA ALA A 729 24.16 -29.99 3.25
C ALA A 729 25.35 -29.26 2.63
N GLU A 730 25.97 -29.91 1.64
CA GLU A 730 27.09 -29.31 0.91
C GLU A 730 26.54 -28.42 -0.21
N VAL A 731 26.02 -27.27 0.22
CA VAL A 731 25.40 -26.34 -0.73
C VAL A 731 26.45 -25.79 -1.70
N SER A 732 27.61 -25.39 -1.16
CA SER A 732 28.62 -24.77 -2.01
C SER A 732 29.12 -25.74 -3.09
N LYS A 733 29.36 -27.01 -2.71
CA LYS A 733 29.84 -27.97 -3.69
C LYS A 733 28.76 -28.33 -4.70
N LEU A 734 27.49 -28.31 -4.30
CA LEU A 734 26.43 -28.57 -5.27
C LEU A 734 26.25 -27.41 -6.24
N LEU A 735 26.45 -26.18 -5.77
CA LEU A 735 26.22 -25.01 -6.62
C LEU A 735 27.30 -24.86 -7.69
N GLU A 736 28.52 -25.33 -7.42
CA GLU A 736 29.62 -25.14 -8.37
C GLU A 736 29.39 -25.89 -9.67
N VAL A 737 28.50 -26.87 -9.68
CA VAL A 737 28.15 -27.61 -10.89
C VAL A 737 27.45 -26.66 -11.85
N PRO A 738 27.94 -26.52 -13.08
CA PRO A 738 27.22 -25.69 -14.07
C PRO A 738 25.92 -26.35 -14.47
N GLY A 739 24.82 -25.59 -14.40
CA GLY A 739 23.51 -26.12 -14.64
C GLY A 739 22.67 -26.29 -13.38
N ILE A 740 23.29 -26.19 -12.21
CA ILE A 740 22.60 -26.32 -10.93
C ILE A 740 22.57 -24.96 -10.25
N GLY A 741 21.36 -24.46 -9.97
CA GLY A 741 21.21 -23.17 -9.33
C GLY A 741 20.54 -23.23 -7.98
N ASP A 742 20.11 -22.08 -7.45
CA ASP A 742 19.48 -22.06 -6.14
C ASP A 742 18.16 -22.82 -6.14
N GLU A 743 17.35 -22.67 -7.19
CA GLU A 743 16.06 -23.34 -7.22
C GLU A 743 16.18 -24.87 -7.43
N ALA A 744 17.40 -25.40 -7.45
CA ALA A 744 17.64 -26.84 -7.46
C ALA A 744 18.32 -27.32 -6.19
N VAL A 745 19.29 -26.56 -5.67
CA VAL A 745 19.87 -26.88 -4.38
C VAL A 745 18.81 -26.79 -3.29
N ALA A 746 18.01 -25.73 -3.31
CA ALA A 746 16.90 -25.61 -2.37
C ALA A 746 15.91 -26.75 -2.54
N ARG A 747 15.78 -27.28 -3.75
CA ARG A 747 14.94 -28.46 -3.95
C ARG A 747 15.58 -29.71 -3.34
N LEU A 748 16.92 -29.75 -3.31
CA LEU A 748 17.65 -30.88 -2.75
C LEU A 748 17.85 -30.77 -1.25
N VAL A 749 18.29 -29.62 -0.76
CA VAL A 749 18.66 -29.43 0.64
C VAL A 749 17.49 -28.77 1.35
N PRO A 750 16.75 -29.50 2.18
CA PRO A 750 15.62 -28.89 2.90
C PRO A 750 16.09 -27.79 3.83
N GLY A 751 15.40 -26.65 3.80
CA GLY A 751 15.73 -25.51 4.62
C GLY A 751 16.60 -24.47 3.94
N TYR A 752 17.16 -24.79 2.76
CA TYR A 752 18.03 -23.83 2.09
C TYR A 752 17.25 -22.60 1.61
N LYS A 753 16.04 -22.82 1.08
CA LYS A 753 15.24 -21.71 0.55
C LYS A 753 14.89 -20.72 1.66
N THR A 754 14.52 -21.23 2.84
CA THR A 754 14.16 -20.35 3.95
C THR A 754 15.34 -19.51 4.40
N LEU A 755 16.52 -20.14 4.52
CA LEU A 755 17.70 -19.40 4.91
C LEU A 755 18.12 -18.38 3.86
N ARG A 756 17.90 -18.70 2.59
CA ARG A 756 18.22 -17.74 1.53
C ARG A 756 17.28 -16.54 1.58
N ASP A 757 15.97 -16.80 1.74
CA ASP A 757 15.01 -15.70 1.85
C ASP A 757 15.27 -14.84 3.07
N ALA A 758 15.99 -15.35 4.07
CA ALA A 758 16.37 -14.56 5.23
C ALA A 758 17.59 -13.68 4.97
N GLY A 759 18.15 -13.71 3.77
CA GLY A 759 19.29 -12.90 3.43
C GLY A 759 20.63 -13.55 3.63
N LEU A 760 20.67 -14.84 3.96
CA LEU A 760 21.94 -15.52 4.17
C LEU A 760 22.56 -15.95 2.85
N THR A 761 23.87 -15.76 2.75
CA THR A 761 24.61 -16.25 1.60
C THR A 761 24.64 -17.78 1.61
N PRO A 762 24.87 -18.42 0.46
CA PRO A 762 24.93 -19.90 0.45
C PRO A 762 25.95 -20.46 1.43
N ALA A 763 27.10 -19.80 1.61
CA ALA A 763 28.07 -20.27 2.59
C ALA A 763 27.53 -20.12 4.01
N GLU A 764 26.87 -19.00 4.31
CA GLU A 764 26.30 -18.81 5.63
C GLU A 764 25.17 -19.79 5.91
N ALA A 765 24.30 -20.02 4.93
CA ALA A 765 23.24 -21.02 5.10
C ALA A 765 23.84 -22.41 5.27
N GLU A 766 24.93 -22.70 4.57
CA GLU A 766 25.59 -23.98 4.71
C GLU A 766 26.14 -24.16 6.12
N ARG A 767 26.81 -23.13 6.64
CA ARG A 767 27.33 -23.19 8.01
C ARG A 767 26.21 -23.38 9.02
N VAL A 768 25.10 -22.66 8.85
CA VAL A 768 24.00 -22.76 9.80
C VAL A 768 23.39 -24.16 9.77
N LEU A 769 23.17 -24.69 8.56
CA LEU A 769 22.59 -26.03 8.43
C LEU A 769 23.53 -27.09 9.01
N LYS A 770 24.84 -26.91 8.83
CA LYS A 770 25.79 -27.85 9.40
C LYS A 770 25.83 -27.75 10.92
N ARG A 771 25.62 -26.55 11.46
CA ARG A 771 25.73 -26.36 12.91
C ARG A 771 24.48 -26.84 13.64
N TYR A 772 23.29 -26.66 13.06
CA TYR A 772 22.05 -26.96 13.76
C TYR A 772 21.20 -28.07 13.15
N GLY A 773 21.49 -28.50 11.93
CA GLY A 773 20.77 -29.59 11.30
C GLY A 773 19.61 -29.21 10.40
N SER A 774 18.77 -28.28 10.84
CA SER A 774 17.65 -27.81 10.03
C SER A 774 17.19 -26.46 10.55
N VAL A 775 16.38 -25.77 9.74
CA VAL A 775 15.94 -24.43 10.09
C VAL A 775 15.10 -24.44 11.35
N SER A 776 14.27 -25.47 11.53
CA SER A 776 13.45 -25.57 12.72
C SER A 776 14.31 -25.58 13.98
N LYS A 777 15.35 -26.43 14.01
CA LYS A 777 16.25 -26.45 15.16
C LYS A 777 16.95 -25.11 15.36
N VAL A 778 17.20 -24.37 14.29
CA VAL A 778 17.78 -23.04 14.42
C VAL A 778 16.81 -22.13 15.15
N GLN A 779 15.54 -22.15 14.75
CA GLN A 779 14.55 -21.27 15.37
C GLN A 779 14.34 -21.61 16.83
N GLU A 780 14.12 -22.89 17.14
CA GLU A 780 13.90 -23.32 18.52
C GLU A 780 15.18 -23.89 19.13
N GLY A 781 16.22 -23.07 19.16
CA GLY A 781 17.45 -23.52 19.77
C GLY A 781 18.66 -22.60 19.66
N ALA A 782 18.80 -21.90 18.54
CA ALA A 782 19.97 -21.06 18.33
C ALA A 782 19.82 -19.75 19.06
N THR A 783 20.91 -19.31 19.69
CA THR A 783 20.98 -18.04 20.41
C THR A 783 21.68 -16.99 19.55
N PRO A 784 21.37 -15.70 19.75
CA PRO A 784 21.99 -14.68 18.89
C PRO A 784 23.51 -14.65 18.98
N ASP A 785 24.07 -14.92 20.16
CA ASP A 785 25.53 -14.96 20.28
C ASP A 785 26.11 -16.15 19.51
N GLU A 786 25.40 -17.29 19.54
CA GLU A 786 25.85 -18.45 18.77
C GLU A 786 25.95 -18.12 17.29
N LEU A 787 24.87 -17.55 16.72
CA LEU A 787 24.90 -17.18 15.31
C LEU A 787 25.92 -16.09 15.04
N ARG A 788 26.17 -15.22 16.01
CA ARG A 788 27.24 -14.24 15.86
C ARG A 788 28.61 -14.91 15.78
N GLU A 789 28.77 -16.05 16.46
CA GLU A 789 30.01 -16.81 16.34
C GLU A 789 30.16 -17.42 14.95
N LEU A 790 29.05 -17.74 14.29
CA LEU A 790 29.07 -18.30 12.95
C LEU A 790 29.25 -17.25 11.86
N GLY A 791 29.41 -15.97 12.22
CA GLY A 791 29.64 -14.93 11.26
C GLY A 791 28.42 -14.23 10.71
N LEU A 792 27.24 -14.46 11.30
CA LEU A 792 26.02 -13.83 10.83
C LEU A 792 25.84 -12.47 11.48
N GLY A 793 25.42 -11.49 10.68
CA GLY A 793 25.10 -10.19 11.21
C GLY A 793 23.81 -10.22 12.03
N ASP A 794 23.67 -9.21 12.90
CA ASP A 794 22.51 -9.16 13.78
C ASP A 794 21.21 -9.05 12.99
N ALA A 795 21.23 -8.39 11.83
CA ALA A 795 20.03 -8.29 11.01
C ALA A 795 19.60 -9.66 10.51
N LYS A 796 20.55 -10.45 10.00
CA LYS A 796 20.24 -11.80 9.54
C LYS A 796 19.76 -12.67 10.71
N ILE A 797 20.36 -12.47 11.89
CA ILE A 797 19.93 -13.23 13.07
C ILE A 797 18.48 -12.92 13.41
N ALA A 798 18.14 -11.63 13.41
CA ALA A 798 16.76 -11.22 13.67
C ALA A 798 15.82 -11.81 12.62
N ARG A 799 16.25 -11.84 11.36
CA ARG A 799 15.40 -12.39 10.31
C ARG A 799 15.17 -13.89 10.52
N ILE A 800 16.22 -14.63 10.85
CA ILE A 800 16.10 -16.07 10.89
C ILE A 800 15.42 -16.54 12.17
N LEU A 801 15.56 -15.80 13.27
CA LEU A 801 14.95 -16.19 14.53
C LEU A 801 13.51 -15.72 14.69
N GLY A 802 12.97 -14.99 13.71
CA GLY A 802 11.60 -14.53 13.79
C GLY A 802 11.39 -13.29 14.60
N LEU A 803 12.45 -12.53 14.87
CA LEU A 803 12.40 -11.34 15.72
C LEU A 803 12.15 -10.05 14.92
N ARG A 804 11.55 -10.15 13.74
CA ARG A 804 11.34 -8.98 12.90
C ARG A 804 10.45 -7.95 13.59
N SER A 805 9.33 -8.40 14.15
CA SER A 805 8.38 -7.47 14.75
C SER A 805 8.97 -6.78 15.97
N LEU A 806 9.75 -7.51 16.78
CA LEU A 806 10.33 -6.91 17.98
C LEU A 806 11.44 -5.93 17.64
N VAL A 807 12.27 -6.26 16.64
CA VAL A 807 13.34 -5.36 16.24
C VAL A 807 12.76 -4.13 15.54
N ASN A 808 11.62 -4.26 14.86
CA ASN A 808 10.95 -3.11 14.28
C ASN A 808 10.52 -2.11 15.34
N ALA A 809 10.38 -2.54 16.59
CA ALA A 809 10.13 -1.65 17.71
C ALA A 809 11.39 -1.01 18.26
N ARG A 810 12.44 -0.91 17.44
CA ARG A 810 13.71 -0.29 17.81
C ARG A 810 14.36 -0.97 19.01
N LEU A 811 14.20 -2.29 19.11
CA LEU A 811 14.85 -3.09 20.13
C LEU A 811 15.95 -3.92 19.48
N ASP A 812 17.10 -4.02 20.16
CA ASP A 812 18.20 -4.81 19.63
C ASP A 812 17.85 -6.31 19.68
N VAL A 813 18.67 -7.10 19.00
CA VAL A 813 18.38 -8.52 18.85
C VAL A 813 18.48 -9.25 20.19
N ASP A 814 19.39 -8.82 21.07
CA ASP A 814 19.56 -9.49 22.35
C ASP A 814 18.33 -9.33 23.22
N THR A 815 17.83 -8.10 23.37
CA THR A 815 16.64 -7.88 24.19
C THR A 815 15.41 -8.54 23.58
N ALA A 816 15.32 -8.58 22.25
CA ALA A 816 14.19 -9.26 21.62
C ALA A 816 14.25 -10.76 21.84
N TYR A 817 15.44 -11.35 21.75
CA TYR A 817 15.58 -12.78 22.04
C TYR A 817 15.31 -13.07 23.50
N GLU A 818 15.64 -12.13 24.40
CA GLU A 818 15.34 -12.34 25.81
C GLU A 818 13.84 -12.26 26.06
N LEU A 819 13.15 -11.32 25.40
CA LEU A 819 11.70 -11.26 25.50
C LEU A 819 11.02 -12.45 24.85
N ALA A 820 11.70 -13.12 23.91
CA ALA A 820 11.15 -14.35 23.36
C ALA A 820 11.45 -15.55 24.26
N ARG A 821 12.53 -15.49 25.03
CA ARG A 821 12.90 -16.60 25.91
C ARG A 821 12.13 -16.55 27.22
N ARG A 822 12.21 -15.42 27.93
CA ARG A 822 11.52 -15.26 29.22
C ARG A 822 10.01 -15.08 29.07
N TYR A 823 9.48 -15.21 27.87
CA TYR A 823 8.04 -15.19 27.63
C TYR A 823 7.63 -16.36 26.74
N GLY A 824 6.82 -16.08 25.73
CA GLY A 824 6.44 -17.10 24.78
C GLY A 824 6.68 -16.66 23.34
N SER A 825 5.62 -16.38 22.60
CA SER A 825 5.72 -15.91 21.23
C SER A 825 5.83 -14.38 21.23
N VAL A 826 5.78 -13.79 20.03
CA VAL A 826 5.80 -12.33 19.93
C VAL A 826 4.53 -11.73 20.52
N SER A 827 3.39 -12.39 20.30
CA SER A 827 2.14 -11.90 20.88
C SER A 827 2.19 -11.91 22.40
N ALA A 828 3.02 -12.78 22.98
CA ALA A 828 3.18 -12.78 24.44
C ALA A 828 3.85 -11.51 24.93
N VAL A 829 4.69 -10.89 24.09
CA VAL A 829 5.29 -9.61 24.45
C VAL A 829 4.38 -8.45 24.03
N ARG A 830 3.59 -8.62 22.97
CA ARG A 830 2.66 -7.58 22.56
C ARG A 830 1.66 -7.27 23.67
N ALA A 831 1.12 -8.30 24.31
CA ALA A 831 0.24 -8.16 25.46
C ALA A 831 0.99 -8.71 26.68
N ALA A 832 1.77 -7.83 27.30
CA ALA A 832 2.63 -8.19 28.42
C ALA A 832 2.37 -7.26 29.58
N PRO A 833 2.68 -7.70 30.82
CA PRO A 833 2.58 -6.80 31.98
C PRO A 833 3.43 -5.55 31.81
N VAL A 834 2.76 -4.39 31.69
CA VAL A 834 3.45 -3.14 31.42
C VAL A 834 4.47 -2.82 32.50
N ALA A 835 4.20 -3.23 33.74
CA ALA A 835 5.14 -2.98 34.83
C ALA A 835 6.31 -3.96 34.80
N GLU A 836 6.04 -5.22 34.41
CA GLU A 836 7.11 -6.21 34.35
C GLU A 836 8.12 -5.88 33.25
N LEU A 837 7.69 -5.15 32.22
CA LEU A 837 8.64 -4.71 31.21
C LEU A 837 9.55 -3.62 31.76
N ARG A 838 9.00 -2.72 32.59
CA ARG A 838 9.85 -1.76 33.29
C ARG A 838 10.78 -2.46 34.28
N GLU A 839 10.34 -3.61 34.83
CA GLU A 839 11.20 -4.38 35.71
C GLU A 839 12.46 -4.85 34.97
N LEU A 840 12.32 -5.22 33.70
CA LEU A 840 13.43 -5.72 32.90
C LEU A 840 14.32 -4.61 32.34
N GLY A 841 14.08 -3.35 32.71
CA GLY A 841 14.93 -2.27 32.27
C GLY A 841 14.59 -1.67 30.93
N LEU A 842 13.31 -1.64 30.55
CA LEU A 842 12.89 -1.05 29.29
C LEU A 842 12.29 0.33 29.54
N SER A 843 12.63 1.27 28.67
CA SER A 843 12.12 2.63 28.79
C SER A 843 10.63 2.67 28.48
N ASP A 844 9.99 3.77 28.90
CA ASP A 844 8.56 3.94 28.61
C ASP A 844 8.31 4.07 27.12
N ARG A 845 9.20 4.76 26.40
CA ARG A 845 9.06 4.86 24.96
C ARG A 845 9.23 3.50 24.29
N ALA A 846 10.19 2.70 24.78
CA ALA A 846 10.37 1.36 24.23
C ALA A 846 9.14 0.50 24.44
N ILE A 847 8.53 0.57 25.62
CA ILE A 847 7.33 -0.21 25.90
C ILE A 847 6.16 0.29 25.06
N ALA A 848 6.05 1.60 24.88
CA ALA A 848 5.00 2.15 24.03
C ALA A 848 5.15 1.66 22.60
N ARG A 849 6.38 1.62 22.08
CA ARG A 849 6.60 1.09 20.74
C ARG A 849 6.34 -0.41 20.68
N ILE A 850 6.65 -1.14 21.76
CA ILE A 850 6.30 -2.56 21.83
C ILE A 850 4.81 -2.76 21.70
N ALA A 851 4.02 -1.94 22.40
CA ALA A 851 2.56 -2.06 22.33
C ALA A 851 2.05 -1.72 20.93
N GLY A 852 2.69 -0.76 20.27
CA GLY A 852 2.27 -0.35 18.93
C GLY A 852 2.68 -1.34 17.86
N LEU B 3 3.45 -44.47 -13.71
CA LEU B 3 3.92 -43.49 -14.68
C LEU B 3 2.76 -42.80 -15.40
N VAL B 4 2.44 -43.28 -16.59
CA VAL B 4 1.45 -42.65 -17.45
C VAL B 4 0.08 -43.30 -17.23
N TYR B 5 -0.90 -42.48 -16.89
CA TYR B 5 -2.31 -42.87 -16.88
C TYR B 5 -3.01 -42.15 -18.02
N ASP B 6 -3.54 -42.91 -18.97
CA ASP B 6 -4.15 -42.29 -20.14
C ASP B 6 -5.20 -43.23 -20.73
N ALA B 7 -6.21 -42.61 -21.33
CA ALA B 7 -7.28 -43.33 -22.02
C ALA B 7 -8.02 -42.32 -22.88
N GLU B 8 -8.38 -42.73 -24.10
CA GLU B 8 -9.07 -41.87 -25.04
C GLU B 8 -10.46 -42.43 -25.30
N PHE B 9 -11.48 -41.58 -25.17
CA PHE B 9 -12.84 -41.99 -25.47
C PHE B 9 -13.10 -41.79 -26.95
N VAL B 10 -13.45 -42.87 -27.64
CA VAL B 10 -13.75 -42.81 -29.06
C VAL B 10 -15.16 -43.33 -29.28
N GLY B 11 -16.15 -42.47 -29.09
CA GLY B 11 -17.53 -42.87 -29.22
C GLY B 11 -18.42 -41.68 -29.49
N SER B 12 -19.71 -41.96 -29.54
CA SER B 12 -20.70 -40.93 -29.83
C SER B 12 -20.96 -40.05 -28.62
N GLU B 13 -21.67 -38.94 -28.85
CA GLU B 13 -22.05 -38.06 -27.75
C GLU B 13 -22.98 -38.78 -26.77
N ARG B 14 -23.88 -39.61 -27.29
CA ARG B 14 -24.79 -40.35 -26.43
C ARG B 14 -24.02 -41.29 -25.51
N GLU B 15 -23.09 -42.07 -26.09
CA GLU B 15 -22.26 -42.96 -25.29
C GLU B 15 -21.39 -42.17 -24.32
N PHE B 16 -20.92 -40.99 -24.73
CA PHE B 16 -20.13 -40.15 -23.85
C PHE B 16 -20.92 -39.76 -22.60
N GLU B 17 -22.16 -39.30 -22.80
CA GLU B 17 -23.00 -38.95 -21.67
C GLU B 17 -23.32 -40.16 -20.81
N GLU B 18 -23.57 -41.31 -21.44
CA GLU B 18 -23.80 -42.54 -20.69
C GLU B 18 -22.64 -42.87 -19.78
N GLU B 19 -21.42 -42.85 -20.33
CA GLU B 19 -20.24 -43.19 -19.54
C GLU B 19 -19.97 -42.17 -18.45
N ARG B 20 -20.19 -40.87 -18.75
CA ARG B 20 -20.00 -39.86 -17.73
C ARG B 20 -20.96 -40.07 -16.56
N GLU B 21 -22.23 -40.33 -16.86
CA GLU B 21 -23.21 -40.54 -15.80
C GLU B 21 -22.87 -41.79 -14.99
N THR B 22 -22.52 -42.89 -15.66
CA THR B 22 -22.15 -44.12 -14.97
C THR B 22 -20.95 -43.90 -14.06
N PHE B 23 -19.92 -43.22 -14.56
CA PHE B 23 -18.71 -43.01 -13.77
C PHE B 23 -18.98 -42.09 -12.59
N LEU B 24 -19.81 -41.04 -12.78
CA LEU B 24 -20.12 -40.15 -11.68
C LEU B 24 -20.92 -40.87 -10.60
N LYS B 25 -21.83 -41.75 -10.99
CA LYS B 25 -22.58 -42.53 -10.00
C LYS B 25 -21.66 -43.50 -9.27
N GLY B 26 -20.73 -44.14 -9.98
CA GLY B 26 -19.75 -44.98 -9.30
C GLY B 26 -18.87 -44.19 -8.34
N VAL B 27 -18.52 -42.96 -8.71
CA VAL B 27 -17.75 -42.10 -7.82
C VAL B 27 -18.55 -41.77 -6.57
N LYS B 28 -19.84 -41.49 -6.73
CA LYS B 28 -20.68 -41.24 -5.56
C LYS B 28 -20.76 -42.47 -4.67
N ALA B 29 -20.82 -43.66 -5.27
CA ALA B 29 -20.85 -44.89 -4.49
C ALA B 29 -19.56 -45.08 -3.69
N TYR B 30 -18.41 -44.86 -4.33
CA TYR B 30 -17.14 -45.00 -3.61
C TYR B 30 -16.97 -43.91 -2.57
N ASP B 31 -17.52 -42.71 -2.83
CA ASP B 31 -17.53 -41.67 -1.81
C ASP B 31 -18.34 -42.11 -0.60
N GLY B 32 -19.47 -42.79 -0.83
CA GLY B 32 -20.21 -43.37 0.27
C GLY B 32 -19.40 -44.40 1.03
N VAL B 33 -18.63 -45.22 0.30
CA VAL B 33 -17.72 -46.17 0.95
C VAL B 33 -16.77 -45.44 1.89
N LEU B 34 -16.10 -44.40 1.37
CA LEU B 34 -15.12 -43.68 2.17
C LEU B 34 -15.77 -42.96 3.35
N ALA B 35 -16.99 -42.45 3.16
CA ALA B 35 -17.68 -41.77 4.27
C ALA B 35 -18.08 -42.75 5.35
N THR B 36 -18.51 -43.96 4.96
CA THR B 36 -18.81 -44.99 5.96
C THR B 36 -17.56 -45.38 6.73
N ARG B 37 -16.42 -45.47 6.04
CA ARG B 37 -15.16 -45.75 6.74
C ARG B 37 -14.80 -44.63 7.71
N TYR B 38 -15.00 -43.38 7.29
CA TYR B 38 -14.72 -42.24 8.15
C TYR B 38 -15.62 -42.26 9.38
N LEU B 39 -16.89 -42.62 9.20
CA LEU B 39 -17.79 -42.72 10.34
C LEU B 39 -17.37 -43.86 11.27
N MET B 40 -16.92 -44.98 10.69
CA MET B 40 -16.45 -46.09 11.51
C MET B 40 -15.26 -45.69 12.36
N GLU B 41 -14.33 -44.93 11.80
CA GLU B 41 -13.13 -44.57 12.53
C GLU B 41 -13.29 -43.35 13.43
N ARG B 42 -14.25 -42.48 13.14
CA ARG B 42 -14.36 -41.20 13.84
C ARG B 42 -14.92 -41.37 15.25
N SER B 43 -15.88 -42.28 15.42
CA SER B 43 -16.52 -42.51 16.71
C SER B 43 -16.59 -44.01 16.97
N SER B 44 -16.07 -44.43 18.12
CA SER B 44 -16.15 -45.83 18.50
C SER B 44 -17.59 -46.29 18.66
N SER B 45 -18.47 -45.38 19.11
CA SER B 45 -19.89 -45.71 19.20
C SER B 45 -20.45 -46.04 17.82
N ALA B 46 -20.04 -45.30 16.79
CA ALA B 46 -20.45 -45.62 15.43
C ALA B 46 -19.80 -46.91 14.94
N LYS B 47 -18.56 -47.18 15.38
CA LYS B 47 -17.91 -48.44 15.01
C LYS B 47 -18.65 -49.63 15.59
N ASN B 48 -19.26 -49.49 16.77
CA ASN B 48 -20.03 -50.58 17.35
C ASN B 48 -21.28 -50.90 16.54
N ASP B 49 -21.82 -49.91 15.82
CA ASP B 49 -23.08 -50.10 15.12
C ASP B 49 -22.90 -51.05 13.93
N GLU B 50 -23.77 -52.07 13.86
CA GLU B 50 -23.74 -53.01 12.74
C GLU B 50 -24.42 -52.45 11.50
N GLU B 51 -25.41 -51.57 11.68
CA GLU B 51 -26.07 -50.94 10.53
C GLU B 51 -25.08 -50.15 9.69
N LEU B 52 -24.08 -49.53 10.34
CA LEU B 52 -23.05 -48.82 9.59
C LEU B 52 -22.22 -49.79 8.74
N LEU B 53 -21.95 -50.98 9.27
CA LEU B 53 -21.24 -51.99 8.49
C LEU B 53 -22.08 -52.46 7.30
N GLU B 54 -23.38 -52.64 7.52
CA GLU B 54 -24.26 -52.99 6.41
C GLU B 54 -24.29 -51.91 5.36
N LEU B 55 -24.29 -50.64 5.78
CA LEU B 55 -24.25 -49.52 4.84
C LEU B 55 -22.94 -49.52 4.05
N HIS B 56 -21.82 -49.79 4.73
CA HIS B 56 -20.53 -49.89 4.05
C HIS B 56 -20.56 -50.98 2.98
N GLN B 57 -21.07 -52.16 3.34
CA GLN B 57 -21.10 -53.26 2.38
C GLN B 57 -22.05 -52.97 1.23
N ASN B 58 -23.18 -52.29 1.50
CA ASN B 58 -24.09 -51.90 0.43
C ASN B 58 -23.43 -50.90 -0.52
N PHE B 59 -22.67 -49.96 0.03
CA PHE B 59 -21.94 -49.02 -0.82
C PHE B 59 -20.91 -49.73 -1.68
N ILE B 60 -20.24 -50.74 -1.11
CA ILE B 60 -19.29 -51.53 -1.90
C ILE B 60 -20.01 -52.25 -3.03
N LEU B 61 -21.16 -52.86 -2.73
CA LEU B 61 -21.93 -53.56 -3.76
C LEU B 61 -22.36 -52.61 -4.87
N LEU B 62 -22.81 -51.41 -4.51
CA LEU B 62 -23.24 -50.46 -5.53
C LEU B 62 -22.06 -49.95 -6.35
N THR B 63 -20.90 -49.78 -5.71
CA THR B 63 -19.70 -49.42 -6.45
C THR B 63 -19.37 -50.49 -7.48
N GLY B 64 -19.43 -51.76 -7.09
CA GLY B 64 -19.20 -52.83 -8.04
C GLY B 64 -20.22 -52.84 -9.16
N SER B 65 -21.51 -52.66 -8.83
CA SER B 65 -22.55 -52.65 -9.84
C SER B 65 -22.33 -51.54 -10.86
N TYR B 66 -21.98 -50.34 -10.38
CA TYR B 66 -21.72 -49.24 -11.31
C TYR B 66 -20.45 -49.46 -12.10
N ALA B 67 -19.45 -50.13 -11.52
CA ALA B 67 -18.24 -50.43 -12.26
C ALA B 67 -18.51 -51.44 -13.38
N CYS B 68 -19.44 -52.37 -13.17
CA CYS B 68 -19.77 -53.34 -14.21
C CYS B 68 -20.42 -52.70 -15.44
N SER B 69 -21.05 -51.55 -15.28
CA SER B 69 -21.76 -50.89 -16.38
C SER B 69 -20.86 -50.01 -17.23
N ILE B 70 -19.57 -49.92 -16.92
CA ILE B 70 -18.65 -49.07 -17.67
C ILE B 70 -18.18 -49.81 -18.91
N ASP B 71 -18.23 -49.13 -20.06
CA ASP B 71 -17.89 -49.70 -21.36
C ASP B 71 -18.68 -50.98 -21.62
N PRO B 72 -20.01 -50.88 -21.79
CA PRO B 72 -20.78 -52.10 -22.02
C PRO B 72 -20.61 -52.67 -23.41
N THR B 73 -20.45 -51.82 -24.42
CA THR B 73 -20.30 -52.26 -25.81
C THR B 73 -18.87 -52.64 -26.15
N GLU B 74 -17.92 -52.50 -25.21
CA GLU B 74 -16.54 -52.94 -25.37
C GLU B 74 -15.81 -52.19 -26.49
N ASP B 75 -16.28 -51.00 -26.86
CA ASP B 75 -15.62 -50.23 -27.90
C ASP B 75 -15.51 -48.74 -27.57
N ARG B 76 -16.00 -48.30 -26.42
CA ARG B 76 -16.02 -46.86 -26.12
C ARG B 76 -14.63 -46.33 -25.77
N TYR B 77 -13.70 -47.19 -25.38
CA TYR B 77 -12.37 -46.77 -24.95
C TYR B 77 -11.30 -47.49 -25.73
N GLN B 78 -10.19 -46.79 -25.97
CA GLN B 78 -9.03 -47.39 -26.60
C GLN B 78 -7.78 -46.68 -26.09
N ASN B 79 -6.62 -47.33 -26.29
CA ASN B 79 -5.34 -46.83 -25.82
C ASN B 79 -5.36 -46.61 -24.30
N VAL B 80 -5.92 -47.57 -23.57
CA VAL B 80 -6.01 -47.49 -22.12
C VAL B 80 -4.65 -47.86 -21.53
N ILE B 81 -4.06 -46.93 -20.77
CA ILE B 81 -2.73 -47.10 -20.20
C ILE B 81 -2.83 -46.88 -18.69
N VAL B 82 -2.26 -47.81 -17.92
CA VAL B 82 -2.25 -47.73 -16.46
C VAL B 82 -0.81 -47.98 -16.01
N ARG B 83 -0.14 -46.90 -15.55
CA ARG B 83 1.25 -46.96 -15.10
C ARG B 83 2.17 -47.48 -16.21
N GLY B 84 2.08 -46.84 -17.38
CA GLY B 84 2.88 -47.22 -18.52
C GLY B 84 2.46 -48.51 -19.21
N VAL B 85 1.75 -49.39 -18.51
CA VAL B 85 1.31 -50.66 -19.08
C VAL B 85 0.16 -50.38 -20.05
N ASN B 86 0.35 -50.76 -21.31
CA ASN B 86 -0.69 -50.60 -22.33
C ASN B 86 -1.68 -51.73 -22.16
N PHE B 87 -2.85 -51.43 -21.57
CA PHE B 87 -3.84 -52.46 -21.28
C PHE B 87 -4.63 -52.89 -22.51
N ASP B 88 -4.58 -52.12 -23.60
CA ASP B 88 -5.21 -52.56 -24.84
C ASP B 88 -4.56 -53.84 -25.34
N GLU B 89 -3.24 -53.81 -25.54
CA GLU B 89 -2.53 -55.02 -25.98
C GLU B 89 -2.59 -56.11 -24.93
N ARG B 90 -2.70 -55.74 -23.65
CA ARG B 90 -2.78 -56.75 -22.60
C ARG B 90 -4.12 -57.49 -22.65
N VAL B 91 -5.20 -56.78 -22.98
CA VAL B 91 -6.49 -57.44 -23.14
C VAL B 91 -6.54 -58.23 -24.44
N GLN B 92 -5.94 -57.69 -25.52
CA GLN B 92 -5.94 -58.38 -26.80
C GLN B 92 -5.21 -59.72 -26.71
N ARG B 93 -4.20 -59.83 -25.85
CA ARG B 93 -3.45 -61.06 -25.67
C ARG B 93 -4.19 -62.08 -24.83
N LEU B 94 -5.36 -61.73 -24.29
CA LEU B 94 -6.15 -62.66 -23.50
C LEU B 94 -7.11 -63.43 -24.39
N SER B 95 -7.49 -64.63 -23.93
CA SER B 95 -8.33 -65.49 -24.75
C SER B 95 -9.76 -64.95 -24.86
N THR B 96 -10.34 -64.54 -23.74
CA THR B 96 -11.72 -64.08 -23.71
C THR B 96 -11.86 -62.59 -24.02
N GLY B 97 -10.77 -61.93 -24.40
CA GLY B 97 -10.81 -60.51 -24.71
C GLY B 97 -11.42 -59.66 -23.61
N GLY B 98 -12.52 -58.98 -23.94
CA GLY B 98 -13.23 -58.18 -22.96
C GLY B 98 -12.99 -56.70 -23.15
N SER B 99 -13.38 -55.94 -22.13
CA SER B 99 -13.23 -54.49 -22.18
C SER B 99 -11.94 -54.08 -21.48
N PRO B 100 -11.09 -53.28 -22.13
CA PRO B 100 -9.89 -52.79 -21.44
C PRO B 100 -10.20 -51.83 -20.31
N ALA B 101 -11.29 -51.06 -20.41
CA ALA B 101 -11.64 -50.11 -19.37
C ALA B 101 -11.94 -50.82 -18.05
N ARG B 102 -12.83 -51.81 -18.08
CA ARG B 102 -13.16 -52.55 -16.87
C ARG B 102 -11.96 -53.31 -16.34
N TYR B 103 -11.14 -53.88 -17.24
CA TYR B 103 -9.93 -54.56 -16.82
C TYR B 103 -8.90 -53.61 -16.23
N ALA B 104 -9.04 -52.30 -16.50
CA ALA B 104 -8.15 -51.31 -15.89
C ALA B 104 -8.70 -50.80 -14.56
N ILE B 105 -10.02 -50.68 -14.43
CA ILE B 105 -10.61 -50.15 -13.20
C ILE B 105 -10.36 -51.09 -12.03
N VAL B 106 -10.31 -52.40 -12.28
CA VAL B 106 -10.07 -53.36 -11.21
C VAL B 106 -8.70 -53.24 -10.58
N TYR B 107 -7.78 -52.53 -11.22
CA TYR B 107 -6.46 -52.29 -10.66
C TYR B 107 -6.48 -51.02 -9.79
N ARG B 108 -5.43 -50.88 -8.98
CA ARG B 108 -5.28 -49.69 -8.15
C ARG B 108 -5.21 -48.44 -9.01
N ARG B 109 -6.07 -47.46 -8.71
CA ARG B 109 -6.06 -46.16 -9.37
C ARG B 109 -6.26 -46.26 -10.87
N GLY B 110 -6.93 -47.32 -11.33
CA GLY B 110 -7.24 -47.44 -12.74
C GLY B 110 -8.20 -46.37 -13.21
N TRP B 111 -9.07 -45.88 -12.32
CA TRP B 111 -10.02 -44.83 -12.67
C TRP B 111 -9.33 -43.61 -13.26
N ARG B 112 -8.11 -43.30 -12.80
CA ARG B 112 -7.37 -42.16 -13.32
C ARG B 112 -7.28 -42.18 -14.84
N ALA B 113 -7.23 -43.37 -15.43
CA ALA B 113 -7.27 -43.46 -16.89
C ALA B 113 -8.65 -43.06 -17.42
N ILE B 114 -9.70 -43.75 -16.94
CA ILE B 114 -11.03 -43.54 -17.49
C ILE B 114 -11.50 -42.12 -17.23
N ALA B 115 -11.17 -41.57 -16.05
CA ALA B 115 -11.54 -40.19 -15.74
C ALA B 115 -10.92 -39.22 -16.73
N LYS B 116 -9.76 -39.54 -17.29
CA LYS B 116 -9.17 -38.68 -18.30
C LYS B 116 -9.86 -38.83 -19.64
N ALA B 117 -10.44 -40.00 -19.91
CA ALA B 117 -11.14 -40.21 -21.17
C ALA B 117 -12.50 -39.52 -21.17
N LEU B 118 -13.15 -39.42 -20.02
CA LEU B 118 -14.47 -38.81 -19.91
C LEU B 118 -14.41 -37.35 -19.51
N ASP B 119 -13.20 -36.79 -19.33
CA ASP B 119 -13.01 -35.37 -19.00
C ASP B 119 -13.75 -35.00 -17.71
N ILE B 120 -13.71 -35.88 -16.73
CA ILE B 120 -14.30 -35.61 -15.43
C ILE B 120 -13.37 -34.71 -14.63
N ASP B 121 -13.93 -33.71 -13.96
CA ASP B 121 -13.14 -32.76 -13.20
C ASP B 121 -12.29 -33.46 -12.15
N GLU B 122 -10.98 -33.54 -12.39
CA GLU B 122 -10.07 -34.22 -11.49
C GLU B 122 -9.87 -33.48 -10.17
N GLU B 123 -10.43 -32.28 -10.01
CA GLU B 123 -10.31 -31.56 -8.75
C GLU B 123 -11.03 -32.31 -7.62
N ASP B 124 -12.20 -32.88 -7.92
CA ASP B 124 -13.01 -33.56 -6.90
C ASP B 124 -12.57 -35.00 -6.66
N VAL B 125 -11.46 -35.43 -7.24
CA VAL B 125 -10.92 -36.77 -7.05
C VAL B 125 -11.96 -37.82 -7.39
N PRO B 126 -12.19 -38.11 -8.68
CA PRO B 126 -13.20 -39.10 -9.08
C PRO B 126 -12.72 -40.54 -8.86
N ALA B 127 -12.50 -40.89 -7.59
CA ALA B 127 -11.90 -42.17 -7.25
C ALA B 127 -12.94 -43.29 -7.30
N ILE B 128 -12.61 -44.38 -7.99
CA ILE B 128 -13.43 -45.59 -8.03
C ILE B 128 -12.50 -46.77 -7.85
N GLU B 129 -12.62 -47.46 -6.72
CA GLU B 129 -11.80 -48.63 -6.43
C GLU B 129 -12.70 -49.79 -6.05
N VAL B 130 -12.37 -50.98 -6.55
CA VAL B 130 -13.17 -52.18 -6.32
C VAL B 130 -12.28 -53.29 -5.78
N ARG B 131 -11.28 -52.94 -4.99
CA ARG B 131 -10.32 -53.89 -4.44
C ARG B 131 -10.53 -54.11 -2.95
N ALA B 132 -11.79 -54.25 -2.53
CA ALA B 132 -12.09 -54.51 -1.13
C ALA B 132 -11.93 -55.99 -0.83
N VAL B 133 -11.23 -56.31 0.26
CA VAL B 133 -11.01 -57.69 0.67
C VAL B 133 -11.66 -57.91 2.03
N LYS B 134 -11.04 -57.37 3.08
CA LYS B 134 -11.64 -57.44 4.40
C LYS B 134 -12.90 -56.58 4.44
N ARG B 135 -13.91 -57.07 5.16
CA ARG B 135 -15.22 -56.40 5.28
C ARG B 135 -15.92 -56.29 3.93
N ASN B 136 -15.61 -57.19 3.00
CA ASN B 136 -16.29 -57.23 1.70
C ASN B 136 -17.46 -58.21 1.75
N PRO B 137 -18.66 -57.80 1.33
CA PRO B 137 -19.81 -58.71 1.42
C PRO B 137 -19.73 -59.90 0.48
N LEU B 138 -19.04 -59.78 -0.64
CA LEU B 138 -18.86 -60.87 -1.59
C LEU B 138 -17.49 -61.51 -1.41
N GLN B 139 -17.14 -62.41 -2.32
CA GLN B 139 -15.78 -62.95 -2.37
C GLN B 139 -14.90 -61.98 -3.15
N PRO B 140 -13.75 -61.58 -2.59
CA PRO B 140 -12.94 -60.54 -3.24
C PRO B 140 -12.56 -60.83 -4.69
N ALA B 141 -11.97 -62.00 -4.95
CA ALA B 141 -11.58 -62.33 -6.32
C ALA B 141 -12.79 -62.46 -7.23
N LEU B 142 -13.87 -63.09 -6.74
CA LEU B 142 -15.09 -63.16 -7.52
C LEU B 142 -15.66 -61.77 -7.80
N TYR B 143 -15.61 -60.89 -6.81
CA TYR B 143 -16.04 -59.51 -6.99
C TYR B 143 -15.27 -58.83 -8.11
N ARG B 144 -13.93 -58.93 -8.07
CA ARG B 144 -13.11 -58.28 -9.07
C ARG B 144 -13.32 -58.88 -10.46
N ILE B 145 -13.53 -60.19 -10.53
CA ILE B 145 -13.74 -60.84 -11.83
C ILE B 145 -15.08 -60.43 -12.41
N LEU B 146 -16.13 -60.40 -11.58
CA LEU B 146 -17.43 -59.90 -12.03
C LEU B 146 -17.32 -58.47 -12.54
N VAL B 147 -16.53 -57.64 -11.85
CA VAL B 147 -16.35 -56.26 -12.31
C VAL B 147 -15.64 -56.22 -13.66
N ARG B 148 -14.55 -56.99 -13.80
CA ARG B 148 -13.77 -56.92 -15.03
C ARG B 148 -14.53 -57.50 -16.21
N TYR B 149 -15.45 -58.44 -15.98
CA TYR B 149 -16.23 -59.02 -17.06
C TYR B 149 -17.57 -58.30 -17.26
N GLY B 150 -17.84 -57.25 -16.50
CA GLY B 150 -19.06 -56.48 -16.67
C GLY B 150 -20.32 -57.29 -16.44
N ARG B 151 -20.37 -58.04 -15.34
CA ARG B 151 -21.54 -58.87 -15.02
C ARG B 151 -22.43 -58.08 -14.07
N VAL B 152 -23.17 -57.12 -14.66
CA VAL B 152 -24.11 -56.32 -13.87
C VAL B 152 -25.27 -57.17 -13.37
N ASP B 153 -25.52 -58.30 -14.02
CA ASP B 153 -26.61 -59.17 -13.58
C ASP B 153 -26.24 -59.93 -12.31
N LEU B 154 -25.00 -60.36 -12.19
CA LEU B 154 -24.56 -61.15 -11.05
C LEU B 154 -24.20 -60.31 -9.84
N MET B 155 -23.91 -59.03 -10.03
CA MET B 155 -23.54 -58.16 -8.92
C MET B 155 -24.78 -57.80 -8.09
N PRO B 156 -24.85 -58.20 -6.82
CA PRO B 156 -26.03 -57.85 -6.02
C PRO B 156 -26.06 -56.37 -5.69
N VAL B 157 -27.28 -55.85 -5.51
CA VAL B 157 -27.49 -54.44 -5.19
C VAL B 157 -27.91 -54.24 -3.75
N THR B 158 -27.98 -55.30 -2.94
CA THR B 158 -28.37 -55.18 -1.54
C THR B 158 -27.72 -56.34 -0.78
N VAL B 159 -27.26 -56.06 0.44
CA VAL B 159 -26.59 -57.07 1.25
C VAL B 159 -27.53 -58.24 1.54
N ASP B 160 -28.84 -57.98 1.62
CA ASP B 160 -29.79 -59.06 1.85
C ASP B 160 -29.93 -59.96 0.63
N GLU B 161 -29.72 -59.41 -0.56
CA GLU B 161 -29.79 -60.17 -1.80
C GLU B 161 -28.47 -60.83 -2.18
N VAL B 162 -27.55 -60.97 -1.23
CA VAL B 162 -26.26 -61.59 -1.47
C VAL B 162 -26.41 -63.11 -1.34
N PRO B 163 -26.17 -63.87 -2.39
CA PRO B 163 -26.26 -65.33 -2.29
C PRO B 163 -25.08 -65.90 -1.51
N PRO B 164 -25.34 -66.86 -0.61
CA PRO B 164 -24.22 -67.48 0.12
C PRO B 164 -23.22 -68.18 -0.79
N GLU B 165 -23.64 -68.62 -1.97
CA GLU B 165 -22.71 -69.23 -2.93
C GLU B 165 -21.76 -68.21 -3.55
N MET B 166 -21.91 -66.93 -3.24
CA MET B 166 -21.00 -65.89 -3.70
C MET B 166 -20.13 -65.34 -2.59
N ALA B 167 -20.29 -65.81 -1.35
CA ALA B 167 -19.54 -65.28 -0.22
C ALA B 167 -18.88 -66.40 0.58
N GLY B 168 -19.56 -66.85 1.64
CA GLY B 168 -18.96 -67.87 2.51
C GLY B 168 -18.95 -69.25 1.88
N GLU B 169 -20.01 -69.62 1.20
CA GLU B 169 -20.12 -70.93 0.54
C GLU B 169 -19.82 -70.81 -0.95
N PHE B 170 -18.71 -70.14 -1.28
CA PHE B 170 -18.38 -69.87 -2.68
C PHE B 170 -18.11 -71.15 -3.46
N GLU B 171 -17.61 -72.19 -2.78
CA GLU B 171 -17.27 -73.44 -3.46
C GLU B 171 -18.48 -74.03 -4.17
N ARG B 172 -19.68 -73.85 -3.60
CA ARG B 172 -20.89 -74.35 -4.25
C ARG B 172 -21.06 -73.81 -5.66
N LEU B 173 -20.59 -72.59 -5.92
CA LEU B 173 -20.71 -72.03 -7.26
C LEU B 173 -19.66 -72.61 -8.22
N ILE B 174 -18.51 -73.04 -7.70
CA ILE B 174 -17.49 -73.62 -8.56
C ILE B 174 -17.93 -74.99 -9.06
N GLU B 175 -18.24 -75.89 -8.13
CA GLU B 175 -18.66 -77.24 -8.49
C GLU B 175 -19.91 -77.25 -9.36
N ARG B 176 -20.73 -76.19 -9.31
CA ARG B 176 -21.91 -76.11 -10.16
C ARG B 176 -21.55 -76.01 -11.63
N TYR B 177 -20.33 -75.59 -11.96
CA TYR B 177 -19.92 -75.41 -13.35
C TYR B 177 -18.67 -76.23 -13.70
N ASP B 178 -18.32 -77.20 -12.86
CA ASP B 178 -17.18 -78.08 -13.09
C ASP B 178 -15.89 -77.28 -13.29
N VAL B 179 -15.36 -77.30 -14.50
CA VAL B 179 -14.16 -76.55 -14.90
C VAL B 179 -12.92 -77.19 -14.27
N PRO B 180 -11.86 -77.42 -15.03
CA PRO B 180 -10.66 -78.06 -14.46
C PRO B 180 -9.96 -77.14 -13.47
N ILE B 181 -9.40 -77.76 -12.43
CA ILE B 181 -8.65 -77.05 -11.40
C ILE B 181 -7.27 -77.70 -11.28
N ASP B 182 -6.22 -76.91 -11.40
CA ASP B 182 -4.86 -77.43 -11.33
C ASP B 182 -4.42 -77.52 -9.87
N GLU B 183 -3.14 -77.85 -9.65
CA GLU B 183 -2.65 -78.09 -8.30
C GLU B 183 -2.46 -76.79 -7.53
N LYS B 184 -1.93 -75.75 -8.18
CA LYS B 184 -1.78 -74.46 -7.50
C LYS B 184 -3.13 -73.90 -7.08
N GLU B 185 -4.12 -73.99 -7.96
CA GLU B 185 -5.44 -73.48 -7.62
C GLU B 185 -6.09 -74.30 -6.50
N GLU B 186 -5.86 -75.62 -6.47
CA GLU B 186 -6.37 -76.41 -5.36
C GLU B 186 -5.66 -76.05 -4.05
N ARG B 187 -4.36 -75.78 -4.11
CA ARG B 187 -3.63 -75.35 -2.93
C ARG B 187 -4.12 -73.99 -2.42
N ILE B 188 -4.54 -73.11 -3.33
CA ILE B 188 -5.10 -71.83 -2.91
C ILE B 188 -6.52 -72.04 -2.35
N LEU B 189 -7.28 -72.95 -2.95
CA LEU B 189 -8.66 -73.17 -2.52
C LEU B 189 -8.71 -73.82 -1.15
N GLU B 190 -7.78 -74.72 -0.85
CA GLU B 190 -7.79 -75.36 0.47
C GLU B 190 -7.40 -74.40 1.58
N ILE B 191 -6.74 -73.29 1.24
CA ILE B 191 -6.50 -72.24 2.22
C ILE B 191 -7.68 -71.28 2.30
N LEU B 192 -8.31 -71.00 1.16
CA LEU B 192 -9.49 -70.13 1.14
C LEU B 192 -10.69 -70.78 1.81
N ARG B 193 -10.73 -72.11 1.90
CA ARG B 193 -11.83 -72.78 2.59
C ARG B 193 -11.83 -72.41 4.07
N GLU B 194 -10.66 -72.13 4.65
CA GLU B 194 -10.61 -71.66 6.02
C GLU B 194 -11.26 -70.28 6.17
N ASN B 195 -10.87 -69.35 5.30
CA ASN B 195 -11.41 -67.99 5.33
C ASN B 195 -11.42 -67.41 3.93
N PRO B 196 -12.59 -67.20 3.32
CA PRO B 196 -12.64 -66.70 1.94
C PRO B 196 -12.11 -65.29 1.78
N TRP B 197 -12.02 -64.51 2.85
CA TRP B 197 -11.53 -63.14 2.80
C TRP B 197 -10.06 -63.03 3.19
N THR B 198 -9.29 -64.10 3.02
CA THR B 198 -7.88 -64.06 3.35
C THR B 198 -7.14 -63.18 2.35
N PRO B 199 -6.32 -62.23 2.81
CA PRO B 199 -5.57 -61.39 1.87
C PRO B 199 -4.66 -62.22 0.98
N HIS B 200 -4.50 -61.76 -0.26
CA HIS B 200 -3.66 -62.50 -1.21
C HIS B 200 -2.20 -62.51 -0.78
N ASP B 201 -1.77 -61.50 -0.03
CA ASP B 201 -0.43 -61.54 0.56
C ASP B 201 -0.30 -62.72 1.52
N GLU B 202 -1.33 -62.96 2.34
CA GLU B 202 -1.29 -64.09 3.26
C GLU B 202 -1.33 -65.41 2.51
N ILE B 203 -2.10 -65.50 1.42
CA ILE B 203 -2.16 -66.72 0.64
C ILE B 203 -0.81 -67.00 -0.03
N ALA B 204 -0.12 -65.93 -0.45
CA ALA B 204 1.19 -66.11 -1.05
C ALA B 204 2.26 -66.46 -0.02
N ARG B 205 2.13 -65.93 1.21
CA ARG B 205 3.12 -66.21 2.24
C ARG B 205 2.95 -67.61 2.82
N ARG B 206 1.72 -68.03 3.08
CA ARG B 206 1.46 -69.37 3.64
C ARG B 206 1.36 -70.41 2.53
N LEU B 207 2.32 -70.37 1.61
CA LEU B 207 2.36 -71.29 0.48
C LEU B 207 3.71 -71.23 -0.21
N GLY B 208 4.45 -70.14 0.02
CA GLY B 208 5.76 -69.98 -0.57
C GLY B 208 5.76 -69.41 -1.97
N LEU B 209 4.64 -68.87 -2.44
CA LEU B 209 4.53 -68.34 -3.79
C LEU B 209 4.55 -66.81 -3.77
N SER B 210 4.64 -66.24 -4.97
CA SER B 210 4.52 -64.81 -5.12
C SER B 210 3.04 -64.41 -5.23
N VAL B 211 2.78 -63.12 -5.00
CA VAL B 211 1.41 -62.63 -5.11
C VAL B 211 0.90 -62.75 -6.54
N SER B 212 1.78 -62.47 -7.51
CA SER B 212 1.39 -62.63 -8.91
C SER B 212 1.13 -64.10 -9.26
N GLU B 213 1.84 -65.01 -8.60
CA GLU B 213 1.61 -66.43 -8.86
C GLU B 213 0.28 -66.90 -8.26
N VAL B 214 -0.06 -66.38 -7.09
CA VAL B 214 -1.33 -66.74 -6.46
C VAL B 214 -2.50 -66.15 -7.22
N GLU B 215 -2.39 -64.87 -7.62
CA GLU B 215 -3.48 -64.22 -8.33
C GLU B 215 -3.63 -64.77 -9.74
N GLY B 216 -2.60 -64.61 -10.56
CA GLY B 216 -2.66 -65.00 -11.95
C GLY B 216 -3.41 -63.97 -12.80
N GLU B 217 -3.41 -64.22 -14.10
CA GLU B 217 -4.06 -63.31 -15.03
C GLU B 217 -5.58 -63.49 -14.98
N LYS B 218 -6.30 -62.39 -15.15
CA LYS B 218 -7.76 -62.39 -15.10
C LYS B 218 -8.31 -62.87 -16.44
N ASP B 219 -8.02 -64.15 -16.72
CA ASP B 219 -8.39 -64.79 -17.98
C ASP B 219 -8.40 -66.30 -17.75
N PRO B 220 -9.30 -67.03 -18.41
CA PRO B 220 -9.32 -68.49 -18.23
C PRO B 220 -7.99 -69.18 -18.50
N GLU B 221 -7.24 -68.74 -19.50
CA GLU B 221 -5.97 -69.37 -19.85
C GLU B 221 -4.84 -68.81 -18.98
N SER B 222 -4.91 -69.16 -17.70
CA SER B 222 -3.90 -68.77 -16.73
C SER B 222 -3.97 -69.72 -15.54
N SER B 223 -3.16 -69.44 -14.52
CA SER B 223 -3.11 -70.24 -13.31
C SER B 223 -3.19 -69.33 -12.10
N GLY B 224 -4.27 -69.46 -11.34
CA GLY B 224 -4.46 -68.63 -10.17
C GLY B 224 -5.94 -68.51 -9.85
N ILE B 225 -6.21 -67.84 -8.72
CA ILE B 225 -7.59 -67.66 -8.28
C ILE B 225 -8.35 -66.79 -9.28
N TYR B 226 -7.68 -65.79 -9.86
CA TYR B 226 -8.30 -64.99 -10.90
C TYR B 226 -8.68 -65.85 -12.10
N SER B 227 -7.79 -66.75 -12.52
CA SER B 227 -8.09 -67.62 -13.65
C SER B 227 -9.24 -68.58 -13.33
N LEU B 228 -9.26 -69.10 -12.10
CA LEU B 228 -10.34 -69.99 -11.70
C LEU B 228 -11.68 -69.28 -11.76
N TRP B 229 -11.75 -68.09 -11.15
CA TRP B 229 -13.01 -67.35 -11.17
C TRP B 229 -13.38 -66.90 -12.59
N SER B 230 -12.39 -66.64 -13.44
CA SER B 230 -12.69 -66.30 -14.83
C SER B 230 -13.33 -67.49 -15.55
N ARG B 231 -12.75 -68.68 -15.38
CA ARG B 231 -13.32 -69.88 -15.97
C ARG B 231 -14.71 -70.17 -15.42
N VAL B 232 -14.95 -69.85 -14.15
CA VAL B 232 -16.28 -70.07 -13.58
C VAL B 232 -17.29 -69.07 -14.14
N VAL B 233 -16.90 -67.80 -14.27
CA VAL B 233 -17.84 -66.77 -14.68
C VAL B 233 -18.15 -66.87 -16.17
N VAL B 234 -17.16 -67.24 -16.98
CA VAL B 234 -17.39 -67.33 -18.43
C VAL B 234 -18.49 -68.33 -18.74
N ASN B 235 -18.59 -69.40 -17.96
CA ASN B 235 -19.59 -70.45 -18.18
C ASN B 235 -20.94 -70.12 -17.55
N ILE B 236 -21.24 -68.86 -17.30
CA ILE B 236 -22.51 -68.43 -16.73
C ILE B 236 -23.23 -67.54 -17.74
N GLU B 237 -24.51 -67.83 -17.97
CA GLU B 237 -25.29 -67.09 -18.95
C GLU B 237 -25.63 -65.69 -18.43
N TYR B 238 -25.79 -64.76 -19.38
CA TYR B 238 -26.08 -63.37 -19.05
C TYR B 238 -27.58 -63.22 -18.80
N ASP B 239 -27.94 -62.92 -17.56
CA ASP B 239 -29.34 -62.73 -17.17
C ASP B 239 -29.77 -61.31 -17.52
N GLU B 240 -30.65 -61.17 -18.50
CA GLU B 240 -31.10 -59.84 -18.92
C GLU B 240 -32.08 -59.23 -17.93
N ARG B 241 -32.99 -60.05 -17.39
CA ARG B 241 -34.00 -59.56 -16.46
C ARG B 241 -33.38 -58.92 -15.23
N THR B 242 -32.52 -59.69 -14.53
CA THR B 242 -31.89 -59.17 -13.33
C THR B 242 -31.00 -57.98 -13.64
N ALA B 243 -30.37 -57.97 -14.83
CA ALA B 243 -29.56 -56.82 -15.22
C ALA B 243 -30.41 -55.56 -15.32
N LYS B 244 -31.53 -55.64 -16.06
CA LYS B 244 -32.40 -54.47 -16.18
C LYS B 244 -32.93 -54.03 -14.82
N ARG B 245 -33.35 -54.98 -13.99
CA ARG B 245 -33.93 -54.61 -12.70
C ARG B 245 -32.88 -53.99 -11.77
N HIS B 246 -31.66 -54.51 -11.80
CA HIS B 246 -30.58 -53.90 -11.01
C HIS B 246 -30.25 -52.51 -11.50
N VAL B 247 -30.20 -52.32 -12.82
CA VAL B 247 -29.92 -51.00 -13.38
C VAL B 247 -31.00 -50.01 -12.94
N LYS B 248 -32.27 -50.45 -12.92
CA LYS B 248 -33.33 -49.54 -12.50
C LYS B 248 -33.30 -49.28 -11.00
N ARG B 249 -32.91 -50.28 -10.20
CA ARG B 249 -32.97 -50.15 -8.74
C ARG B 249 -31.81 -49.34 -8.19
N ARG B 250 -30.61 -49.50 -8.75
CA ARG B 250 -29.39 -49.07 -8.06
C ARG B 250 -29.35 -47.57 -7.82
N ASP B 251 -29.97 -46.76 -8.69
CA ASP B 251 -29.94 -45.31 -8.51
C ASP B 251 -30.72 -44.89 -7.26
N ARG B 252 -31.97 -45.35 -7.15
CA ARG B 252 -32.74 -45.07 -5.94
C ARG B 252 -32.07 -45.70 -4.72
N LEU B 253 -31.47 -46.87 -4.89
CA LEU B 253 -30.77 -47.51 -3.78
C LEU B 253 -29.62 -46.64 -3.27
N LEU B 254 -28.87 -46.03 -4.19
CA LEU B 254 -27.77 -45.15 -3.79
C LEU B 254 -28.30 -43.89 -3.12
N GLU B 255 -29.33 -43.28 -3.70
CA GLU B 255 -29.87 -42.07 -3.10
C GLU B 255 -30.55 -42.34 -1.77
N GLU B 256 -30.87 -43.60 -1.47
CA GLU B 256 -31.38 -44.00 -0.17
C GLU B 256 -30.26 -44.32 0.82
N LEU B 257 -29.19 -44.94 0.33
CA LEU B 257 -28.02 -45.17 1.17
C LEU B 257 -27.40 -43.86 1.63
N TYR B 258 -27.46 -42.82 0.78
CA TYR B 258 -26.98 -41.52 1.23
C TYR B 258 -27.83 -40.96 2.36
N GLU B 259 -29.16 -41.18 2.29
CA GLU B 259 -30.02 -40.77 3.39
C GLU B 259 -29.70 -41.53 4.67
N HIS B 260 -29.45 -42.84 4.55
CA HIS B 260 -29.06 -43.62 5.72
C HIS B 260 -27.72 -43.14 6.29
N LEU B 261 -26.80 -42.76 5.40
CA LEU B 261 -25.51 -42.22 5.86
C LEU B 261 -25.70 -40.91 6.62
N GLU B 262 -26.53 -40.02 6.10
CA GLU B 262 -26.80 -38.77 6.81
C GLU B 262 -27.49 -39.04 8.14
N GLU B 263 -28.37 -40.04 8.18
CA GLU B 263 -29.01 -40.44 9.44
C GLU B 263 -27.98 -40.88 10.47
N LEU B 264 -27.07 -41.78 10.07
CA LEU B 264 -26.05 -42.25 11.00
C LEU B 264 -25.11 -41.12 11.40
N SER B 265 -24.83 -40.18 10.51
CA SER B 265 -23.98 -39.05 10.84
C SER B 265 -24.65 -38.12 11.84
N GLU B 266 -25.95 -37.89 11.69
CA GLU B 266 -26.69 -37.13 12.68
C GLU B 266 -26.75 -37.87 14.02
N ARG B 267 -26.78 -39.21 13.98
CA ARG B 267 -26.88 -39.97 15.20
C ARG B 267 -25.56 -39.99 15.98
N TYR B 268 -24.43 -40.04 15.27
CA TYR B 268 -23.14 -40.17 15.93
C TYR B 268 -22.27 -38.92 15.86
N LEU B 269 -22.63 -37.92 15.07
CA LEU B 269 -21.87 -36.69 15.00
C LEU B 269 -22.71 -35.43 15.19
N ARG B 270 -24.04 -35.54 15.15
CA ARG B 270 -24.93 -34.38 15.30
C ARG B 270 -24.71 -33.34 14.21
N HIS B 271 -24.22 -33.78 13.05
CA HIS B 271 -24.02 -32.91 11.89
C HIS B 271 -23.92 -33.79 10.66
N PRO B 272 -24.31 -33.27 9.48
CA PRO B 272 -24.30 -34.12 8.28
C PRO B 272 -22.96 -34.14 7.56
N LEU B 273 -22.86 -34.93 6.51
CA LEU B 273 -21.65 -35.02 5.69
C LEU B 273 -21.99 -34.49 4.29
N THR B 274 -21.65 -33.24 4.04
CA THR B 274 -21.94 -32.61 2.76
C THR B 274 -21.13 -33.26 1.64
N ARG B 275 -21.71 -33.28 0.44
CA ARG B 275 -20.97 -33.72 -0.74
C ARG B 275 -19.67 -32.93 -0.91
N ARG B 276 -19.73 -31.62 -0.67
CA ARG B 276 -18.53 -30.80 -0.73
C ARG B 276 -17.53 -31.21 0.35
N TRP B 277 -18.01 -31.47 1.56
CA TRP B 277 -17.12 -31.92 2.62
C TRP B 277 -16.48 -33.25 2.27
N ILE B 278 -17.24 -34.17 1.67
CA ILE B 278 -16.69 -35.47 1.31
C ILE B 278 -15.64 -35.31 0.22
N VAL B 279 -15.89 -34.44 -0.75
CA VAL B 279 -14.92 -34.18 -1.81
C VAL B 279 -13.63 -33.61 -1.22
N GLU B 280 -13.77 -32.63 -0.31
CA GLU B 280 -12.59 -32.01 0.29
C GLU B 280 -11.82 -33.01 1.14
N HIS B 281 -12.54 -33.90 1.84
CA HIS B 281 -11.87 -34.92 2.65
C HIS B 281 -11.13 -35.92 1.76
N LYS B 282 -11.75 -36.34 0.66
CA LYS B 282 -11.06 -37.20 -0.30
C LYS B 282 -9.79 -36.54 -0.80
N ARG B 283 -9.86 -35.24 -1.14
CA ARG B 283 -8.67 -34.54 -1.59
C ARG B 283 -7.60 -34.51 -0.51
N ASP B 284 -8.00 -34.20 0.74
CA ASP B 284 -7.03 -34.06 1.82
C ASP B 284 -6.43 -35.39 2.27
N ILE B 285 -7.10 -36.51 2.03
CA ILE B 285 -6.54 -37.81 2.39
C ILE B 285 -5.75 -38.46 1.28
N MET B 286 -5.89 -37.99 0.04
CA MET B 286 -5.16 -38.55 -1.10
C MET B 286 -4.11 -37.61 -1.68
N ARG B 287 -4.05 -36.36 -1.23
CA ARG B 287 -3.00 -35.45 -1.68
C ARG B 287 -1.62 -35.82 -1.16
N ARG B 288 -1.53 -36.82 -0.28
CA ARG B 288 -0.24 -37.20 0.28
C ARG B 288 0.65 -37.87 -0.76
N TYR B 289 0.09 -38.74 -1.58
CA TYR B 289 0.87 -39.47 -2.58
C TYR B 289 1.03 -38.63 -3.84
N LEU B 290 2.23 -38.67 -4.42
CA LEU B 290 2.38 -38.15 -5.77
C LEU B 290 1.56 -39.00 -6.74
N GLU B 291 1.05 -38.34 -7.78
CA GLU B 291 0.00 -38.73 -8.72
C GLU B 291 -1.14 -37.76 -8.53
N GLN B 292 -1.56 -37.58 -7.27
CA GLN B 292 -2.52 -36.53 -6.96
C GLN B 292 -1.84 -35.16 -7.03
N ARG B 293 -0.60 -35.07 -6.54
CA ARG B 293 0.16 -33.84 -6.72
C ARG B 293 0.44 -33.59 -8.20
N ILE B 294 0.67 -34.67 -8.97
CA ILE B 294 0.87 -34.53 -10.40
C ILE B 294 -0.40 -34.00 -11.06
N VAL B 295 -1.56 -34.52 -10.68
CA VAL B 295 -2.82 -34.06 -11.26
C VAL B 295 -3.07 -32.60 -10.90
N GLU B 296 -2.80 -32.23 -9.64
CA GLU B 296 -3.00 -30.85 -9.23
C GLU B 296 -2.06 -29.91 -9.99
N CYS B 297 -0.82 -30.34 -10.21
CA CYS B 297 0.11 -29.51 -10.96
C CYS B 297 -0.31 -29.38 -12.42
N ALA B 298 -0.80 -30.46 -13.02
CA ALA B 298 -1.28 -30.39 -14.40
C ALA B 298 -2.50 -29.49 -14.51
N LEU B 299 -3.38 -29.53 -13.51
CA LEU B 299 -4.52 -28.63 -13.48
C LEU B 299 -4.07 -27.18 -13.37
N LYS B 300 -3.11 -26.90 -12.49
CA LYS B 300 -2.56 -25.55 -12.38
C LYS B 300 -1.99 -25.09 -13.72
N LEU B 301 -1.27 -25.97 -14.41
CA LEU B 301 -0.70 -25.61 -15.71
C LEU B 301 -1.81 -25.30 -16.71
N GLN B 302 -2.80 -26.17 -16.83
CA GLN B 302 -3.89 -25.95 -17.77
C GLN B 302 -4.62 -24.65 -17.48
N ASP B 303 -4.86 -24.35 -16.20
CA ASP B 303 -5.67 -23.19 -15.83
C ASP B 303 -4.88 -21.89 -16.00
N ARG B 304 -3.65 -21.84 -15.48
CA ARG B 304 -2.91 -20.58 -15.45
C ARG B 304 -2.18 -20.32 -16.76
N TYR B 305 -1.55 -21.34 -17.34
CA TYR B 305 -0.70 -21.16 -18.50
C TYR B 305 -1.30 -21.74 -19.78
N GLY B 306 -2.50 -22.32 -19.71
CA GLY B 306 -3.17 -22.78 -20.91
C GLY B 306 -2.51 -23.94 -21.64
N ILE B 307 -1.81 -24.80 -20.91
CA ILE B 307 -1.17 -25.96 -21.52
C ILE B 307 -2.22 -27.02 -21.81
N ARG B 308 -2.03 -27.75 -22.91
CA ARG B 308 -2.90 -28.87 -23.22
C ARG B 308 -2.84 -29.91 -22.12
N GLU B 309 -3.91 -30.70 -22.01
CA GLU B 309 -4.05 -31.64 -20.91
C GLU B 309 -2.90 -32.65 -20.88
N ASP B 310 -2.65 -33.31 -22.02
CA ASP B 310 -1.63 -34.36 -22.05
C ASP B 310 -0.24 -33.79 -21.83
N VAL B 311 0.05 -32.63 -22.42
CA VAL B 311 1.37 -32.02 -22.27
C VAL B 311 1.59 -31.59 -20.82
N ALA B 312 0.57 -30.99 -20.19
CA ALA B 312 0.69 -30.58 -18.80
C ALA B 312 0.87 -31.79 -17.89
N LEU B 313 0.13 -32.87 -18.15
CA LEU B 313 0.31 -34.09 -17.37
C LEU B 313 1.71 -34.65 -17.52
N CYS B 314 2.24 -34.67 -18.75
CA CYS B 314 3.58 -35.19 -18.96
C CYS B 314 4.63 -34.34 -18.26
N LEU B 315 4.48 -33.02 -18.31
CA LEU B 315 5.41 -32.14 -17.59
C LEU B 315 5.35 -32.38 -16.09
N ALA B 316 4.14 -32.50 -15.53
CA ALA B 316 4.00 -32.72 -14.10
C ALA B 316 4.62 -34.05 -13.70
N ARG B 317 4.47 -35.09 -14.53
CA ARG B 317 5.13 -36.35 -14.26
C ARG B 317 6.64 -36.20 -14.29
N ALA B 318 7.16 -35.54 -15.33
CA ALA B 318 8.59 -35.44 -15.52
C ALA B 318 9.28 -34.59 -14.47
N PHE B 319 8.56 -33.68 -13.80
CA PHE B 319 9.22 -32.79 -12.85
C PHE B 319 8.58 -32.83 -11.47
N ASP B 320 7.96 -33.96 -11.11
CA ASP B 320 7.43 -34.18 -9.76
C ASP B 320 6.43 -33.10 -9.35
N GLY B 321 5.66 -32.60 -10.32
CA GLY B 321 4.61 -31.64 -10.03
C GLY B 321 5.09 -30.32 -9.45
N SER B 322 6.32 -29.93 -9.74
CA SER B 322 6.87 -28.67 -9.24
C SER B 322 6.84 -27.64 -10.37
N ILE B 323 6.02 -26.60 -10.20
CA ILE B 323 5.90 -25.58 -11.24
C ILE B 323 7.18 -24.77 -11.34
N SER B 324 7.83 -24.49 -10.21
CA SER B 324 9.08 -23.73 -10.24
C SER B 324 10.18 -24.52 -10.94
N MET B 325 10.22 -25.83 -10.70
CA MET B 325 11.21 -26.69 -11.35
C MET B 325 11.04 -26.64 -12.87
N ILE B 326 9.79 -26.68 -13.35
CA ILE B 326 9.54 -26.59 -14.79
C ILE B 326 9.91 -25.21 -15.30
N ALA B 327 9.66 -24.17 -14.50
CA ALA B 327 9.96 -22.80 -14.90
C ALA B 327 11.46 -22.50 -14.89
N THR B 328 12.27 -23.35 -14.26
CA THR B 328 13.72 -23.18 -14.29
C THR B 328 14.41 -24.23 -15.16
N THR B 329 13.68 -24.86 -16.09
CA THR B 329 14.21 -25.88 -16.97
C THR B 329 14.34 -25.33 -18.39
N PRO B 330 15.49 -25.51 -19.04
CA PRO B 330 15.66 -24.98 -20.40
C PRO B 330 14.73 -25.65 -21.40
N TYR B 331 14.60 -25.01 -22.57
CA TYR B 331 13.60 -25.43 -23.54
C TYR B 331 13.93 -26.80 -24.14
N ARG B 332 15.21 -27.06 -24.40
CA ARG B 332 15.56 -28.33 -25.04
C ARG B 332 15.26 -29.51 -24.13
N THR B 333 15.46 -29.35 -22.82
CA THR B 333 15.12 -30.41 -21.88
C THR B 333 13.61 -30.64 -21.85
N LEU B 334 12.83 -29.55 -21.87
CA LEU B 334 11.38 -29.67 -21.90
C LEU B 334 10.92 -30.38 -23.16
N LYS B 335 11.59 -30.13 -24.29
CA LYS B 335 11.25 -30.85 -25.51
C LYS B 335 11.67 -32.31 -25.43
N ASP B 336 12.77 -32.61 -24.75
CA ASP B 336 13.19 -33.99 -24.57
C ASP B 336 12.17 -34.78 -23.76
N VAL B 337 11.70 -34.20 -22.65
CA VAL B 337 10.75 -34.92 -21.81
C VAL B 337 9.34 -34.91 -22.40
N CYS B 338 8.97 -33.85 -23.12
CA CYS B 338 7.66 -33.74 -23.75
C CYS B 338 7.86 -33.30 -25.19
N PRO B 339 7.99 -34.25 -26.13
CA PRO B 339 8.21 -33.87 -27.53
C PRO B 339 7.05 -33.09 -28.13
N ASP B 340 5.82 -33.28 -27.64
CA ASP B 340 4.68 -32.56 -28.19
C ASP B 340 4.56 -31.14 -27.66
N LEU B 341 5.41 -30.74 -26.71
CA LEU B 341 5.36 -29.40 -26.16
C LEU B 341 5.68 -28.37 -27.23
N THR B 342 4.87 -27.33 -27.32
CA THR B 342 5.10 -26.24 -28.25
C THR B 342 6.00 -25.18 -27.61
N LEU B 343 6.61 -24.35 -28.46
CA LEU B 343 7.48 -23.30 -27.95
C LEU B 343 6.67 -22.26 -27.18
N GLU B 344 5.45 -21.97 -27.62
CA GLU B 344 4.61 -21.01 -26.91
C GLU B 344 4.21 -21.54 -25.53
N GLU B 345 3.94 -22.84 -25.44
CA GLU B 345 3.62 -23.43 -24.14
C GLU B 345 4.82 -23.35 -23.19
N ALA B 346 6.01 -23.68 -23.69
CA ALA B 346 7.21 -23.59 -22.86
C ALA B 346 7.47 -22.15 -22.44
N LYS B 347 7.19 -21.20 -23.32
CA LYS B 347 7.35 -19.79 -22.95
C LYS B 347 6.33 -19.40 -21.88
N SER B 348 5.11 -19.93 -21.97
CA SER B 348 4.09 -19.61 -20.97
C SER B 348 4.45 -20.21 -19.61
N VAL B 349 5.07 -21.39 -19.60
CA VAL B 349 5.42 -22.02 -18.32
C VAL B 349 6.72 -21.44 -17.78
N ASN B 350 7.75 -21.35 -18.61
CA ASN B 350 9.04 -20.78 -18.20
C ASN B 350 9.02 -19.30 -18.54
N ARG B 351 8.72 -18.47 -17.54
CA ARG B 351 8.64 -17.03 -17.79
C ARG B 351 9.98 -16.46 -18.19
N THR B 352 11.08 -17.04 -17.69
CA THR B 352 12.40 -16.58 -18.10
C THR B 352 12.65 -16.84 -19.58
N LEU B 353 12.27 -18.03 -20.06
CA LEU B 353 12.42 -18.34 -21.47
C LEU B 353 11.65 -17.36 -22.34
N ALA B 354 10.40 -17.08 -21.96
CA ALA B 354 9.58 -16.14 -22.73
C ALA B 354 10.17 -14.75 -22.70
N THR B 355 10.58 -14.28 -21.51
CA THR B 355 11.21 -12.96 -21.43
C THR B 355 12.40 -12.86 -22.36
N LEU B 356 13.33 -13.82 -22.27
CA LEU B 356 14.50 -13.79 -23.13
C LEU B 356 14.10 -13.77 -24.60
N ILE B 357 13.32 -14.75 -25.03
CA ILE B 357 13.00 -14.91 -26.44
C ILE B 357 12.29 -13.67 -26.98
N ASP B 358 11.21 -13.25 -26.32
CA ASP B 358 10.38 -12.19 -26.88
C ASP B 358 10.96 -10.81 -26.60
N GLU B 359 11.21 -10.50 -25.33
CA GLU B 359 11.67 -9.17 -24.96
C GLU B 359 13.13 -8.90 -25.32
N HIS B 360 13.89 -9.93 -25.73
CA HIS B 360 15.30 -9.71 -26.05
C HIS B 360 15.74 -10.35 -27.36
N GLY B 361 14.82 -10.96 -28.11
CA GLY B 361 15.14 -11.47 -29.43
C GLY B 361 16.19 -12.56 -29.45
N LEU B 362 16.33 -13.29 -28.35
CA LEU B 362 17.28 -14.40 -28.31
C LEU B 362 16.70 -15.64 -28.95
N SER B 363 17.56 -16.42 -29.62
CA SER B 363 17.14 -17.71 -30.12
C SER B 363 16.90 -18.65 -28.94
N PRO B 364 16.07 -19.68 -29.12
CA PRO B 364 15.85 -20.64 -28.04
C PRO B 364 17.13 -21.25 -27.50
N ASP B 365 18.18 -21.37 -28.31
CA ASP B 365 19.43 -21.94 -27.83
C ASP B 365 20.19 -20.97 -26.94
N ALA B 366 20.20 -19.68 -27.27
CA ALA B 366 20.82 -18.69 -26.39
C ALA B 366 20.05 -18.56 -25.09
N ALA B 367 18.71 -18.60 -25.17
CA ALA B 367 17.90 -18.62 -23.97
C ALA B 367 18.21 -19.84 -23.12
N ASP B 368 18.41 -20.99 -23.76
CA ASP B 368 18.79 -22.19 -23.02
C ASP B 368 20.15 -22.04 -22.37
N GLU B 369 21.09 -21.37 -23.05
CA GLU B 369 22.38 -21.06 -22.44
C GLU B 369 22.19 -20.27 -21.15
N LEU B 370 21.44 -19.17 -21.22
CA LEU B 370 21.25 -18.33 -20.05
C LEU B 370 20.51 -19.07 -18.95
N ILE B 371 19.55 -19.92 -19.31
CA ILE B 371 18.80 -20.67 -18.31
C ILE B 371 19.70 -21.71 -17.63
N GLU B 372 20.51 -22.42 -18.41
CA GLU B 372 21.39 -23.43 -17.83
C GLU B 372 22.44 -22.79 -16.93
N HIS B 373 22.96 -21.62 -17.30
CA HIS B 373 24.01 -21.02 -16.50
C HIS B 373 23.48 -20.20 -15.33
N PHE B 374 22.26 -19.68 -15.41
CA PHE B 374 21.77 -18.78 -14.37
C PHE B 374 20.33 -19.04 -13.94
N GLU B 375 19.70 -20.11 -14.45
CA GLU B 375 18.42 -20.62 -13.95
C GLU B 375 17.24 -19.70 -14.21
N SER B 376 17.32 -18.45 -13.76
CA SER B 376 16.18 -17.54 -13.86
C SER B 376 16.68 -16.12 -14.10
N ILE B 377 15.74 -15.23 -14.44
CA ILE B 377 16.06 -13.82 -14.56
C ILE B 377 16.55 -13.27 -13.23
N ALA B 378 15.93 -13.69 -12.13
CA ALA B 378 16.42 -13.33 -10.81
C ALA B 378 17.82 -13.89 -10.58
N GLY B 379 18.11 -15.07 -11.12
CA GLY B 379 19.46 -15.59 -11.04
C GLY B 379 20.46 -14.73 -11.77
N ILE B 380 20.08 -14.23 -12.95
CA ILE B 380 20.94 -13.29 -13.68
C ILE B 380 21.14 -12.02 -12.85
N LEU B 381 20.07 -11.50 -12.27
CA LEU B 381 20.18 -10.29 -11.44
C LEU B 381 21.00 -10.53 -10.18
N ALA B 382 21.15 -11.78 -9.75
CA ALA B 382 21.97 -12.11 -8.59
C ALA B 382 23.43 -12.31 -8.97
N THR B 383 23.70 -12.75 -10.19
CA THR B 383 25.07 -13.04 -10.61
C THR B 383 25.85 -11.75 -10.83
N ASP B 384 27.10 -11.73 -10.39
CA ASP B 384 27.95 -10.57 -10.61
C ASP B 384 28.20 -10.37 -12.11
N LEU B 385 28.42 -9.12 -12.49
CA LEU B 385 28.68 -8.81 -13.90
C LEU B 385 30.01 -9.39 -14.34
N GLU B 386 31.03 -9.33 -13.48
CA GLU B 386 32.35 -9.87 -13.83
C GLU B 386 32.29 -11.36 -14.12
N GLU B 387 31.42 -12.10 -13.42
CA GLU B 387 31.29 -13.53 -13.69
C GLU B 387 30.79 -13.77 -15.11
N ILE B 388 29.78 -13.01 -15.54
CA ILE B 388 29.24 -13.18 -16.88
C ILE B 388 30.27 -12.74 -17.92
N GLU B 389 31.00 -11.65 -17.64
CA GLU B 389 32.05 -11.22 -18.55
C GLU B 389 33.13 -12.30 -18.70
N ARG B 390 33.52 -12.92 -17.59
CA ARG B 390 34.52 -13.99 -17.64
C ARG B 390 34.00 -15.17 -18.46
N MET B 391 32.76 -15.58 -18.21
CA MET B 391 32.19 -16.69 -18.98
C MET B 391 32.10 -16.38 -20.46
N TYR B 392 31.87 -15.10 -20.80
CA TYR B 392 31.82 -14.71 -22.21
C TYR B 392 33.20 -14.70 -22.84
N GLU B 393 34.18 -14.13 -22.15
CA GLU B 393 35.52 -14.02 -22.71
C GLU B 393 36.20 -15.38 -22.83
N GLU B 394 35.81 -16.34 -22.01
CA GLU B 394 36.34 -17.70 -22.11
C GLU B 394 35.61 -18.54 -23.16
N GLY B 395 34.67 -17.95 -23.89
CA GLY B 395 33.94 -18.70 -24.90
C GLY B 395 32.90 -19.66 -24.37
N ARG B 396 32.64 -19.66 -23.07
CA ARG B 396 31.61 -20.50 -22.49
C ARG B 396 30.22 -19.87 -22.57
N LEU B 397 30.11 -18.66 -23.11
CA LEU B 397 28.84 -17.96 -23.24
C LEU B 397 28.82 -17.23 -24.57
N SER B 398 27.79 -17.48 -25.38
CA SER B 398 27.69 -16.89 -26.70
C SER B 398 27.56 -15.37 -26.62
N GLU B 399 27.84 -14.71 -27.75
CA GLU B 399 27.80 -13.26 -27.80
C GLU B 399 26.41 -12.72 -27.47
N GLU B 400 25.38 -13.23 -28.15
CA GLU B 400 24.03 -12.72 -27.95
C GLU B 400 23.56 -12.95 -26.52
N ALA B 401 23.87 -14.11 -25.94
CA ALA B 401 23.47 -14.39 -24.57
C ALA B 401 24.14 -13.43 -23.59
N TYR B 402 25.43 -13.17 -23.79
CA TYR B 402 26.14 -12.24 -22.90
C TYR B 402 25.55 -10.83 -23.00
N ARG B 403 25.33 -10.36 -24.22
CA ARG B 403 24.76 -9.02 -24.39
C ARG B 403 23.37 -8.93 -23.76
N ALA B 404 22.53 -9.94 -23.96
CA ALA B 404 21.19 -9.92 -23.37
C ALA B 404 21.25 -9.92 -21.84
N ALA B 405 22.15 -10.72 -21.27
CA ALA B 405 22.26 -10.76 -19.82
C ALA B 405 22.72 -9.42 -19.26
N VAL B 406 23.71 -8.80 -19.93
CA VAL B 406 24.18 -7.49 -19.48
C VAL B 406 23.06 -6.46 -19.57
N GLU B 407 22.26 -6.54 -20.63
CA GLU B 407 21.16 -5.58 -20.78
C GLU B 407 20.09 -5.79 -19.71
N ILE B 408 19.83 -7.04 -19.32
CA ILE B 408 18.88 -7.30 -18.24
C ILE B 408 19.40 -6.69 -16.93
N GLN B 409 20.65 -6.99 -16.60
CA GLN B 409 21.25 -6.46 -15.37
C GLN B 409 21.20 -4.94 -15.37
N LEU B 410 21.49 -4.31 -16.50
CA LEU B 410 21.49 -2.86 -16.57
C LEU B 410 20.07 -2.30 -16.46
N ALA B 411 19.10 -2.98 -17.09
CA ALA B 411 17.72 -2.53 -17.03
C ALA B 411 17.20 -2.51 -15.61
N GLU B 412 17.68 -3.43 -14.77
CA GLU B 412 17.21 -3.41 -13.38
C GLU B 412 17.63 -2.13 -12.65
N LEU B 413 18.66 -1.41 -13.12
CA LEU B 413 19.11 -0.19 -12.47
C LEU B 413 18.79 1.09 -13.23
N THR B 414 18.71 1.03 -14.56
CA THR B 414 18.43 2.23 -15.35
C THR B 414 17.00 2.71 -15.20
N LYS B 415 16.08 1.85 -14.71
CA LYS B 415 14.70 2.24 -14.52
C LYS B 415 14.52 3.20 -13.36
N LYS B 416 15.58 3.55 -12.65
CA LYS B 416 15.52 4.54 -11.58
C LYS B 416 15.97 5.90 -12.12
N GLU B 417 15.21 6.94 -11.77
CA GLU B 417 15.52 8.28 -12.27
C GLU B 417 16.91 8.72 -11.85
N GLY B 418 17.65 9.30 -12.79
CA GLY B 418 18.99 9.77 -12.53
C GLY B 418 20.08 8.75 -12.78
N VAL B 419 19.72 7.49 -12.98
CA VAL B 419 20.68 6.42 -13.22
C VAL B 419 20.78 6.23 -14.72
N GLY B 420 21.87 6.70 -15.31
CA GLY B 420 22.14 6.49 -16.72
C GLY B 420 22.59 5.07 -17.00
N ARG B 421 23.40 4.91 -18.04
CA ARG B 421 24.00 3.61 -18.33
C ARG B 421 25.45 3.51 -17.87
N LYS B 422 26.22 4.59 -18.01
CA LYS B 422 27.57 4.59 -17.45
C LYS B 422 27.54 4.43 -15.94
N THR B 423 26.63 5.13 -15.26
CA THR B 423 26.52 5.00 -13.81
C THR B 423 26.03 3.61 -13.41
N ALA B 424 25.11 3.04 -14.20
CA ALA B 424 24.66 1.67 -13.93
C ALA B 424 25.81 0.68 -14.06
N GLU B 425 26.63 0.84 -15.10
CA GLU B 425 27.78 -0.04 -15.27
C GLU B 425 28.79 0.14 -14.13
N ARG B 426 29.01 1.39 -13.70
CA ARG B 426 29.92 1.63 -12.58
C ARG B 426 29.40 0.96 -11.31
N LEU B 427 28.10 1.06 -11.05
CA LEU B 427 27.52 0.40 -9.89
C LEU B 427 27.67 -1.11 -9.98
N LEU B 428 27.43 -1.68 -11.16
CA LEU B 428 27.58 -3.13 -11.32
C LEU B 428 29.03 -3.57 -11.15
N ARG B 429 29.98 -2.73 -11.58
CA ARG B 429 31.38 -3.07 -11.37
C ARG B 429 31.76 -2.98 -9.89
N ALA B 430 31.21 -1.98 -9.18
CA ALA B 430 31.59 -1.77 -7.80
C ALA B 430 30.97 -2.80 -6.86
N PHE B 431 29.72 -3.19 -7.12
CA PHE B 431 29.00 -4.05 -6.19
C PHE B 431 28.54 -5.37 -6.81
N GLY B 432 28.95 -5.66 -8.03
CA GLY B 432 28.73 -6.98 -8.60
C GLY B 432 27.44 -7.16 -9.37
N ASN B 433 26.30 -7.11 -8.68
CA ASN B 433 25.01 -7.44 -9.26
C ASN B 433 23.99 -6.41 -8.83
N PRO B 434 22.90 -6.25 -9.59
CA PRO B 434 21.88 -5.26 -9.20
C PRO B 434 21.16 -5.60 -7.91
N GLU B 435 21.00 -6.88 -7.59
CA GLU B 435 20.36 -7.23 -6.32
C GLU B 435 21.20 -6.79 -5.13
N ARG B 436 22.52 -6.88 -5.25
CA ARG B 436 23.39 -6.38 -4.19
C ARG B 436 23.27 -4.87 -4.06
N VAL B 437 23.10 -4.16 -5.18
CA VAL B 437 22.91 -2.71 -5.12
C VAL B 437 21.60 -2.38 -4.44
N LYS B 438 20.53 -3.11 -4.77
CA LYS B 438 19.24 -2.88 -4.12
C LYS B 438 19.32 -3.16 -2.62
N GLN B 439 20.04 -4.22 -2.23
CA GLN B 439 20.17 -4.54 -0.81
C GLN B 439 20.98 -3.47 -0.08
N LEU B 440 22.05 -2.96 -0.71
CA LEU B 440 22.81 -1.88 -0.11
C LEU B 440 21.97 -0.61 0.00
N ALA B 441 21.06 -0.39 -0.94
CA ALA B 441 20.16 0.75 -0.84
C ALA B 441 19.17 0.58 0.31
N ARG B 442 18.66 -0.65 0.48
CA ARG B 442 17.75 -0.91 1.61
C ARG B 442 18.47 -0.74 2.95
N GLU B 443 19.77 -1.05 3.00
CA GLU B 443 20.55 -0.92 4.22
C GLU B 443 21.01 0.52 4.46
N PHE B 444 20.58 1.46 3.63
CA PHE B 444 20.90 2.88 3.79
C PHE B 444 22.41 3.13 3.75
N GLU B 445 23.14 2.33 2.97
CA GLU B 445 24.59 2.49 2.83
C GLU B 445 24.87 3.65 1.87
N ILE B 446 24.52 4.85 2.35
CA ILE B 446 24.50 6.03 1.49
C ILE B 446 25.91 6.43 1.10
N GLU B 447 26.86 6.43 2.04
CA GLU B 447 28.23 6.78 1.72
C GLU B 447 28.87 5.77 0.78
N LYS B 448 28.60 4.48 1.00
CA LYS B 448 29.16 3.44 0.16
C LYS B 448 28.68 3.58 -1.28
N LEU B 449 27.39 3.87 -1.48
CA LEU B 449 26.89 4.09 -2.83
C LEU B 449 27.42 5.38 -3.42
N ALA B 450 27.51 6.44 -2.60
CA ALA B 450 28.01 7.72 -3.10
C ALA B 450 29.47 7.66 -3.49
N SER B 451 30.22 6.67 -2.99
CA SER B 451 31.61 6.52 -3.39
C SER B 451 31.76 6.18 -4.87
N VAL B 452 30.71 5.69 -5.52
CA VAL B 452 30.76 5.33 -6.93
C VAL B 452 30.64 6.59 -7.78
N GLU B 453 31.44 6.66 -8.84
CA GLU B 453 31.42 7.83 -9.71
C GLU B 453 30.08 7.94 -10.43
N GLY B 454 29.51 9.15 -10.40
CA GLY B 454 28.25 9.41 -11.07
C GLY B 454 27.02 9.17 -10.23
N VAL B 455 27.18 8.74 -8.97
CA VAL B 455 26.05 8.56 -8.07
C VAL B 455 25.87 9.86 -7.32
N GLY B 456 24.95 10.69 -7.80
CA GLY B 456 24.67 11.98 -7.21
C GLY B 456 23.44 11.96 -6.33
N GLU B 457 22.93 13.16 -6.02
CA GLU B 457 21.75 13.26 -5.17
C GLU B 457 20.54 12.58 -5.79
N ARG B 458 20.36 12.73 -7.10
CA ARG B 458 19.19 12.12 -7.76
C ARG B 458 19.25 10.61 -7.68
N VAL B 459 20.43 10.03 -7.90
CA VAL B 459 20.58 8.58 -7.85
C VAL B 459 20.26 8.06 -6.44
N LEU B 460 20.82 8.73 -5.43
CA LEU B 460 20.56 8.32 -4.05
C LEU B 460 19.09 8.43 -3.70
N ARG B 461 18.45 9.54 -4.09
CA ARG B 461 17.04 9.73 -3.78
C ARG B 461 16.16 8.70 -4.50
N SER B 462 16.57 8.29 -5.70
CA SER B 462 15.82 7.26 -6.43
C SER B 462 16.08 5.86 -5.89
N LEU B 463 17.22 5.65 -5.22
CA LEU B 463 17.61 4.33 -4.73
C LEU B 463 17.29 4.12 -3.25
N VAL B 464 17.73 5.02 -2.38
CA VAL B 464 17.58 4.86 -0.95
C VAL B 464 16.19 5.34 -0.52
N PRO B 465 15.34 4.45 -0.01
CA PRO B 465 13.97 4.85 0.35
C PRO B 465 13.97 5.81 1.53
N GLY B 466 13.45 7.02 1.30
CA GLY B 466 13.34 8.02 2.35
C GLY B 466 14.51 8.96 2.46
N TYR B 467 15.60 8.73 1.74
CA TYR B 467 16.74 9.63 1.80
C TYR B 467 16.37 11.03 1.29
N ALA B 468 15.50 11.09 0.27
CA ALA B 468 15.09 12.37 -0.27
C ALA B 468 14.38 13.21 0.77
N SER B 469 13.47 12.60 1.54
CA SER B 469 12.68 13.35 2.51
C SER B 469 13.55 13.95 3.60
N LEU B 470 14.64 13.29 3.96
CA LEU B 470 15.50 13.76 5.05
C LEU B 470 16.58 14.71 4.56
N ILE B 471 17.15 14.48 3.38
CA ILE B 471 18.23 15.35 2.91
C ILE B 471 17.68 16.72 2.52
N SER B 472 16.42 16.81 2.13
CA SER B 472 15.82 18.06 1.71
C SER B 472 15.54 19.01 2.87
N ILE B 473 15.74 18.58 4.10
CA ILE B 473 15.51 19.43 5.27
C ILE B 473 16.75 20.26 5.54
N ARG B 474 16.54 21.55 5.81
CA ARG B 474 17.64 22.48 6.01
C ARG B 474 18.48 22.06 7.20
N GLY B 475 19.78 21.86 6.97
CA GLY B 475 20.71 21.55 8.03
C GLY B 475 21.01 20.08 8.22
N ILE B 476 20.25 19.18 7.58
CA ILE B 476 20.47 17.74 7.72
C ILE B 476 21.47 17.31 6.64
N ASP B 477 22.63 16.84 7.09
CA ASP B 477 23.68 16.43 6.17
C ASP B 477 23.38 15.05 5.60
N ARG B 478 24.21 14.63 4.64
CA ARG B 478 24.12 13.28 4.11
C ARG B 478 24.43 12.24 5.20
N GLU B 479 25.51 12.47 5.94
CA GLU B 479 25.88 11.55 7.01
C GLU B 479 24.83 11.56 8.12
N ARG B 480 24.25 12.72 8.40
CA ARG B 480 23.19 12.78 9.42
C ARG B 480 21.96 12.01 8.98
N ALA B 481 21.58 12.11 7.69
CA ALA B 481 20.45 11.35 7.19
C ALA B 481 20.72 9.86 7.24
N GLU B 482 21.93 9.44 6.85
CA GLU B 482 22.31 8.04 6.95
C GLU B 482 22.25 7.56 8.40
N ARG B 483 22.75 8.37 9.33
CA ARG B 483 22.72 8.02 10.74
C ARG B 483 21.29 7.83 11.23
N LEU B 484 20.40 8.77 10.91
CA LEU B 484 19.02 8.67 11.33
C LEU B 484 18.35 7.42 10.74
N LEU B 485 18.56 7.19 9.44
CA LEU B 485 17.93 6.06 8.78
C LEU B 485 18.41 4.73 9.35
N LYS B 486 19.71 4.64 9.66
CA LYS B 486 20.24 3.40 10.22
C LYS B 486 19.82 3.22 11.67
N LYS B 487 19.66 4.31 12.42
CA LYS B 487 19.29 4.20 13.82
C LYS B 487 17.83 3.79 13.98
N TYR B 488 16.92 4.50 13.30
CA TYR B 488 15.50 4.23 13.51
C TYR B 488 14.95 3.18 12.55
N GLY B 489 15.57 3.01 11.38
CA GLY B 489 15.17 1.97 10.46
C GLY B 489 14.11 2.41 9.46
N GLY B 490 14.45 3.35 8.59
CA GLY B 490 13.53 3.85 7.60
C GLY B 490 12.96 5.20 7.96
N TYR B 491 12.51 5.93 6.94
CA TYR B 491 11.95 7.25 7.15
C TYR B 491 10.68 7.20 8.00
N SER B 492 9.89 6.14 7.87
CA SER B 492 8.67 6.03 8.65
C SER B 492 8.95 6.00 10.15
N LYS B 493 9.98 5.23 10.55
CA LYS B 493 10.30 5.14 11.97
C LYS B 493 10.95 6.42 12.49
N VAL B 494 11.64 7.17 11.62
CA VAL B 494 12.16 8.47 12.03
C VAL B 494 11.03 9.46 12.22
N ARG B 495 9.99 9.36 11.37
CA ARG B 495 8.84 10.24 11.52
C ARG B 495 8.00 9.88 12.73
N GLU B 496 7.94 8.60 13.08
CA GLU B 496 7.19 8.15 14.25
C GLU B 496 7.95 8.33 15.56
N ALA B 497 9.19 8.79 15.51
CA ALA B 497 9.97 8.98 16.74
C ALA B 497 9.44 10.17 17.53
N GLY B 498 9.51 10.04 18.86
CA GLY B 498 9.07 11.12 19.72
C GLY B 498 9.98 12.33 19.64
N VAL B 499 9.44 13.48 20.06
CA VAL B 499 10.18 14.72 20.00
C VAL B 499 11.41 14.68 20.90
N GLU B 500 11.32 13.98 22.04
CA GLU B 500 12.42 13.95 22.99
C GLU B 500 13.65 13.27 22.40
N GLU B 501 13.47 12.08 21.82
CA GLU B 501 14.60 11.35 21.28
C GLU B 501 15.14 12.01 20.01
N LEU B 502 14.29 12.71 19.26
CA LEU B 502 14.77 13.46 18.11
C LEU B 502 15.60 14.66 18.56
N ARG B 503 15.21 15.29 19.67
CA ARG B 503 16.01 16.38 20.22
C ARG B 503 17.34 15.86 20.76
N GLU B 504 17.34 14.66 21.34
CA GLU B 504 18.58 14.08 21.84
C GLU B 504 19.58 13.83 20.73
N ASP B 505 19.10 13.55 19.52
CA ASP B 505 19.99 13.32 18.39
C ASP B 505 20.58 14.60 17.81
N GLY B 506 20.15 15.76 18.30
CA GLY B 506 20.68 17.02 17.82
C GLY B 506 19.85 17.73 16.77
N LEU B 507 18.59 17.34 16.59
CA LEU B 507 17.75 17.98 15.59
C LEU B 507 17.13 19.26 16.14
N THR B 508 17.14 20.30 15.31
CA THR B 508 16.49 21.56 15.67
C THR B 508 14.99 21.35 15.78
N ASP B 509 14.34 22.18 16.61
CA ASP B 509 12.89 22.15 16.69
C ASP B 509 12.27 22.48 15.33
N ALA B 510 12.91 23.35 14.55
CA ALA B 510 12.45 23.60 13.19
C ALA B 510 12.62 22.36 12.31
N GLN B 511 13.74 21.66 12.47
CA GLN B 511 13.95 20.43 11.71
C GLN B 511 12.92 19.37 12.08
N ILE B 512 12.61 19.25 13.37
CA ILE B 512 11.63 18.27 13.82
C ILE B 512 10.23 18.65 13.33
N ARG B 513 9.91 19.95 13.33
CA ARG B 513 8.62 20.40 12.81
C ARG B 513 8.49 20.09 11.33
N GLU B 514 9.54 20.38 10.55
CA GLU B 514 9.52 20.07 9.12
C GLU B 514 9.43 18.58 8.88
N LEU B 515 10.10 17.78 9.72
CA LEU B 515 10.13 16.34 9.53
C LEU B 515 8.77 15.72 9.83
N LYS B 516 8.17 16.07 10.97
CA LYS B 516 6.92 15.47 11.40
C LYS B 516 5.69 16.16 10.82
N GLY B 517 5.87 17.25 10.07
CA GLY B 517 4.76 17.95 9.47
C GLY B 517 3.80 18.51 10.49
N LEU B 518 4.30 19.38 11.37
CA LEU B 518 3.52 19.94 12.46
C LEU B 518 3.37 21.45 12.35
N LYS B 519 3.65 22.01 11.17
CA LYS B 519 3.60 23.47 11.01
C LYS B 519 2.20 24.01 11.31
N THR B 520 1.16 23.33 10.84
CA THR B 520 -0.20 23.77 11.11
C THR B 520 -0.53 23.69 12.60
N LEU B 521 -0.22 22.55 13.22
CA LEU B 521 -0.44 22.41 14.66
C LEU B 521 0.50 23.30 15.47
N GLU B 522 1.64 23.70 14.91
CA GLU B 522 2.48 24.69 15.56
C GLU B 522 1.85 26.08 15.50
N SER B 523 1.18 26.39 14.39
CA SER B 523 0.43 27.63 14.30
C SER B 523 -0.76 27.63 15.25
N ILE B 524 -1.38 26.47 15.45
CA ILE B 524 -2.51 26.39 16.38
C ILE B 524 -2.03 26.45 17.82
N VAL B 525 -1.10 25.56 18.20
CA VAL B 525 -0.56 25.51 19.55
C VAL B 525 0.94 25.81 19.47
N GLY B 526 1.39 26.76 20.31
CA GLY B 526 2.77 27.17 20.29
C GLY B 526 3.76 26.21 20.92
N ASP B 527 3.33 24.99 21.23
CA ASP B 527 4.20 23.98 21.83
C ASP B 527 4.36 22.81 20.88
N LEU B 528 5.59 22.34 20.74
CA LEU B 528 5.89 21.25 19.81
C LEU B 528 5.42 19.90 20.35
N GLU B 529 5.60 19.66 21.65
CA GLU B 529 5.21 18.38 22.22
C GLU B 529 3.69 18.18 22.15
N LYS B 530 2.93 19.23 22.49
CA LYS B 530 1.47 19.11 22.41
C LYS B 530 1.01 18.93 20.97
N ALA B 531 1.66 19.60 20.02
CA ALA B 531 1.34 19.40 18.62
C ALA B 531 1.60 17.96 18.20
N ASP B 532 2.73 17.39 18.62
CA ASP B 532 3.03 16.00 18.29
C ASP B 532 2.01 15.06 18.92
N GLU B 533 1.62 15.32 20.17
CA GLU B 533 0.65 14.46 20.84
C GLU B 533 -0.71 14.54 20.17
N LEU B 534 -1.11 15.72 19.70
CA LEU B 534 -2.35 15.84 18.95
C LEU B 534 -2.26 15.09 17.63
N LYS B 535 -1.11 15.17 16.95
CA LYS B 535 -0.92 14.38 15.74
C LYS B 535 -1.05 12.89 16.02
N ARG B 536 -0.50 12.44 17.16
CA ARG B 536 -0.62 11.04 17.54
C ARG B 536 -2.09 10.66 17.76
N LYS B 537 -2.81 11.47 18.53
CA LYS B 537 -4.15 11.08 18.94
C LYS B 537 -5.14 11.14 17.78
N TYR B 538 -5.15 12.25 17.04
CA TYR B 538 -6.16 12.48 16.01
C TYR B 538 -5.63 12.43 14.59
N GLY B 539 -4.37 12.79 14.36
CA GLY B 539 -3.81 12.73 13.02
C GLY B 539 -3.59 14.09 12.38
N SER B 540 -4.56 14.53 11.58
CA SER B 540 -4.44 15.79 10.86
C SER B 540 -5.05 16.93 11.65
N ALA B 541 -4.54 18.14 11.40
CA ALA B 541 -5.08 19.33 12.06
C ALA B 541 -6.53 19.58 11.68
N SER B 542 -6.92 19.19 10.47
CA SER B 542 -8.32 19.34 10.07
C SER B 542 -9.23 18.47 10.93
N ALA B 543 -8.76 17.29 11.32
CA ALA B 543 -9.54 16.44 12.21
C ALA B 543 -9.71 17.08 13.58
N VAL B 544 -8.69 17.80 14.06
CA VAL B 544 -8.83 18.52 15.31
C VAL B 544 -9.81 19.68 15.16
N ARG B 545 -9.77 20.35 14.01
CA ARG B 545 -10.73 21.42 13.75
C ARG B 545 -12.16 20.89 13.72
N ARG B 546 -12.35 19.67 13.23
CA ARG B 546 -13.68 19.08 13.15
C ARG B 546 -14.18 18.55 14.49
N LEU B 547 -13.34 18.53 15.52
CA LEU B 547 -13.76 18.01 16.81
C LEU B 547 -14.87 18.88 17.40
N PRO B 548 -15.75 18.30 18.21
CA PRO B 548 -16.80 19.09 18.85
C PRO B 548 -16.21 20.03 19.88
N VAL B 549 -17.02 21.02 20.27
CA VAL B 549 -16.56 22.04 21.21
C VAL B 549 -16.23 21.42 22.55
N GLU B 550 -17.04 20.47 23.01
CA GLU B 550 -16.83 19.85 24.30
C GLU B 550 -15.53 19.05 24.34
N GLU B 551 -15.24 18.30 23.28
CA GLU B 551 -13.99 17.54 23.23
C GLU B 551 -12.78 18.46 23.19
N LEU B 552 -12.90 19.59 22.49
CA LEU B 552 -11.80 20.55 22.45
C LEU B 552 -11.60 21.20 23.82
N ARG B 553 -12.69 21.45 24.55
CA ARG B 553 -12.56 22.04 25.88
C ARG B 553 -11.81 21.12 26.82
N GLU B 554 -12.04 19.81 26.72
CA GLU B 554 -11.39 18.86 27.62
C GLU B 554 -9.91 18.68 27.29
N LEU B 555 -9.54 18.81 26.01
CA LEU B 555 -8.15 18.62 25.62
C LEU B 555 -7.22 19.72 26.13
N GLY B 556 -7.76 20.78 26.71
CA GLY B 556 -6.93 21.84 27.24
C GLY B 556 -6.90 23.07 26.36
N PHE B 557 -8.03 23.40 25.76
CA PHE B 557 -8.15 24.56 24.87
C PHE B 557 -9.04 25.62 25.51
N SER B 558 -8.62 26.87 25.37
CA SER B 558 -9.47 27.98 25.77
C SER B 558 -10.55 28.22 24.73
N ASP B 559 -11.52 29.05 25.09
CA ASP B 559 -12.62 29.33 24.16
C ASP B 559 -12.14 30.14 22.96
N ASP B 560 -11.24 31.10 23.19
CA ASP B 560 -10.68 31.85 22.07
C ASP B 560 -9.87 30.95 21.15
N GLU B 561 -9.14 29.99 21.73
CA GLU B 561 -8.39 29.05 20.90
C GLU B 561 -9.34 28.21 20.03
N ILE B 562 -10.48 27.81 20.58
CA ILE B 562 -11.44 27.04 19.81
C ILE B 562 -12.04 27.89 18.70
N ALA B 563 -12.38 29.15 19.00
CA ALA B 563 -12.91 30.04 17.98
C ALA B 563 -11.89 30.31 16.88
N GLU B 564 -10.60 30.34 17.22
CA GLU B 564 -9.56 30.52 16.22
C GLU B 564 -9.38 29.26 15.37
N ILE B 565 -9.42 28.09 16.02
CA ILE B 565 -9.23 26.83 15.31
C ILE B 565 -10.32 26.65 14.25
N LYS B 566 -11.58 26.82 14.66
CA LYS B 566 -12.71 26.63 13.75
C LYS B 566 -12.95 27.83 12.85
N GLY B 567 -12.14 28.87 12.95
CA GLY B 567 -12.29 30.03 12.08
C GLY B 567 -13.59 30.78 12.26
N ILE B 568 -13.98 31.02 13.51
CA ILE B 568 -15.22 31.75 13.79
C ILE B 568 -14.95 33.24 13.63
N PRO B 569 -15.78 33.97 12.87
CA PRO B 569 -15.56 35.41 12.71
C PRO B 569 -15.76 36.16 14.02
N LYS B 570 -15.25 37.40 14.03
CA LYS B 570 -15.36 38.24 15.23
C LYS B 570 -16.82 38.56 15.53
N LYS B 571 -17.56 39.06 14.54
CA LYS B 571 -18.95 39.42 14.75
C LYS B 571 -19.82 38.22 15.12
N LEU B 572 -19.36 37.00 14.83
CA LEU B 572 -20.08 35.80 15.21
C LEU B 572 -19.59 35.21 16.51
N ARG B 573 -18.29 35.30 16.80
CA ARG B 573 -17.76 34.74 18.04
C ARG B 573 -18.07 35.62 19.25
N GLU B 574 -18.27 36.92 19.04
CA GLU B 574 -18.58 37.80 20.15
C GLU B 574 -20.07 37.92 20.43
N ALA B 575 -20.92 37.65 19.42
CA ALA B 575 -22.36 37.81 19.61
C ALA B 575 -22.96 36.65 20.39
N PHE B 576 -22.46 35.44 20.20
CA PHE B 576 -23.02 34.25 20.82
C PHE B 576 -21.95 33.54 21.65
N ASP B 577 -22.34 32.41 22.22
CA ASP B 577 -21.41 31.52 22.89
C ASP B 577 -20.76 30.59 21.88
N LEU B 578 -19.78 29.82 22.36
CA LEU B 578 -19.02 28.94 21.46
C LEU B 578 -19.94 27.90 20.80
N GLU B 579 -20.84 27.29 21.58
CA GLU B 579 -21.69 26.24 21.04
C GLU B 579 -22.52 26.74 19.86
N THR B 580 -23.32 27.79 20.08
CA THR B 580 -24.23 28.26 19.05
C THR B 580 -23.48 28.89 17.88
N ALA B 581 -22.39 29.62 18.16
CA ALA B 581 -21.61 30.24 17.09
C ALA B 581 -20.97 29.17 16.21
N ALA B 582 -20.35 28.16 16.82
CA ALA B 582 -19.74 27.09 16.05
C ALA B 582 -20.78 26.31 15.27
N GLU B 583 -21.96 26.08 15.85
CA GLU B 583 -23.00 25.36 15.13
C GLU B 583 -23.50 26.16 13.93
N LEU B 584 -23.74 27.46 14.12
CA LEU B 584 -24.18 28.31 13.01
C LEU B 584 -23.11 28.36 11.93
N TYR B 585 -21.84 28.40 12.30
CA TYR B 585 -20.78 28.46 11.30
C TYR B 585 -20.65 27.17 10.54
N GLU B 586 -20.69 26.03 11.23
CA GLU B 586 -20.60 24.74 10.57
C GLU B 586 -21.91 24.31 9.93
N ARG B 587 -22.97 25.12 10.03
CA ARG B 587 -24.22 24.84 9.33
C ARG B 587 -24.49 25.80 8.18
N TYR B 588 -23.96 27.02 8.22
CA TYR B 588 -24.17 27.99 7.16
C TYR B 588 -22.88 28.48 6.50
N GLY B 589 -21.73 28.17 7.05
CA GLY B 589 -20.45 28.49 6.41
C GLY B 589 -19.92 29.91 6.49
N SER B 590 -20.75 30.91 6.21
CA SER B 590 -20.31 32.29 6.15
C SER B 590 -21.23 33.17 6.98
N LEU B 591 -20.64 34.22 7.57
CA LEU B 591 -21.42 35.18 8.35
C LEU B 591 -22.45 35.89 7.48
N LYS B 592 -22.13 36.10 6.19
CA LYS B 592 -23.12 36.63 5.27
C LYS B 592 -24.34 35.72 5.20
N GLU B 593 -24.12 34.42 5.03
CA GLU B 593 -25.24 33.48 5.00
C GLU B 593 -25.98 33.45 6.33
N ILE B 594 -25.26 33.65 7.44
CA ILE B 594 -25.92 33.75 8.74
C ILE B 594 -26.91 34.91 8.75
N GLY B 595 -26.43 36.11 8.42
CA GLY B 595 -27.28 37.28 8.41
C GLY B 595 -28.24 37.38 7.25
N ARG B 596 -28.18 36.44 6.30
CA ARG B 596 -29.13 36.42 5.19
C ARG B 596 -30.21 35.35 5.34
N ARG B 597 -29.90 34.22 5.95
CA ARG B 597 -30.89 33.15 6.11
C ARG B 597 -31.66 33.25 7.42
N LEU B 598 -31.04 33.79 8.47
CA LEU B 598 -31.69 33.92 9.75
C LEU B 598 -32.37 35.28 9.88
N SER B 599 -33.42 35.33 10.69
CA SER B 599 -34.16 36.56 10.90
C SER B 599 -33.51 37.40 12.00
N TYR B 600 -33.75 38.71 11.93
CA TYR B 600 -33.23 39.61 12.95
C TYR B 600 -33.73 39.21 14.33
N ASP B 601 -35.02 38.88 14.45
CA ASP B 601 -35.54 38.37 15.71
C ASP B 601 -34.89 37.03 16.07
N ASP B 602 -34.61 36.20 15.07
CA ASP B 602 -33.93 34.94 15.35
C ASP B 602 -32.52 35.17 15.86
N LEU B 603 -31.82 36.18 15.31
CA LEU B 603 -30.49 36.51 15.80
C LEU B 603 -30.56 37.03 17.23
N LEU B 604 -31.55 37.87 17.53
CA LEU B 604 -31.70 38.38 18.89
C LEU B 604 -32.01 37.26 19.88
N GLU B 605 -32.89 36.33 19.50
CA GLU B 605 -33.29 35.27 20.41
C GLU B 605 -32.13 34.37 20.79
N LEU B 606 -31.12 34.26 19.93
CA LEU B 606 -29.95 33.43 20.21
C LEU B 606 -28.93 34.14 21.09
N GLY B 607 -29.17 35.39 21.48
CA GLY B 607 -28.31 36.07 22.42
C GLY B 607 -27.45 37.16 21.82
N ALA B 608 -27.92 37.76 20.73
CA ALA B 608 -27.16 38.79 20.03
C ALA B 608 -27.65 40.17 20.44
N THR B 609 -26.70 41.06 20.75
CA THR B 609 -27.01 42.45 20.96
C THR B 609 -27.67 43.02 19.70
N PRO B 610 -28.66 43.92 19.83
CA PRO B 610 -29.21 44.57 18.63
C PRO B 610 -28.14 45.14 17.70
N LYS B 611 -27.10 45.76 18.27
CA LYS B 611 -25.97 46.18 17.45
C LYS B 611 -25.24 44.98 16.85
N ALA B 612 -24.99 43.96 17.68
CA ALA B 612 -24.33 42.76 17.18
C ALA B 612 -25.21 42.03 16.18
N ALA B 613 -26.53 42.01 16.41
CA ALA B 613 -27.44 41.35 15.47
C ALA B 613 -27.51 42.10 14.15
N ALA B 614 -27.39 43.43 14.18
CA ALA B 614 -27.31 44.18 12.93
C ALA B 614 -25.99 43.95 12.22
N GLU B 615 -24.90 43.80 12.99
CA GLU B 615 -23.61 43.49 12.39
C GLU B 615 -23.62 42.11 11.72
N ILE B 616 -24.31 41.15 12.33
CA ILE B 616 -24.43 39.83 11.72
C ILE B 616 -25.22 39.91 10.42
N LYS B 617 -26.27 40.73 10.41
CA LYS B 617 -26.96 41.03 9.17
C LYS B 617 -26.00 41.69 8.18
N GLY B 618 -26.35 41.60 6.90
CA GLY B 618 -25.52 42.11 5.84
C GLY B 618 -25.17 43.58 6.01
N PRO B 619 -24.06 44.01 5.40
CA PRO B 619 -23.69 45.44 5.49
C PRO B 619 -24.74 46.36 4.91
N GLU B 620 -25.61 45.86 4.04
CA GLU B 620 -26.72 46.67 3.54
C GLU B 620 -27.79 46.85 4.61
N PHE B 621 -27.94 45.88 5.52
CA PHE B 621 -28.87 46.04 6.63
C PHE B 621 -28.42 47.15 7.57
N LYS B 622 -27.11 47.24 7.83
CA LYS B 622 -26.58 48.35 8.61
C LYS B 622 -26.70 49.67 7.86
N PHE B 623 -26.83 49.61 6.54
CA PHE B 623 -26.94 50.79 5.71
C PHE B 623 -28.39 51.24 5.52
N LEU B 624 -29.33 50.29 5.50
CA LEU B 624 -30.74 50.65 5.42
C LEU B 624 -31.19 51.38 6.68
N LEU B 625 -30.76 50.90 7.84
CA LEU B 625 -31.11 51.53 9.12
C LEU B 625 -30.34 52.80 9.41
N ASN B 626 -29.35 53.13 8.58
CA ASN B 626 -28.56 54.34 8.77
C ASN B 626 -29.19 55.57 8.14
N ILE B 627 -30.40 55.45 7.58
CA ILE B 627 -31.08 56.57 6.96
C ILE B 627 -32.55 56.54 7.38
N GLU B 628 -32.99 57.58 8.08
CA GLU B 628 -34.38 57.79 8.48
C GLU B 628 -34.92 56.69 9.37
N GLY B 629 -34.09 55.74 9.80
CA GLY B 629 -34.54 54.65 10.65
C GLY B 629 -35.71 53.88 10.07
N VAL B 630 -35.46 53.15 8.99
CA VAL B 630 -36.51 52.42 8.28
C VAL B 630 -37.04 51.27 9.10
N GLY B 631 -36.41 51.01 10.24
CA GLY B 631 -36.86 49.95 11.13
C GLY B 631 -36.33 48.60 10.69
N PRO B 632 -35.78 47.83 11.64
CA PRO B 632 -35.28 46.49 11.30
C PRO B 632 -36.34 45.56 10.74
N LYS B 633 -37.56 45.62 11.31
CA LYS B 633 -38.64 44.77 10.81
C LYS B 633 -38.95 45.06 9.35
N LEU B 634 -38.83 46.32 8.94
CA LEU B 634 -39.09 46.70 7.55
C LEU B 634 -37.85 46.54 6.67
N ALA B 635 -36.66 46.87 7.18
CA ALA B 635 -35.44 46.68 6.41
C ALA B 635 -35.22 45.22 6.08
N GLU B 636 -35.59 44.31 6.97
CA GLU B 636 -35.44 42.89 6.70
C GLU B 636 -36.30 42.47 5.52
N ARG B 637 -37.56 42.95 5.45
CA ARG B 637 -38.42 42.63 4.32
C ARG B 637 -37.93 43.30 3.04
N ILE B 638 -37.39 44.52 3.16
CA ILE B 638 -36.81 45.20 2.00
C ILE B 638 -35.68 44.36 1.42
N LEU B 639 -34.81 43.84 2.28
CA LEU B 639 -33.71 43.01 1.80
C LEU B 639 -34.20 41.65 1.30
N GLU B 640 -35.29 41.13 1.88
CA GLU B 640 -35.88 39.89 1.40
C GLU B 640 -36.53 40.05 0.03
N ALA B 641 -36.93 41.27 -0.34
CA ALA B 641 -37.51 41.50 -1.66
C ALA B 641 -36.45 41.39 -2.75
N VAL B 642 -35.40 42.20 -2.66
CA VAL B 642 -34.34 42.23 -3.66
C VAL B 642 -33.35 41.10 -3.41
N ASP B 643 -33.66 40.23 -2.44
CA ASP B 643 -32.81 39.10 -2.08
C ASP B 643 -31.40 39.56 -1.70
N TYR B 644 -31.33 40.63 -0.90
CA TYR B 644 -30.08 41.20 -0.43
C TYR B 644 -29.18 41.61 -1.61
N ASP B 645 -29.60 42.67 -2.26
CA ASP B 645 -28.87 43.20 -3.43
C ASP B 645 -29.09 44.70 -3.50
N LEU B 646 -27.99 45.46 -3.43
CA LEU B 646 -28.09 46.91 -3.54
C LEU B 646 -28.37 47.36 -4.96
N GLU B 647 -27.86 46.63 -5.96
CA GLU B 647 -28.08 47.01 -7.34
C GLU B 647 -29.52 46.75 -7.77
N ARG B 648 -30.09 45.63 -7.34
CA ARG B 648 -31.50 45.37 -7.57
C ARG B 648 -32.37 46.44 -6.91
N LEU B 649 -31.92 46.99 -5.79
CA LEU B 649 -32.67 48.05 -5.11
C LEU B 649 -32.57 49.36 -5.89
N ALA B 650 -31.35 49.71 -6.33
CA ALA B 650 -31.17 50.94 -7.10
C ALA B 650 -31.76 50.85 -8.50
N SER B 651 -32.09 49.65 -8.97
CA SER B 651 -32.58 49.47 -10.32
C SER B 651 -34.01 49.97 -10.50
N LEU B 652 -34.97 49.25 -9.91
CA LEU B 652 -36.38 49.46 -10.20
C LEU B 652 -36.85 50.84 -9.72
N ASN B 653 -38.02 51.24 -10.22
CA ASN B 653 -38.62 52.50 -9.84
C ASN B 653 -39.17 52.42 -8.42
N PRO B 654 -39.14 53.53 -7.68
CA PRO B 654 -39.65 53.51 -6.30
C PRO B 654 -41.07 52.97 -6.15
N GLU B 655 -41.94 53.22 -7.13
CA GLU B 655 -43.32 52.75 -7.02
C GLU B 655 -43.42 51.23 -6.93
N GLU B 656 -42.40 50.51 -7.39
CA GLU B 656 -42.41 49.06 -7.30
C GLU B 656 -42.07 48.54 -5.90
N LEU B 657 -41.66 49.41 -4.98
CA LEU B 657 -41.32 48.94 -3.63
C LEU B 657 -42.58 48.57 -2.85
N ALA B 658 -43.51 49.50 -2.69
CA ALA B 658 -44.77 49.21 -2.04
C ALA B 658 -45.54 48.11 -2.75
N GLU B 659 -45.22 47.86 -4.03
CA GLU B 659 -45.82 46.74 -4.75
C GLU B 659 -45.31 45.41 -4.22
N LYS B 660 -44.01 45.31 -3.94
CA LYS B 660 -43.42 44.05 -3.49
C LYS B 660 -43.46 43.94 -1.97
N VAL B 661 -42.98 44.95 -1.27
CA VAL B 661 -42.92 44.93 0.19
C VAL B 661 -44.18 45.58 0.75
N GLU B 662 -44.93 44.83 1.55
CA GLU B 662 -46.10 45.38 2.22
C GLU B 662 -45.68 46.13 3.48
N GLY B 663 -46.52 47.08 3.89
CA GLY B 663 -46.20 47.91 5.03
C GLY B 663 -45.09 48.90 4.77
N LEU B 664 -44.97 49.39 3.54
CA LEU B 664 -43.94 50.35 3.16
C LEU B 664 -44.60 51.50 2.44
N GLY B 665 -44.41 52.72 2.96
CA GLY B 665 -44.97 53.88 2.30
C GLY B 665 -44.17 54.29 1.08
N GLU B 666 -44.87 54.91 0.13
CA GLU B 666 -44.23 55.34 -1.11
C GLU B 666 -43.35 56.57 -0.92
N GLU B 667 -43.48 57.27 0.20
CA GLU B 667 -42.59 58.40 0.47
C GLU B 667 -41.18 57.92 0.79
N LEU B 668 -41.07 56.82 1.53
CA LEU B 668 -39.76 56.24 1.84
C LEU B 668 -39.18 55.48 0.67
N ALA B 669 -40.01 55.01 -0.27
CA ALA B 669 -39.51 54.22 -1.39
C ALA B 669 -38.60 55.05 -2.30
N GLU B 670 -39.00 56.29 -2.59
CA GLU B 670 -38.17 57.15 -3.42
C GLU B 670 -36.83 57.43 -2.77
N ARG B 671 -36.84 57.67 -1.45
CA ARG B 671 -35.58 57.90 -0.73
C ARG B 671 -34.72 56.65 -0.71
N VAL B 672 -35.33 55.48 -0.58
CA VAL B 672 -34.59 54.22 -0.62
C VAL B 672 -33.89 54.06 -1.96
N VAL B 673 -34.64 54.27 -3.05
CA VAL B 673 -34.05 54.11 -4.39
C VAL B 673 -32.97 55.16 -4.62
N TYR B 674 -33.18 56.38 -4.13
CA TYR B 674 -32.18 57.44 -4.30
C TYR B 674 -30.88 57.10 -3.57
N ALA B 675 -30.98 56.67 -2.31
CA ALA B 675 -29.80 56.30 -1.56
C ALA B 675 -29.12 55.08 -2.18
N ALA B 676 -29.91 54.14 -2.71
CA ALA B 676 -29.32 52.95 -3.33
C ALA B 676 -28.56 53.33 -4.61
N ARG B 677 -29.11 54.24 -5.41
CA ARG B 677 -28.41 54.68 -6.61
C ARG B 677 -27.14 55.44 -6.24
N GLU B 678 -27.20 56.28 -5.21
CA GLU B 678 -26.00 56.97 -4.75
C GLU B 678 -24.94 55.96 -4.31
N ARG B 679 -25.34 54.92 -3.59
CA ARG B 679 -24.38 53.93 -3.11
C ARG B 679 -23.78 53.13 -4.25
N VAL B 680 -24.60 52.72 -5.23
CA VAL B 680 -24.06 51.94 -6.34
C VAL B 680 -23.21 52.81 -7.27
N GLU B 681 -23.43 54.13 -7.28
CA GLU B 681 -22.53 54.99 -8.04
C GLU B 681 -21.21 55.19 -7.29
N SER B 682 -21.26 55.29 -5.97
CA SER B 682 -20.03 55.40 -5.20
C SER B 682 -19.25 54.09 -5.16
N ARG B 683 -19.92 52.96 -5.40
CA ARG B 683 -19.25 51.66 -5.37
C ARG B 683 -18.51 51.37 -6.67
N ARG B 684 -19.22 51.46 -7.80
CA ARG B 684 -18.65 51.18 -9.14
C ARG B 684 -17.61 52.21 -9.58
N LYS B 685 -17.14 53.07 -8.69
CA LYS B 685 -16.10 54.05 -8.99
C LYS B 685 -14.72 53.61 -8.52
N SER B 686 -14.63 52.53 -7.74
CA SER B 686 -13.36 52.04 -7.23
C SER B 686 -12.81 50.85 -8.03
N GLY B 687 -13.64 49.84 -8.28
CA GLY B 687 -13.24 48.68 -9.05
C GLY B 687 -13.31 48.82 -10.55
N ARG B 688 -13.62 50.01 -11.05
CA ARG B 688 -13.70 50.27 -12.49
C ARG B 688 -12.32 50.24 -13.12
N GLN B 689 -11.72 49.05 -13.23
CA GLN B 689 -10.35 48.91 -13.70
C GLN B 689 -10.28 47.87 -14.82
N GLU B 690 -9.58 48.23 -15.90
CA GLU B 690 -9.22 47.30 -16.96
C GLU B 690 -7.74 47.46 -17.25
N ARG B 691 -7.00 46.34 -17.18
CA ARG B 691 -5.55 46.39 -17.27
C ARG B 691 -5.08 47.07 -18.55
N SER B 692 -4.06 47.90 -18.43
CA SER B 692 -3.45 48.56 -19.57
C SER B 692 -2.49 47.61 -20.29
N GLU B 693 -1.80 48.13 -21.30
CA GLU B 693 -0.86 47.31 -22.04
C GLU B 693 0.31 46.86 -21.17
N GLU B 694 0.96 47.81 -20.49
CA GLU B 694 2.09 47.48 -19.65
C GLU B 694 1.67 46.59 -18.48
N GLU B 695 0.47 46.80 -17.95
CA GLU B 695 -0.01 45.96 -16.87
C GLU B 695 -0.25 44.53 -17.34
N TRP B 696 -0.80 44.37 -18.55
CA TRP B 696 -0.96 43.03 -19.10
C TRP B 696 0.40 42.37 -19.34
N LYS B 697 1.38 43.14 -19.82
CA LYS B 697 2.72 42.61 -20.04
C LYS B 697 3.33 42.12 -18.72
N GLU B 698 3.22 42.92 -17.67
CA GLU B 698 3.79 42.54 -16.38
C GLU B 698 3.04 41.34 -15.79
N TRP B 699 1.71 41.29 -15.95
CA TRP B 699 0.96 40.15 -15.45
C TRP B 699 1.34 38.88 -16.18
N LEU B 700 1.57 38.96 -17.49
CA LEU B 700 2.03 37.80 -18.24
C LEU B 700 3.41 37.36 -17.79
N GLU B 701 4.34 38.31 -17.62
CA GLU B 701 5.67 37.95 -17.13
C GLU B 701 5.60 37.32 -15.75
N ARG B 702 4.62 37.71 -14.93
CA ARG B 702 4.49 37.11 -13.61
C ARG B 702 3.89 35.71 -13.69
N LYS B 703 2.92 35.51 -14.58
CA LYS B 703 2.23 34.22 -14.64
C LYS B 703 3.09 33.14 -15.26
N VAL B 704 3.51 33.33 -16.52
CA VAL B 704 4.18 32.28 -17.28
C VAL B 704 5.66 32.56 -17.47
N GLY B 705 6.20 33.58 -16.81
CA GLY B 705 7.61 33.88 -16.92
C GLY B 705 7.93 34.78 -18.11
N GLU B 706 9.10 35.42 -18.02
CA GLU B 706 9.52 36.41 -19.01
C GLU B 706 9.52 35.86 -20.43
N GLY B 707 10.21 34.72 -20.65
CA GLY B 707 10.38 34.23 -22.01
C GLY B 707 9.07 33.88 -22.69
N ARG B 708 8.24 33.06 -22.04
CA ARG B 708 6.97 32.70 -22.63
C ARG B 708 6.06 33.92 -22.78
N ALA B 709 6.19 34.89 -21.87
CA ALA B 709 5.38 36.10 -21.98
C ALA B 709 5.71 36.88 -23.24
N ARG B 710 6.99 37.16 -23.46
CA ARG B 710 7.34 37.93 -24.66
C ARG B 710 7.12 37.11 -25.93
N ARG B 711 7.24 35.78 -25.85
CA ARG B 711 6.91 34.94 -27.00
C ARG B 711 5.43 35.08 -27.36
N LEU B 712 4.56 35.03 -26.36
CA LEU B 712 3.13 35.20 -26.60
C LEU B 712 2.81 36.60 -27.11
N ILE B 713 3.49 37.62 -26.56
CA ILE B 713 3.25 38.99 -27.00
C ILE B 713 3.63 39.15 -28.47
N GLU B 714 4.74 38.55 -28.89
CA GLU B 714 5.12 38.65 -30.29
C GLU B 714 4.19 37.83 -31.19
N TYR B 715 3.76 36.66 -30.71
CA TYR B 715 2.96 35.77 -31.54
C TYR B 715 1.58 36.36 -31.85
N PHE B 716 0.92 36.92 -30.84
CA PHE B 716 -0.43 37.46 -31.01
C PHE B 716 -0.48 38.97 -31.22
N GLY B 717 0.67 39.66 -31.24
CA GLY B 717 0.67 41.09 -31.50
C GLY B 717 1.03 41.93 -30.30
N SER B 718 0.13 42.02 -29.32
CA SER B 718 0.39 42.79 -28.11
C SER B 718 -0.15 42.04 -26.91
N ALA B 719 0.20 42.53 -25.72
CA ALA B 719 -0.29 41.90 -24.49
C ALA B 719 -1.81 41.98 -24.39
N GLY B 720 -2.42 42.99 -24.99
CA GLY B 720 -3.87 43.10 -24.94
C GLY B 720 -4.59 41.93 -25.57
N GLU B 721 -4.08 41.46 -26.72
CA GLU B 721 -4.71 40.32 -27.38
C GLU B 721 -4.54 39.06 -26.54
N VAL B 722 -3.38 38.89 -25.89
CA VAL B 722 -3.17 37.75 -25.01
C VAL B 722 -4.15 37.80 -23.85
N GLY B 723 -4.35 38.99 -23.28
CA GLY B 723 -5.30 39.12 -22.19
C GLY B 723 -6.72 38.83 -22.63
N LYS B 724 -7.07 39.26 -23.84
CA LYS B 724 -8.41 38.96 -24.37
C LYS B 724 -8.59 37.46 -24.56
N LEU B 725 -7.54 36.77 -24.98
CA LEU B 725 -7.62 35.31 -25.12
C LEU B 725 -7.74 34.64 -23.76
N VAL B 726 -7.06 35.17 -22.75
CA VAL B 726 -7.14 34.61 -21.41
C VAL B 726 -8.53 34.79 -20.83
N GLU B 727 -9.08 36.01 -20.96
CA GLU B 727 -10.39 36.30 -20.38
C GLU B 727 -11.51 35.49 -21.04
N ASN B 728 -11.33 35.11 -22.30
CA ASN B 728 -12.32 34.29 -23.01
C ASN B 728 -12.00 32.81 -22.93
N ALA B 729 -10.97 32.42 -22.18
CA ALA B 729 -10.58 31.02 -22.01
C ALA B 729 -10.31 30.35 -23.35
N GLU B 730 -9.49 31.02 -24.18
CA GLU B 730 -9.09 30.49 -25.48
C GLU B 730 -7.91 29.53 -25.29
N VAL B 731 -8.22 28.36 -24.73
CA VAL B 731 -7.17 27.36 -24.45
C VAL B 731 -6.56 26.87 -25.75
N SER B 732 -7.40 26.54 -26.74
CA SER B 732 -6.89 26.01 -28.00
C SER B 732 -6.00 27.01 -28.72
N LYS B 733 -6.39 28.29 -28.71
CA LYS B 733 -5.58 29.31 -29.37
C LYS B 733 -4.26 29.54 -28.65
N LEU B 734 -4.25 29.40 -27.32
CA LEU B 734 -3.01 29.57 -26.57
C LEU B 734 -2.08 28.38 -26.77
N LEU B 735 -2.64 27.18 -26.90
CA LEU B 735 -1.80 25.98 -26.98
C LEU B 735 -1.06 25.87 -28.31
N GLU B 736 -1.61 26.44 -29.37
CA GLU B 736 -1.00 26.27 -30.69
C GLU B 736 0.38 26.93 -30.78
N VAL B 737 0.68 27.87 -29.90
CA VAL B 737 2.02 28.48 -29.88
C VAL B 737 3.04 27.45 -29.42
N PRO B 738 4.09 27.19 -30.18
CA PRO B 738 5.14 26.28 -29.71
C PRO B 738 5.90 26.91 -28.55
N GLY B 739 6.04 26.14 -27.47
CA GLY B 739 6.61 26.63 -26.24
C GLY B 739 5.60 26.89 -25.15
N ILE B 740 4.31 26.87 -25.47
CA ILE B 740 3.24 27.06 -24.51
C ILE B 740 2.55 25.73 -24.32
N GLY B 741 2.59 25.20 -23.10
CA GLY B 741 1.99 23.92 -22.79
C GLY B 741 0.90 24.00 -21.75
N ASP B 742 0.51 22.83 -21.21
CA ASP B 742 -0.55 22.81 -20.20
C ASP B 742 -0.10 23.52 -18.91
N GLU B 743 1.15 23.32 -18.49
CA GLU B 743 1.61 23.96 -17.26
C GLU B 743 1.81 25.47 -17.40
N ALA B 744 1.43 26.04 -18.55
CA ALA B 744 1.37 27.47 -18.75
C ALA B 744 -0.04 27.98 -19.00
N VAL B 745 -0.83 27.25 -19.79
CA VAL B 745 -2.24 27.60 -19.97
C VAL B 745 -2.98 27.51 -18.65
N ALA B 746 -2.78 26.42 -17.91
CA ALA B 746 -3.36 26.29 -16.58
C ALA B 746 -2.88 27.39 -15.64
N ARG B 747 -1.65 27.87 -15.86
CA ARG B 747 -1.16 29.00 -15.07
C ARG B 747 -1.88 30.29 -15.44
N LEU B 748 -2.29 30.41 -16.72
CA LEU B 748 -3.00 31.60 -17.19
C LEU B 748 -4.50 31.51 -16.94
N VAL B 749 -5.11 30.39 -17.28
CA VAL B 749 -6.57 30.22 -17.23
C VAL B 749 -6.90 29.48 -15.94
N PRO B 750 -7.46 30.14 -14.93
CA PRO B 750 -7.81 29.45 -13.69
C PRO B 750 -8.86 28.37 -13.93
N GLY B 751 -8.63 27.19 -13.37
CA GLY B 751 -9.52 26.07 -13.51
C GLY B 751 -9.14 25.09 -14.60
N TYR B 752 -8.19 25.44 -15.46
CA TYR B 752 -7.81 24.53 -16.54
C TYR B 752 -7.16 23.26 -16.01
N LYS B 753 -6.29 23.40 -15.01
CA LYS B 753 -5.58 22.22 -14.49
C LYS B 753 -6.56 21.22 -13.88
N THR B 754 -7.56 21.70 -13.13
CA THR B 754 -8.52 20.79 -12.53
C THR B 754 -9.32 20.03 -13.58
N LEU B 755 -9.74 20.73 -14.64
CA LEU B 755 -10.47 20.07 -15.72
C LEU B 755 -9.58 19.08 -16.46
N ARG B 756 -8.29 19.40 -16.60
CA ARG B 756 -7.37 18.47 -17.26
C ARG B 756 -7.17 17.21 -16.44
N ASP B 757 -6.94 17.37 -15.13
CA ASP B 757 -6.76 16.22 -14.25
C ASP B 757 -8.02 15.36 -14.17
N ALA B 758 -9.17 15.91 -14.54
CA ALA B 758 -10.42 15.15 -14.60
C ALA B 758 -10.53 14.31 -15.86
N GLY B 759 -9.54 14.34 -16.73
CA GLY B 759 -9.57 13.56 -17.96
C GLY B 759 -10.12 14.28 -19.17
N LEU B 760 -10.41 15.57 -19.07
CA LEU B 760 -10.95 16.31 -20.19
C LEU B 760 -9.84 16.74 -21.14
N THR B 761 -10.11 16.64 -22.43
CA THR B 761 -9.20 17.15 -23.43
C THR B 761 -9.21 18.68 -23.38
N PRO B 762 -8.14 19.32 -23.88
CA PRO B 762 -8.13 20.80 -23.88
C PRO B 762 -9.32 21.42 -24.56
N ALA B 763 -9.81 20.83 -25.66
CA ALA B 763 -11.00 21.35 -26.32
C ALA B 763 -12.23 21.19 -25.43
N GLU B 764 -12.36 20.05 -24.77
CA GLU B 764 -13.50 19.84 -23.87
C GLU B 764 -13.45 20.79 -22.69
N ALA B 765 -12.27 20.97 -22.10
CA ALA B 765 -12.11 21.92 -21.00
C ALA B 765 -12.40 23.33 -21.47
N GLU B 766 -12.03 23.67 -22.71
CA GLU B 766 -12.33 24.99 -23.24
C GLU B 766 -13.83 25.20 -23.38
N ARG B 767 -14.53 24.20 -23.92
CA ARG B 767 -15.98 24.30 -24.03
C ARG B 767 -16.64 24.45 -22.67
N VAL B 768 -16.17 23.67 -21.68
CA VAL B 768 -16.75 23.74 -20.35
C VAL B 768 -16.51 25.11 -19.73
N LEU B 769 -15.28 25.63 -19.83
CA LEU B 769 -14.97 26.94 -19.27
C LEU B 769 -15.78 28.05 -19.95
N LYS B 770 -15.98 27.93 -21.26
CA LYS B 770 -16.79 28.94 -21.95
C LYS B 770 -18.26 28.83 -21.58
N ARG B 771 -18.74 27.62 -21.28
CA ARG B 771 -20.15 27.42 -21.00
C ARG B 771 -20.51 27.81 -19.57
N TYR B 772 -19.63 27.56 -18.60
CA TYR B 772 -19.96 27.76 -17.20
C TYR B 772 -19.13 28.80 -16.48
N GLY B 773 -18.02 29.27 -17.07
CA GLY B 773 -17.21 30.32 -16.46
C GLY B 773 -16.05 29.88 -15.59
N SER B 774 -16.26 28.90 -14.73
CA SER B 774 -15.20 28.40 -13.84
C SER B 774 -15.58 27.02 -13.33
N VAL B 775 -14.57 26.32 -12.80
CA VAL B 775 -14.78 24.95 -12.35
C VAL B 775 -15.76 24.90 -11.19
N SER B 776 -15.69 25.89 -10.30
CA SER B 776 -16.61 25.94 -9.17
C SER B 776 -18.06 26.00 -9.65
N LYS B 777 -18.34 26.88 -10.61
CA LYS B 777 -19.69 26.97 -11.16
C LYS B 777 -20.11 25.67 -11.84
N VAL B 778 -19.14 24.93 -12.41
CA VAL B 778 -19.45 23.63 -12.98
C VAL B 778 -19.90 22.65 -11.89
N GLN B 779 -19.15 22.63 -10.77
CA GLN B 779 -19.46 21.69 -9.71
C GLN B 779 -20.82 21.96 -9.08
N GLU B 780 -21.08 23.22 -8.74
CA GLU B 780 -22.36 23.61 -8.14
C GLU B 780 -23.30 24.20 -9.19
N GLY B 781 -23.60 23.41 -10.22
CA GLY B 781 -24.52 23.88 -11.23
C GLY B 781 -24.72 22.97 -12.43
N ALA B 782 -23.68 22.28 -12.87
CA ALA B 782 -23.79 21.45 -14.06
C ALA B 782 -24.45 20.12 -13.75
N THR B 783 -25.35 19.68 -14.64
CA THR B 783 -26.06 18.42 -14.59
C THR B 783 -25.41 17.42 -15.55
N PRO B 784 -25.54 16.12 -15.29
CA PRO B 784 -24.90 15.13 -16.18
C PRO B 784 -25.37 15.21 -17.62
N ASP B 785 -26.67 15.49 -17.84
CA ASP B 785 -27.16 15.62 -19.21
C ASP B 785 -26.58 16.87 -19.89
N GLU B 786 -26.42 17.95 -19.13
CA GLU B 786 -25.81 19.16 -19.67
C GLU B 786 -24.41 18.87 -20.19
N LEU B 787 -23.56 18.25 -19.35
CA LEU B 787 -22.21 17.91 -19.76
C LEU B 787 -22.21 16.87 -20.88
N ARG B 788 -23.22 16.00 -20.90
CA ARG B 788 -23.35 15.06 -22.02
C ARG B 788 -23.63 15.78 -23.32
N GLU B 789 -24.33 16.92 -23.27
CA GLU B 789 -24.54 17.71 -24.48
C GLU B 789 -23.25 18.32 -24.97
N LEU B 790 -22.31 18.61 -24.06
CA LEU B 790 -21.02 19.19 -24.44
C LEU B 790 -20.03 18.14 -24.94
N GLY B 791 -20.43 16.88 -25.04
CA GLY B 791 -19.59 15.83 -25.57
C GLY B 791 -18.76 15.09 -24.56
N LEU B 792 -19.01 15.25 -23.27
CA LEU B 792 -18.24 14.56 -22.24
C LEU B 792 -18.83 13.20 -21.95
N GLY B 793 -17.95 12.21 -21.78
CA GLY B 793 -18.40 10.89 -21.38
C GLY B 793 -18.84 10.86 -19.93
N ASP B 794 -19.62 9.82 -19.60
CA ASP B 794 -20.17 9.71 -18.26
C ASP B 794 -19.06 9.58 -17.20
N ALA B 795 -17.96 8.93 -17.54
CA ALA B 795 -16.84 8.79 -16.60
C ALA B 795 -16.25 10.16 -16.28
N LYS B 796 -16.01 10.98 -17.30
CA LYS B 796 -15.49 12.32 -17.07
C LYS B 796 -16.46 13.16 -16.27
N ILE B 797 -17.76 13.01 -16.53
CA ILE B 797 -18.77 13.77 -15.79
C ILE B 797 -18.74 13.40 -14.32
N ALA B 798 -18.74 12.08 -14.03
CA ALA B 798 -18.68 11.63 -12.65
C ALA B 798 -17.41 12.11 -11.96
N ARG B 799 -16.28 12.09 -12.67
CA ARG B 799 -15.02 12.52 -12.07
C ARG B 799 -15.04 14.01 -11.76
N ILE B 800 -15.57 14.83 -12.68
CA ILE B 800 -15.50 16.28 -12.50
C ILE B 800 -16.54 16.77 -11.50
N LEU B 801 -17.68 16.08 -11.39
CA LEU B 801 -18.72 16.52 -10.46
C LEU B 801 -18.50 16.03 -9.04
N GLY B 802 -17.44 15.26 -8.78
CA GLY B 802 -17.17 14.77 -7.45
C GLY B 802 -17.94 13.53 -7.07
N LEU B 803 -18.50 12.82 -8.04
CA LEU B 803 -19.31 11.65 -7.80
C LEU B 803 -18.52 10.35 -7.87
N ARG B 804 -17.20 10.41 -7.67
CA ARG B 804 -16.37 9.22 -7.79
C ARG B 804 -16.75 8.17 -6.74
N SER B 805 -16.91 8.60 -5.48
CA SER B 805 -17.20 7.66 -4.41
C SER B 805 -18.57 7.00 -4.61
N LEU B 806 -19.55 7.75 -5.11
CA LEU B 806 -20.88 7.17 -5.31
C LEU B 806 -20.90 6.20 -6.48
N VAL B 807 -20.17 6.52 -7.55
CA VAL B 807 -20.12 5.61 -8.69
C VAL B 807 -19.30 4.37 -8.34
N ASN B 808 -18.33 4.51 -7.43
CA ASN B 808 -17.59 3.34 -6.95
C ASN B 808 -18.50 2.34 -6.25
N ALA B 809 -19.66 2.78 -5.77
CA ALA B 809 -20.68 1.89 -5.22
C ALA B 809 -21.57 1.27 -6.29
N ARG B 810 -21.07 1.17 -7.53
CA ARG B 810 -21.79 0.57 -8.65
C ARG B 810 -23.09 1.30 -8.95
N LEU B 811 -23.10 2.62 -8.76
CA LEU B 811 -24.23 3.46 -9.13
C LEU B 811 -23.87 4.29 -10.35
N ASP B 812 -24.83 4.43 -11.27
CA ASP B 812 -24.59 5.22 -12.47
C ASP B 812 -24.54 6.70 -12.13
N VAL B 813 -24.10 7.49 -13.12
CA VAL B 813 -23.86 8.91 -12.88
C VAL B 813 -25.18 9.65 -12.62
N ASP B 814 -26.26 9.22 -13.26
CA ASP B 814 -27.54 9.91 -13.08
C ASP B 814 -28.07 9.73 -11.66
N THR B 815 -28.09 8.48 -11.17
CA THR B 815 -28.57 8.24 -9.82
C THR B 815 -27.64 8.85 -8.77
N ALA B 816 -26.34 8.88 -9.04
CA ALA B 816 -25.41 9.51 -8.10
C ALA B 816 -25.63 11.02 -8.05
N TYR B 817 -25.87 11.65 -9.21
CA TYR B 817 -26.18 13.07 -9.21
C TYR B 817 -27.51 13.35 -8.53
N GLU B 818 -28.47 12.43 -8.65
CA GLU B 818 -29.74 12.62 -7.95
C GLU B 818 -29.57 12.48 -6.44
N LEU B 819 -28.76 11.53 -6.00
CA LEU B 819 -28.46 11.41 -4.57
C LEU B 819 -27.63 12.58 -4.07
N ALA B 820 -26.91 13.28 -4.95
CA ALA B 820 -26.22 14.50 -4.55
C ALA B 820 -27.17 15.69 -4.55
N ARG B 821 -28.22 15.66 -5.37
CA ARG B 821 -29.16 16.76 -5.47
C ARG B 821 -30.20 16.70 -4.35
N ARG B 822 -30.91 15.57 -4.24
CA ARG B 822 -31.95 15.41 -3.22
C ARG B 822 -31.38 15.20 -1.81
N TYR B 823 -30.06 15.29 -1.66
CA TYR B 823 -29.43 15.22 -0.34
C TYR B 823 -28.44 16.37 -0.19
N GLY B 824 -27.23 16.06 0.30
CA GLY B 824 -26.18 17.04 0.41
C GLY B 824 -24.89 16.58 -0.22
N SER B 825 -23.89 16.30 0.60
CA SER B 825 -22.61 15.81 0.13
C SER B 825 -22.64 14.29 0.03
N VAL B 826 -21.48 13.68 -0.23
CA VAL B 826 -21.40 12.22 -0.27
C VAL B 826 -21.63 11.64 1.11
N SER B 827 -21.09 12.29 2.15
CA SER B 827 -21.31 11.83 3.51
C SER B 827 -22.78 11.89 3.90
N ALA B 828 -23.55 12.78 3.27
CA ALA B 828 -24.99 12.84 3.53
C ALA B 828 -25.70 11.59 3.02
N VAL B 829 -25.17 10.96 1.97
CA VAL B 829 -25.74 9.71 1.49
C VAL B 829 -25.13 8.51 2.22
N ARG B 830 -23.88 8.64 2.68
CA ARG B 830 -23.24 7.56 3.43
C ARG B 830 -24.03 7.23 4.68
N ALA B 831 -24.45 8.25 5.42
CA ALA B 831 -25.32 8.10 6.59
C ALA B 831 -26.68 8.68 6.22
N ALA B 832 -27.52 7.86 5.60
CA ALA B 832 -28.81 8.26 5.07
C ALA B 832 -29.88 7.34 5.62
N PRO B 833 -31.15 7.80 5.64
CA PRO B 833 -32.25 6.90 6.03
C PRO B 833 -32.32 5.69 5.13
N VAL B 834 -32.03 4.51 5.70
CA VAL B 834 -31.96 3.28 4.91
C VAL B 834 -33.29 2.98 4.23
N ALA B 835 -34.40 3.38 4.85
CA ALA B 835 -35.71 3.17 4.23
C ALA B 835 -36.00 4.19 3.14
N GLU B 836 -35.55 5.43 3.32
CA GLU B 836 -35.80 6.46 2.32
C GLU B 836 -35.05 6.18 1.02
N LEU B 837 -33.93 5.45 1.10
CA LEU B 837 -33.24 5.05 -0.12
C LEU B 837 -34.03 3.99 -0.88
N ARG B 838 -34.66 3.06 -0.15
CA ARG B 838 -35.58 2.11 -0.77
C ARG B 838 -36.81 2.81 -1.33
N GLU B 839 -37.21 3.92 -0.70
CA GLU B 839 -38.33 4.71 -1.22
C GLU B 839 -38.04 5.24 -2.62
N LEU B 840 -36.79 5.62 -2.87
CA LEU B 840 -36.38 6.19 -4.15
C LEU B 840 -36.14 5.13 -5.23
N GLY B 841 -36.45 3.87 -4.95
CA GLY B 841 -36.30 2.82 -5.94
C GLY B 841 -34.93 2.21 -6.02
N LEU B 842 -34.20 2.15 -4.90
CA LEU B 842 -32.89 1.52 -4.87
C LEU B 842 -33.01 0.15 -4.22
N SER B 843 -32.30 -0.82 -4.79
CA SER B 843 -32.33 -2.17 -4.24
C SER B 843 -31.60 -2.20 -2.90
N ASP B 844 -31.85 -3.28 -2.14
CA ASP B 844 -31.18 -3.45 -0.86
C ASP B 844 -29.68 -3.64 -1.06
N ARG B 845 -29.29 -4.33 -2.13
CA ARG B 845 -27.87 -4.49 -2.44
C ARG B 845 -27.23 -3.15 -2.77
N ALA B 846 -27.95 -2.29 -3.50
CA ALA B 846 -27.43 -0.96 -3.82
C ALA B 846 -27.24 -0.13 -2.55
N ILE B 847 -28.18 -0.22 -1.62
CA ILE B 847 -28.06 0.53 -0.36
C ILE B 847 -26.91 -0.02 0.47
N ALA B 848 -26.75 -1.34 0.48
CA ALA B 848 -25.63 -1.94 1.20
C ALA B 848 -24.29 -1.48 0.64
N ARG B 849 -24.19 -1.40 -0.70
CA ARG B 849 -22.97 -0.89 -1.31
C ARG B 849 -22.78 0.60 -1.02
N ILE B 850 -23.88 1.36 -0.93
CA ILE B 850 -23.80 2.76 -0.53
C ILE B 850 -23.19 2.88 0.86
N ALA B 851 -23.62 2.01 1.79
CA ALA B 851 -23.08 2.04 3.14
C ALA B 851 -21.59 1.71 3.17
N GLY B 852 -21.14 0.81 2.29
CA GLY B 852 -19.75 0.43 2.26
C GLY B 852 -18.84 1.47 1.62
#